data_5LUN
#
_entry.id   5LUN
#
_cell.length_a   49.839
_cell.length_b   79.056
_cell.length_c   97.859
_cell.angle_alpha   91.560
_cell.angle_beta   93.420
_cell.angle_gamma   100.800
#
_symmetry.space_group_name_H-M   'P 1'
#
loop_
_entity.id
_entity.type
_entity.pdbx_description
1 polymer '2-oxoglutarate-dependent ethylene/succinate-forming enzyme'
2 non-polymer 'FE (III) ION'
3 non-polymer N-OXALYLGLYCINE
4 non-polymer ARGININE
5 non-polymer GLYCEROL
6 water water
#
_entity_poly.entity_id   1
_entity_poly.type   'polypeptide(L)'
_entity_poly.pdbx_seq_one_letter_code
;GTNTNLQTFELPTEVTGCAADISLGRALIQAWQKDGIFQIKTDSEQDRKTQEAMAASKQFCKEPLTFKSSCVSDLTYSGY
VASGEEVTAGKPDFPEIFTVCKDLSVGDQRVKAGWPCHGPVPWPNNTYQKSMKTFMEELGLAGERLLKLTALGFELPINT
FTDLTRDGWHHMRVLRFPPQTSTLSRGIGAHTDYGLLVIAAQDDVGGLYIRPPVEGEKRNRNWLPGESSAGMFEHDEPWT
FVTPTPGVWTVFPGDILQFMTGGQLLSTPHKVKLNTRERFACAYFHEPNFEASAYPLFEPSANERIHYGEHFTNMFMRCY
PDRITTQRINKENRLAHLEDLKKYSDTRATGS
;
_entity_poly.pdbx_strand_id   A,B,C,D
#
# COMPACT_ATOMS: atom_id res chain seq x y z
N THR A 4 21.20 40.15 17.29
CA THR A 4 21.33 40.21 18.75
C THR A 4 21.27 38.82 19.37
N ASN A 5 22.21 38.54 20.27
CA ASN A 5 22.25 37.26 20.99
C ASN A 5 21.48 37.32 22.31
N LEU A 6 20.59 36.38 22.45
CA LEU A 6 19.52 36.49 23.41
C LEU A 6 19.94 36.07 24.79
N GLN A 7 19.22 36.58 25.77
CA GLN A 7 19.45 36.21 27.14
C GLN A 7 18.68 34.96 27.49
N THR A 8 19.24 34.13 28.36
CA THR A 8 18.62 32.89 28.79
C THR A 8 18.53 32.92 30.32
N PHE A 9 17.36 32.56 30.83
CA PHE A 9 17.09 32.49 32.26
C PHE A 9 16.63 31.12 32.65
N GLU A 10 16.87 30.79 33.91
CA GLU A 10 16.32 29.60 34.50
C GLU A 10 15.28 30.03 35.50
N LEU A 11 14.06 29.54 35.38
CA LEU A 11 13.01 29.95 36.28
C LEU A 11 12.98 29.00 37.48
N PRO A 12 12.69 29.53 38.67
CA PRO A 12 12.49 28.63 39.82
C PRO A 12 11.17 27.85 39.64
N THR A 13 11.06 26.66 40.21
CA THR A 13 9.84 25.88 40.03
C THR A 13 8.63 26.66 40.60
N GLU A 14 8.80 27.22 41.80
CA GLU A 14 7.78 28.07 42.41
C GLU A 14 8.32 29.48 42.53
N VAL A 15 7.41 30.40 42.30
CA VAL A 15 7.67 31.83 42.46
C VAL A 15 6.86 32.26 43.66
N THR A 16 7.54 32.69 44.72
CA THR A 16 6.89 33.03 45.99
C THR A 16 6.87 34.52 46.28
N GLY A 17 7.65 35.32 45.57
CA GLY A 17 7.81 36.72 45.93
C GLY A 17 8.99 37.01 46.82
N CYS A 18 9.88 36.05 47.02
CA CYS A 18 11.12 36.33 47.73
C CYS A 18 11.91 37.40 47.01
N ALA A 19 12.86 37.99 47.72
CA ALA A 19 13.62 39.09 47.13
C ALA A 19 14.33 38.69 45.85
N ALA A 20 14.84 37.47 45.79
CA ALA A 20 15.47 36.96 44.57
C ALA A 20 14.49 36.92 43.40
N ASP A 21 13.23 36.62 43.66
CA ASP A 21 12.23 36.59 42.59
C ASP A 21 12.02 38.00 42.05
N ILE A 22 12.05 39.01 42.90
CA ILE A 22 11.93 40.39 42.39
C ILE A 22 13.09 40.76 41.49
N SER A 23 14.30 40.43 41.89
CA SER A 23 15.44 40.70 41.05
C SER A 23 15.33 39.96 39.72
N LEU A 24 14.89 38.71 39.75
CA LEU A 24 14.73 37.96 38.51
C LEU A 24 13.68 38.61 37.62
N GLY A 25 12.53 38.94 38.19
CA GLY A 25 11.47 39.63 37.45
C GLY A 25 11.96 40.91 36.82
N ARG A 26 12.72 41.71 37.56
CA ARG A 26 13.30 42.91 36.99
C ARG A 26 14.12 42.59 35.73
N ALA A 27 14.95 41.56 35.83
CA ALA A 27 15.78 41.14 34.70
C ALA A 27 14.96 40.68 33.51
N LEU A 28 13.86 39.97 33.76
CA LEU A 28 13.03 39.49 32.65
C LEU A 28 12.41 40.68 31.91
N ILE A 29 11.83 41.61 32.66
CA ILE A 29 11.25 42.80 32.07
CA ILE A 29 11.23 42.80 32.07
C ILE A 29 12.27 43.56 31.25
N GLN A 30 13.44 43.76 31.82
CA GLN A 30 14.45 44.53 31.15
C GLN A 30 14.96 43.81 29.88
N ALA A 31 14.98 42.49 29.88
CA ALA A 31 15.33 41.76 28.67
C ALA A 31 14.29 41.95 27.59
N TRP A 32 13.02 41.90 27.96
CA TRP A 32 12.00 42.23 26.97
C TRP A 32 12.13 43.69 26.47
N GLN A 33 12.44 44.63 27.35
CA GLN A 33 12.51 46.03 26.94
C GLN A 33 13.70 46.29 26.04
N LYS A 34 14.76 45.47 26.18
CA LYS A 34 15.95 45.62 25.32
C LYS A 34 15.84 44.84 24.03
N ASP A 35 15.46 43.57 24.13
CA ASP A 35 15.57 42.65 23.03
C ASP A 35 14.23 42.21 22.43
N GLY A 36 13.14 42.38 23.15
CA GLY A 36 11.83 41.95 22.70
C GLY A 36 11.52 40.48 22.96
N ILE A 37 12.43 39.74 23.58
CA ILE A 37 12.35 38.30 23.70
C ILE A 37 13.43 37.85 24.66
N PHE A 38 13.22 36.72 25.32
CA PHE A 38 14.31 36.02 25.99
C PHE A 38 14.03 34.52 25.94
N GLN A 39 15.01 33.72 26.33
CA GLN A 39 14.91 32.28 26.39
C GLN A 39 14.81 31.83 27.83
N ILE A 40 14.08 30.73 28.06
CA ILE A 40 14.08 30.04 29.34
C ILE A 40 14.60 28.64 29.14
N LYS A 41 15.44 28.21 30.06
N LYS A 41 15.48 28.19 30.04
CA LYS A 41 15.97 26.87 30.03
CA LYS A 41 16.08 26.87 29.96
C LYS A 41 14.85 25.89 30.23
C LYS A 41 15.06 25.82 30.35
N THR A 42 14.98 24.76 29.55
CA THR A 42 14.10 23.63 29.83
C THR A 42 14.86 22.55 30.62
N ASP A 43 14.14 21.92 31.52
CA ASP A 43 14.67 20.74 32.20
C ASP A 43 14.34 19.48 31.44
N SER A 44 14.71 18.34 31.98
CA SER A 44 14.59 17.09 31.22
CA SER A 44 14.59 17.09 31.22
C SER A 44 13.14 16.78 30.86
N GLU A 45 12.22 16.97 31.79
CA GLU A 45 10.80 16.67 31.54
C GLU A 45 10.22 17.70 30.57
N GLN A 46 10.57 18.95 30.73
CA GLN A 46 10.06 19.97 29.80
C GLN A 46 10.55 19.65 28.40
N ASP A 47 11.81 19.28 28.26
CA ASP A 47 12.33 18.94 26.96
C ASP A 47 11.70 17.66 26.42
N ARG A 48 11.53 16.65 27.25
CA ARG A 48 10.93 15.42 26.79
C ARG A 48 9.54 15.68 26.22
N LYS A 49 8.75 16.47 26.92
CA LYS A 49 7.38 16.73 26.49
C LYS A 49 7.37 17.54 25.21
N THR A 50 8.31 18.45 25.05
CA THR A 50 8.47 19.21 23.83
C THR A 50 8.79 18.27 22.68
N GLN A 51 9.76 17.39 22.85
CA GLN A 51 10.10 16.50 21.74
CA GLN A 51 10.13 16.43 21.79
C GLN A 51 8.97 15.54 21.39
N GLU A 52 8.20 15.10 22.35
CA GLU A 52 7.10 14.21 22.06
C GLU A 52 6.02 14.91 21.26
N ALA A 53 5.79 16.18 21.55
CA ALA A 53 4.84 16.99 20.78
C ALA A 53 5.32 17.21 19.38
N MET A 54 6.59 17.50 19.21
CA MET A 54 7.16 17.71 17.88
C MET A 54 7.04 16.44 17.05
N ALA A 55 7.33 15.28 17.64
CA ALA A 55 7.23 14.02 16.96
C ALA A 55 5.77 13.75 16.58
N ALA A 56 4.82 14.02 17.48
CA ALA A 56 3.40 13.83 17.16
C ALA A 56 2.96 14.70 16.01
N SER A 57 3.46 15.93 15.97
CA SER A 57 3.17 16.83 14.88
C SER A 57 3.69 16.28 13.56
N LYS A 58 4.93 15.81 13.54
CA LYS A 58 5.50 15.27 12.30
C LYS A 58 4.68 14.05 11.83
N GLN A 59 4.29 13.18 12.76
CA GLN A 59 3.52 11.98 12.40
C GLN A 59 2.16 12.38 11.84
N PHE A 60 1.48 13.32 12.47
CA PHE A 60 0.18 13.78 11.98
C PHE A 60 0.29 14.39 10.58
N CYS A 61 1.30 15.22 10.36
CA CYS A 61 1.43 15.87 9.06
C CYS A 61 1.63 14.88 7.92
N LYS A 62 2.12 13.67 8.21
CA LYS A 62 2.25 12.62 7.21
C LYS A 62 0.93 12.02 6.77
N GLU A 63 -0.15 12.25 7.50
CA GLU A 63 -1.46 11.75 7.11
C GLU A 63 -1.92 12.40 5.80
N PRO A 64 -2.80 11.70 5.07
CA PRO A 64 -3.35 12.31 3.87
C PRO A 64 -4.14 13.59 4.19
N LEU A 65 -4.13 14.48 3.23
CA LEU A 65 -4.83 15.74 3.39
C LEU A 65 -6.32 15.55 3.67
N THR A 66 -6.97 14.60 3.03
CA THR A 66 -8.39 14.38 3.29
CA THR A 66 -8.39 14.38 3.29
C THR A 66 -8.63 14.12 4.79
N PHE A 67 -7.76 13.33 5.42
CA PHE A 67 -7.90 13.10 6.85
C PHE A 67 -7.60 14.36 7.66
N LYS A 68 -6.50 15.02 7.36
CA LYS A 68 -6.15 16.22 8.12
C LYS A 68 -7.28 17.24 8.04
N SER A 69 -7.81 17.47 6.85
CA SER A 69 -8.87 18.45 6.66
C SER A 69 -10.16 18.08 7.33
N SER A 70 -10.33 16.82 7.72
CA SER A 70 -11.54 16.44 8.45
C SER A 70 -11.47 16.87 9.92
N CYS A 71 -10.28 17.25 10.41
CA CYS A 71 -10.12 17.61 11.82
C CYS A 71 -10.48 19.07 12.00
N VAL A 72 -11.75 19.41 11.85
CA VAL A 72 -12.25 20.77 11.89
CA VAL A 72 -12.24 20.77 11.89
C VAL A 72 -13.57 20.77 12.65
N SER A 73 -13.96 21.94 13.11
CA SER A 73 -15.16 22.13 13.90
C SER A 73 -15.83 23.45 13.54
N ASP A 74 -17.15 23.51 13.53
CA ASP A 74 -17.85 24.77 13.33
C ASP A 74 -18.16 25.48 14.65
N LEU A 75 -17.67 24.93 15.78
CA LEU A 75 -17.86 25.56 17.09
C LEU A 75 -16.60 26.25 17.62
N THR A 76 -15.45 25.64 17.37
CA THR A 76 -14.18 26.11 17.89
C THR A 76 -13.23 26.23 16.73
N TYR A 77 -12.24 27.10 16.84
CA TYR A 77 -11.16 27.21 15.88
C TYR A 77 -10.13 26.11 16.01
N SER A 78 -10.21 25.25 17.02
CA SER A 78 -9.30 24.12 17.11
C SER A 78 -9.36 23.26 15.90
N GLY A 79 -8.25 22.66 15.58
CA GLY A 79 -8.17 21.78 14.43
C GLY A 79 -7.19 22.23 13.37
N TYR A 80 -7.40 21.67 12.19
CA TYR A 80 -6.41 21.76 11.13
C TYR A 80 -6.59 23.02 10.27
N VAL A 81 -5.45 23.57 9.89
CA VAL A 81 -5.33 24.68 8.95
C VAL A 81 -4.34 24.23 7.89
N ALA A 82 -4.78 24.21 6.63
CA ALA A 82 -3.88 23.81 5.54
C ALA A 82 -2.86 24.91 5.25
N SER A 83 -1.73 24.49 4.72
CA SER A 83 -0.76 25.45 4.20
C SER A 83 -1.45 26.33 3.16
N GLY A 84 -1.32 27.64 3.29
CA GLY A 84 -1.95 28.59 2.41
C GLY A 84 -3.33 29.06 2.80
N GLU A 85 -3.90 28.49 3.87
CA GLU A 85 -5.27 28.80 4.27
CA GLU A 85 -5.28 28.80 4.26
C GLU A 85 -5.37 30.07 5.11
N GLU A 86 -4.52 30.20 6.11
CA GLU A 86 -4.59 31.39 6.94
C GLU A 86 -4.17 32.63 6.18
N VAL A 87 -4.80 33.75 6.51
CA VAL A 87 -4.50 35.07 5.98
CA VAL A 87 -4.31 35.01 5.97
C VAL A 87 -3.85 35.94 7.05
N THR A 88 -2.77 36.63 6.70
CA THR A 88 -2.17 37.68 7.52
C THR A 88 -2.01 38.88 6.58
N ALA A 89 -2.65 39.99 6.93
CA ALA A 89 -2.53 41.22 6.11
C ALA A 89 -2.83 40.95 4.65
N GLY A 90 -3.89 40.16 4.42
CA GLY A 90 -4.36 39.88 3.07
C GLY A 90 -3.52 38.94 2.23
N LYS A 91 -2.54 38.27 2.81
CA LYS A 91 -1.68 37.37 2.09
C LYS A 91 -1.70 36.03 2.78
N PRO A 92 -1.58 34.95 2.02
CA PRO A 92 -1.65 33.62 2.62
C PRO A 92 -0.37 33.28 3.38
N ASP A 93 -0.54 32.67 4.56
CA ASP A 93 0.55 32.10 5.32
C ASP A 93 0.76 30.64 4.95
N PHE A 94 1.97 30.16 4.93
CA PHE A 94 2.26 28.83 4.45
C PHE A 94 2.44 27.66 5.41
N PRO A 95 2.41 27.82 6.75
CA PRO A 95 2.45 26.57 7.51
C PRO A 95 1.16 25.79 7.39
N GLU A 96 1.25 24.48 7.60
CA GLU A 96 0.08 23.73 8.03
C GLU A 96 0.06 23.75 9.55
N ILE A 97 -1.11 23.76 10.14
CA ILE A 97 -1.23 23.98 11.56
C ILE A 97 -2.28 23.07 12.16
N PHE A 98 -2.06 22.64 13.39
CA PHE A 98 -3.13 22.14 14.19
C PHE A 98 -3.25 23.05 15.40
N THR A 99 -4.39 23.64 15.60
CA THR A 99 -4.62 24.57 16.71
C THR A 99 -5.35 23.85 17.81
N VAL A 100 -4.87 23.98 19.03
CA VAL A 100 -5.48 23.40 20.21
C VAL A 100 -5.96 24.52 21.10
N CYS A 101 -7.24 24.75 21.18
CA CYS A 101 -7.76 25.65 22.20
CA CYS A 101 -7.89 25.67 22.12
C CYS A 101 -8.46 24.84 23.28
N LYS A 102 -9.05 25.52 24.25
CA LYS A 102 -9.68 24.87 25.39
C LYS A 102 -10.64 23.80 24.88
N ASP A 103 -10.52 22.60 25.44
CA ASP A 103 -11.23 21.42 24.92
C ASP A 103 -12.52 21.23 25.69
N LEU A 104 -13.61 21.81 25.21
CA LEU A 104 -14.88 21.83 25.93
C LEU A 104 -15.90 20.95 25.24
N SER A 105 -16.52 20.06 25.99
CA SER A 105 -17.51 19.17 25.41
C SER A 105 -18.80 19.89 25.10
N VAL A 106 -19.63 19.26 24.29
CA VAL A 106 -20.90 19.86 23.96
C VAL A 106 -21.85 19.94 25.16
N GLY A 107 -21.48 19.27 26.24
CA GLY A 107 -22.19 19.41 27.49
C GLY A 107 -21.78 20.59 28.36
N ASP A 108 -20.71 21.28 27.99
CA ASP A 108 -20.31 22.44 28.75
C ASP A 108 -21.31 23.56 28.60
N GLN A 109 -21.61 24.26 29.68
CA GLN A 109 -22.63 25.29 29.62
C GLN A 109 -22.34 26.42 28.64
N ARG A 110 -21.06 26.75 28.45
CA ARG A 110 -20.72 27.84 27.54
C ARG A 110 -20.98 27.39 26.09
N VAL A 111 -20.72 26.13 25.82
CA VAL A 111 -21.01 25.54 24.51
C VAL A 111 -22.52 25.50 24.28
N LYS A 112 -23.28 25.04 25.27
CA LYS A 112 -24.72 25.01 25.16
C LYS A 112 -25.32 26.40 24.95
N ALA A 113 -24.71 27.42 25.56
CA ALA A 113 -25.16 28.77 25.39
C ALA A 113 -24.76 29.34 24.03
N GLY A 114 -23.87 28.66 23.32
CA GLY A 114 -23.43 29.13 22.02
C GLY A 114 -22.38 30.21 22.00
N TRP A 115 -21.55 30.29 23.04
CA TRP A 115 -20.48 31.28 23.07
C TRP A 115 -19.53 31.08 21.91
N PRO A 116 -19.15 32.17 21.24
CA PRO A 116 -18.23 32.00 20.12
C PRO A 116 -16.94 31.33 20.54
N CYS A 117 -16.46 30.45 19.68
CA CYS A 117 -15.13 29.82 19.78
C CYS A 117 -15.07 28.67 20.79
N HIS A 118 -16.19 28.36 21.46
CA HIS A 118 -16.22 27.32 22.49
C HIS A 118 -16.72 25.99 21.95
N GLY A 119 -15.92 24.95 22.09
CA GLY A 119 -16.33 23.61 21.66
C GLY A 119 -15.18 22.62 21.73
N PRO A 120 -15.44 21.38 21.32
CA PRO A 120 -14.46 20.32 21.50
C PRO A 120 -13.40 20.30 20.40
N VAL A 121 -12.17 20.03 20.79
CA VAL A 121 -11.08 19.90 19.82
C VAL A 121 -11.36 18.69 18.95
N PRO A 122 -11.23 18.81 17.62
CA PRO A 122 -11.38 17.67 16.72
C PRO A 122 -10.06 16.92 16.61
N TRP A 123 -9.69 16.19 17.67
CA TRP A 123 -8.41 15.54 17.74
C TRP A 123 -8.23 14.52 16.64
N PRO A 124 -7.01 14.34 16.15
CA PRO A 124 -6.80 13.27 15.17
C PRO A 124 -6.95 11.90 15.77
N ASN A 125 -6.51 11.74 17.02
CA ASN A 125 -6.60 10.48 17.75
C ASN A 125 -6.21 10.78 19.20
N ASN A 126 -6.39 9.79 20.06
CA ASN A 126 -6.20 9.99 21.49
C ASN A 126 -4.73 10.05 21.85
N THR A 127 -3.85 9.46 21.04
CA THR A 127 -2.43 9.42 21.34
C THR A 127 -1.84 10.81 21.08
N TYR A 128 -2.19 11.42 19.95
CA TYR A 128 -1.84 12.81 19.67
C TYR A 128 -2.39 13.73 20.78
N GLN A 129 -3.65 13.53 21.14
CA GLN A 129 -4.29 14.33 22.18
C GLN A 129 -3.46 14.31 23.44
N LYS A 130 -3.07 13.13 23.91
CA LYS A 130 -2.36 13.03 25.16
C LYS A 130 -1.02 13.75 25.07
N SER A 131 -0.29 13.59 23.98
CA SER A 131 1.00 14.26 23.82
C SER A 131 0.81 15.78 23.90
N MET A 132 -0.22 16.31 23.26
CA MET A 132 -0.38 17.75 23.25
C MET A 132 -0.92 18.29 24.58
N LYS A 133 -1.86 17.60 25.20
CA LYS A 133 -2.36 18.02 26.50
C LYS A 133 -1.25 18.02 27.55
N THR A 134 -0.41 17.00 27.58
CA THR A 134 0.68 16.93 28.53
C THR A 134 1.63 18.09 28.29
N PHE A 135 1.95 18.37 27.04
CA PHE A 135 2.84 19.50 26.74
C PHE A 135 2.24 20.83 27.19
N MET A 136 0.98 21.05 26.88
CA MET A 136 0.31 22.31 27.22
C MET A 136 0.18 22.47 28.72
N GLU A 137 -0.02 21.40 29.47
CA GLU A 137 -0.05 21.53 30.93
C GLU A 137 1.29 22.00 31.44
N GLU A 138 2.38 21.48 30.91
CA GLU A 138 3.72 21.87 31.32
C GLU A 138 3.96 23.33 30.92
N LEU A 139 3.58 23.70 29.71
CA LEU A 139 3.75 25.06 29.24
C LEU A 139 3.00 26.03 30.16
N GLY A 140 1.82 25.63 30.60
CA GLY A 140 1.03 26.47 31.47
C GLY A 140 1.68 26.72 32.81
N LEU A 141 2.36 25.72 33.35
CA LEU A 141 3.09 25.96 34.59
C LEU A 141 4.15 27.04 34.39
N ALA A 142 4.85 27.02 33.25
CA ALA A 142 5.83 28.04 32.95
C ALA A 142 5.17 29.40 32.77
N GLY A 143 4.03 29.45 32.08
CA GLY A 143 3.32 30.70 31.90
C GLY A 143 2.99 31.34 33.25
N GLU A 144 2.49 30.54 34.18
CA GLU A 144 2.12 31.08 35.49
C GLU A 144 3.35 31.58 36.23
N ARG A 145 4.47 30.88 36.17
CA ARG A 145 5.70 31.40 36.82
C ARG A 145 6.09 32.73 36.21
N LEU A 146 6.04 32.83 34.89
CA LEU A 146 6.43 34.01 34.18
C LEU A 146 5.52 35.18 34.53
N LEU A 147 4.22 34.96 34.70
CA LEU A 147 3.31 36.02 35.04
C LEU A 147 3.52 36.49 36.47
N LYS A 148 3.85 35.59 37.39
CA LYS A 148 4.17 36.03 38.75
C LYS A 148 5.44 36.87 38.72
N LEU A 149 6.46 36.43 38.03
CA LEU A 149 7.70 37.17 37.94
C LEU A 149 7.50 38.51 37.27
N THR A 150 6.66 38.59 36.25
CA THR A 150 6.45 39.85 35.57
C THR A 150 5.78 40.84 36.53
N ALA A 151 4.80 40.40 37.27
CA ALA A 151 4.17 41.27 38.27
C ALA A 151 5.20 41.76 39.29
N LEU A 152 6.03 40.85 39.78
CA LEU A 152 7.03 41.22 40.79
C LEU A 152 8.04 42.20 40.22
N GLY A 153 8.44 42.02 38.97
CA GLY A 153 9.41 42.92 38.34
C GLY A 153 8.88 44.34 38.19
N PHE A 154 7.57 44.51 38.06
CA PHE A 154 6.90 45.80 38.05
C PHE A 154 6.49 46.26 39.45
N GLU A 155 6.89 45.50 40.47
CA GLU A 155 6.59 45.79 41.87
C GLU A 155 5.08 45.87 42.09
N LEU A 156 4.38 44.98 41.38
CA LEU A 156 2.93 44.82 41.57
C LEU A 156 2.63 43.59 42.43
N PRO A 157 1.41 43.55 42.98
CA PRO A 157 1.01 42.34 43.70
C PRO A 157 1.24 41.09 42.85
N ILE A 158 1.83 40.06 43.44
CA ILE A 158 2.27 38.88 42.76
C ILE A 158 1.20 38.23 41.91
N ASN A 159 -0.07 38.35 42.30
CA ASN A 159 -1.17 37.70 41.56
C ASN A 159 -1.82 38.62 40.52
N THR A 160 -1.20 39.76 40.21
CA THR A 160 -1.86 40.71 39.33
C THR A 160 -2.28 40.09 37.99
N PHE A 161 -1.37 39.35 37.34
CA PHE A 161 -1.70 38.79 36.06
C PHE A 161 -2.34 37.41 36.19
N THR A 162 -1.88 36.60 37.15
CA THR A 162 -2.48 35.28 37.31
C THR A 162 -3.94 35.35 37.74
N ASP A 163 -4.39 36.45 38.35
CA ASP A 163 -5.81 36.63 38.63
C ASP A 163 -6.64 36.71 37.36
N LEU A 164 -6.02 36.99 36.23
CA LEU A 164 -6.72 37.07 34.94
C LEU A 164 -6.72 35.74 34.20
N THR A 165 -5.85 34.80 34.61
CA THR A 165 -5.62 33.58 33.84
C THR A 165 -6.25 32.35 34.49
N ARG A 166 -7.13 32.53 35.47
CA ARG A 166 -7.84 31.40 36.01
C ARG A 166 -8.76 30.89 34.90
N ASP A 167 -8.71 29.59 34.65
CA ASP A 167 -9.38 29.02 33.46
C ASP A 167 -9.07 29.82 32.21
N GLY A 168 -7.81 30.22 32.08
CA GLY A 168 -7.37 31.04 30.98
C GLY A 168 -7.57 30.36 29.63
N TRP A 169 -7.70 31.18 28.58
CA TRP A 169 -7.99 30.69 27.24
C TRP A 169 -6.70 30.28 26.55
N HIS A 170 -5.90 29.46 27.21
CA HIS A 170 -4.63 29.06 26.68
C HIS A 170 -4.82 28.24 25.43
N HIS A 171 -3.92 28.41 24.48
CA HIS A 171 -4.05 27.66 23.24
C HIS A 171 -2.70 27.48 22.60
N MET A 172 -2.60 26.64 21.57
CA MET A 172 -1.31 26.34 20.99
C MET A 172 -1.51 26.14 19.50
N ARG A 173 -0.55 26.61 18.72
CA ARG A 173 -0.46 26.38 17.30
C ARG A 173 0.70 25.45 17.04
N VAL A 174 0.39 24.25 16.51
CA VAL A 174 1.39 23.23 16.25
C VAL A 174 1.66 23.32 14.77
N LEU A 175 2.83 23.80 14.39
CA LEU A 175 3.14 24.26 13.03
C LEU A 175 4.16 23.41 12.31
N ARG A 176 3.93 23.25 11.01
CA ARG A 176 4.95 22.76 10.07
C ARG A 176 5.02 23.70 8.91
N PHE A 177 6.21 24.27 8.69
CA PHE A 177 6.48 25.15 7.57
C PHE A 177 7.15 24.34 6.47
N PRO A 178 6.64 24.43 5.22
CA PRO A 178 7.29 23.76 4.10
C PRO A 178 8.62 24.44 3.77
N PRO A 179 9.42 23.76 2.93
CA PRO A 179 10.58 24.47 2.35
C PRO A 179 10.20 25.62 1.46
N GLN A 180 11.09 26.57 1.36
CA GLN A 180 10.94 27.73 0.45
C GLN A 180 11.04 27.29 -1.00
N THR A 181 10.65 28.18 -1.90
CA THR A 181 11.00 28.10 -3.32
C THR A 181 11.82 29.34 -3.66
N SER A 182 12.24 29.45 -4.93
CA SER A 182 13.11 30.55 -5.27
C SER A 182 12.36 31.88 -5.22
N THR A 183 11.03 31.84 -5.23
CA THR A 183 10.22 33.05 -5.30
C THR A 183 9.20 33.16 -4.18
N LEU A 184 9.13 32.18 -3.30
CA LEU A 184 8.29 32.32 -2.10
C LEU A 184 9.07 31.92 -0.89
N SER A 185 9.24 32.85 0.06
CA SER A 185 9.83 32.49 1.35
C SER A 185 9.01 32.98 2.53
N ARG A 186 7.84 33.52 2.32
CA ARG A 186 7.02 33.96 3.43
CA ARG A 186 7.00 33.98 3.41
C ARG A 186 6.33 32.80 4.10
N GLY A 187 6.69 32.55 5.34
CA GLY A 187 6.03 31.55 6.16
C GLY A 187 4.81 32.11 6.84
N ILE A 188 5.03 33.07 7.74
CA ILE A 188 3.95 33.88 8.31
C ILE A 188 4.37 35.32 8.16
N GLY A 189 3.47 36.16 7.74
CA GLY A 189 3.72 37.60 7.71
C GLY A 189 3.95 38.17 9.10
N ALA A 190 4.50 39.36 9.11
CA ALA A 190 4.71 40.06 10.36
C ALA A 190 3.40 40.23 11.11
N HIS A 191 3.43 40.00 12.41
CA HIS A 191 2.24 40.11 13.22
C HIS A 191 2.64 40.18 14.70
N THR A 192 1.67 40.50 15.54
CA THR A 192 1.80 40.33 16.96
C THR A 192 0.75 39.35 17.44
N ASP A 193 1.02 38.63 18.52
CA ASP A 193 0.00 37.75 19.04
CA ASP A 193 0.12 37.69 19.14
C ASP A 193 -0.75 38.43 20.16
N TYR A 194 -1.77 37.78 20.66
CA TYR A 194 -2.95 38.47 21.16
C TYR A 194 -3.13 38.54 22.66
N GLY A 195 -2.44 37.68 23.39
CA GLY A 195 -2.71 37.50 24.78
C GLY A 195 -1.66 38.06 25.71
N LEU A 196 -1.35 37.34 26.77
CA LEU A 196 -0.33 37.82 27.71
C LEU A 196 1.07 37.44 27.28
N LEU A 197 1.34 36.14 27.11
CA LEU A 197 2.66 35.63 26.81
C LEU A 197 2.62 34.67 25.66
N VAL A 198 3.72 34.57 24.97
CA VAL A 198 3.93 33.55 23.96
C VAL A 198 5.14 32.77 24.33
N ILE A 199 4.99 31.46 24.51
CA ILE A 199 6.09 30.54 24.81
C ILE A 199 6.25 29.66 23.62
N ALA A 200 7.43 29.57 23.01
CA ALA A 200 7.54 28.83 21.78
C ALA A 200 8.74 27.93 21.79
N ALA A 201 8.56 26.83 21.08
CA ALA A 201 9.59 25.84 20.87
C ALA A 201 9.84 25.67 19.37
N GLN A 202 11.03 25.34 18.96
CA GLN A 202 11.31 25.12 17.54
C GLN A 202 12.37 24.06 17.40
N ASP A 203 12.36 23.44 16.23
CA ASP A 203 13.41 22.49 15.90
C ASP A 203 14.68 23.21 15.49
N ASP A 204 15.65 22.49 14.94
CA ASP A 204 16.98 23.07 14.67
C ASP A 204 17.09 23.78 13.31
N VAL A 205 16.00 23.92 12.55
CA VAL A 205 16.10 24.41 11.18
C VAL A 205 16.26 25.94 11.13
N GLY A 206 15.38 26.63 11.81
CA GLY A 206 15.48 28.08 11.84
C GLY A 206 14.52 28.78 10.89
N GLY A 207 13.95 29.88 11.35
CA GLY A 207 13.10 30.74 10.52
C GLY A 207 12.28 31.79 11.22
N LEU A 208 12.34 31.86 12.57
CA LEU A 208 11.61 32.90 13.33
C LEU A 208 12.44 34.17 13.45
N TYR A 209 11.84 35.31 13.13
CA TYR A 209 12.45 36.61 13.29
C TYR A 209 11.52 37.44 14.16
N ILE A 210 12.10 38.24 15.06
CA ILE A 210 11.33 39.14 15.92
C ILE A 210 11.86 40.58 15.79
N ARG A 211 10.98 41.52 16.06
CA ARG A 211 11.37 42.94 16.06
C ARG A 211 11.52 43.46 17.49
N PRO A 212 12.74 43.90 17.84
CA PRO A 212 12.93 44.43 19.19
C PRO A 212 12.23 45.78 19.31
N PRO A 213 12.12 46.30 20.55
CA PRO A 213 11.67 47.69 20.65
C PRO A 213 12.63 48.62 19.90
N VAL A 214 12.04 49.60 19.21
CA VAL A 214 12.80 50.58 18.44
C VAL A 214 12.48 51.96 18.97
N GLU A 215 13.52 52.64 19.47
CA GLU A 215 13.39 54.03 19.95
C GLU A 215 12.68 54.93 18.95
N GLY A 216 11.57 55.53 19.37
CA GLY A 216 10.85 56.46 18.52
C GLY A 216 9.85 55.87 17.55
N GLU A 217 9.80 54.54 17.47
CA GLU A 217 8.93 53.89 16.52
C GLU A 217 7.53 53.69 17.10
N LYS A 218 6.53 54.27 16.44
CA LYS A 218 5.14 54.09 16.84
C LYS A 218 4.71 52.63 16.63
N ARG A 219 3.99 52.04 17.60
CA ARG A 219 3.51 50.67 17.45
C ARG A 219 1.99 50.68 17.45
N ASN A 220 1.42 50.01 16.45
CA ASN A 220 -0.03 49.89 16.35
C ASN A 220 -0.53 49.08 17.52
N ARG A 221 -1.74 49.38 17.93
CA ARG A 221 -2.40 48.68 19.02
C ARG A 221 -3.36 47.71 18.38
N ASN A 222 -2.94 46.45 18.29
CA ASN A 222 -3.62 45.49 17.45
C ASN A 222 -4.99 45.12 18.00
N TRP A 223 -5.31 45.53 19.23
CA TRP A 223 -6.65 45.30 19.78
C TRP A 223 -7.67 46.30 19.27
N LEU A 224 -7.21 47.29 18.51
CA LEU A 224 -8.09 48.25 17.86
C LEU A 224 -8.24 47.92 16.37
N PRO A 225 -9.49 47.90 15.87
CA PRO A 225 -9.70 47.50 14.48
C PRO A 225 -8.96 48.36 13.46
N GLY A 226 -8.78 49.65 13.76
CA GLY A 226 -8.06 50.52 12.84
C GLY A 226 -6.54 50.47 12.92
N GLU A 227 -6.01 49.65 13.84
CA GLU A 227 -4.56 49.60 14.07
C GLU A 227 -4.05 48.17 14.09
N SER A 228 -4.41 47.38 13.08
CA SER A 228 -3.88 46.03 13.02
C SER A 228 -2.37 46.04 12.91
N SER A 229 -1.71 45.15 13.64
CA SER A 229 -0.28 45.00 13.52
C SER A 229 0.12 44.04 12.40
N ALA A 230 -0.85 43.42 11.73
CA ALA A 230 -0.53 42.46 10.67
C ALA A 230 0.15 43.16 9.51
N GLY A 231 1.27 42.60 9.10
CA GLY A 231 2.05 43.11 8.00
C GLY A 231 2.93 44.31 8.31
N MET A 232 2.81 44.89 9.50
CA MET A 232 3.53 46.13 9.78
C MET A 232 5.02 45.81 9.96
N PHE A 233 5.84 46.64 9.29
CA PHE A 233 7.29 46.53 9.30
C PHE A 233 7.87 45.36 8.54
N GLU A 234 7.05 44.64 7.78
CA GLU A 234 7.53 43.41 7.20
CA GLU A 234 7.49 43.43 7.09
C GLU A 234 8.84 43.58 6.43
N HIS A 235 8.99 44.68 5.68
CA HIS A 235 10.17 44.87 4.83
C HIS A 235 11.20 45.82 5.42
N ASP A 236 11.00 46.26 6.66
CA ASP A 236 11.81 47.31 7.26
C ASP A 236 12.68 46.77 8.35
N GLU A 237 13.95 47.17 8.39
CA GLU A 237 14.81 46.84 9.52
C GLU A 237 14.28 47.47 10.79
N PRO A 238 14.60 46.92 11.96
CA PRO A 238 15.40 45.72 12.24
C PRO A 238 14.57 44.49 12.53
N TRP A 239 15.12 43.34 12.14
CA TRP A 239 14.54 42.04 12.49
C TRP A 239 15.68 41.19 13.05
N THR A 240 15.45 40.63 14.23
CA THR A 240 16.37 39.73 14.92
C THR A 240 16.05 38.26 14.56
N PHE A 241 17.03 37.51 14.08
CA PHE A 241 16.86 36.10 13.85
C PHE A 241 16.94 35.36 15.17
N VAL A 242 15.94 34.56 15.48
CA VAL A 242 15.92 33.79 16.71
C VAL A 242 16.62 32.47 16.43
N THR A 243 17.92 32.39 16.59
CA THR A 243 18.67 31.20 16.23
C THR A 243 18.20 30.02 17.04
N PRO A 244 17.95 28.89 16.40
CA PRO A 244 17.60 27.71 17.17
C PRO A 244 18.70 27.37 18.14
N THR A 245 18.30 27.08 19.38
CA THR A 245 19.19 26.82 20.47
C THR A 245 18.66 25.62 21.24
N PRO A 246 19.48 24.61 21.48
CA PRO A 246 18.98 23.45 22.22
C PRO A 246 18.58 23.78 23.66
N GLY A 247 17.50 23.14 24.11
CA GLY A 247 17.18 23.16 25.53
C GLY A 247 16.61 24.46 26.07
N VAL A 248 15.91 25.20 25.23
CA VAL A 248 15.20 26.42 25.61
C VAL A 248 13.84 26.51 24.98
N TRP A 249 12.97 27.32 25.59
CA TRP A 249 11.81 27.88 24.97
C TRP A 249 12.04 29.37 24.85
N THR A 250 11.41 30.02 23.89
CA THR A 250 11.45 31.48 23.80
C THR A 250 10.19 32.07 24.44
N VAL A 251 10.24 33.32 24.90
CA VAL A 251 9.14 33.95 25.53
C VAL A 251 9.10 35.40 25.10
N PHE A 252 7.93 35.89 24.68
CA PHE A 252 7.75 37.32 24.39
C PHE A 252 6.33 37.74 24.71
N PRO A 253 6.10 39.05 24.90
CA PRO A 253 4.78 39.53 25.26
C PRO A 253 3.81 39.56 24.08
N GLY A 254 2.53 39.42 24.43
CA GLY A 254 1.42 39.62 23.52
C GLY A 254 0.69 40.92 23.75
N ASP A 255 -0.37 41.10 22.97
CA ASP A 255 -1.07 42.38 22.96
C ASP A 255 -1.60 42.82 24.33
N ILE A 256 -2.08 41.88 25.13
CA ILE A 256 -2.65 42.26 26.41
C ILE A 256 -1.60 42.82 27.34
N LEU A 257 -0.40 42.27 27.32
N LEU A 257 -0.41 42.27 27.28
CA LEU A 257 0.65 42.82 28.18
CA LEU A 257 0.66 42.74 28.13
C LEU A 257 1.03 44.21 27.71
C LEU A 257 1.11 44.13 27.71
N GLN A 258 1.09 44.44 26.42
CA GLN A 258 1.36 45.78 25.94
C GLN A 258 0.30 46.75 26.48
N PHE A 259 -0.98 46.42 26.34
CA PHE A 259 -2.04 47.29 26.77
C PHE A 259 -1.97 47.53 28.28
N MET A 260 -1.86 46.46 29.06
CA MET A 260 -1.89 46.58 30.51
C MET A 260 -0.73 47.40 31.05
N THR A 261 0.43 47.25 30.44
CA THR A 261 1.60 48.01 30.87
C THR A 261 1.76 49.37 30.20
N GLY A 262 0.80 49.76 29.38
CA GLY A 262 0.87 51.06 28.76
C GLY A 262 2.05 51.20 27.83
N GLY A 263 2.46 50.10 27.21
CA GLY A 263 3.60 50.15 26.33
C GLY A 263 4.95 50.02 27.00
N GLN A 264 5.01 49.88 28.32
CA GLN A 264 6.29 49.61 28.96
C GLN A 264 6.84 48.27 28.50
N LEU A 265 5.94 47.33 28.22
CA LEU A 265 6.24 46.14 27.40
C LEU A 265 5.53 46.35 26.09
N LEU A 266 6.13 45.85 25.01
CA LEU A 266 5.50 45.84 23.69
C LEU A 266 5.20 44.41 23.28
N SER A 267 4.08 44.26 22.58
CA SER A 267 3.72 43.01 21.95
C SER A 267 4.70 42.80 20.82
N THR A 268 5.55 41.77 20.89
CA THR A 268 6.69 41.68 19.98
C THR A 268 6.25 41.30 18.56
N PRO A 269 6.50 42.16 17.58
CA PRO A 269 6.20 41.75 16.19
C PRO A 269 7.16 40.62 15.79
N HIS A 270 6.65 39.69 15.01
CA HIS A 270 7.44 38.56 14.59
C HIS A 270 6.89 37.98 13.30
N LYS A 271 7.74 37.22 12.62
CA LYS A 271 7.38 36.66 11.32
C LYS A 271 8.21 35.39 11.15
N VAL A 272 7.85 34.59 10.16
CA VAL A 272 8.59 33.35 9.86
C VAL A 272 8.96 33.33 8.39
N LYS A 273 10.19 33.00 8.11
CA LYS A 273 10.69 32.79 6.75
C LYS A 273 10.81 31.28 6.52
N LEU A 274 10.33 30.82 5.38
CA LEU A 274 10.57 29.44 4.97
C LEU A 274 12.05 29.23 4.74
N ASN A 275 12.57 28.09 5.18
CA ASN A 275 13.98 27.76 5.01
C ASN A 275 14.14 26.73 3.90
N THR A 276 15.35 26.22 3.71
CA THR A 276 15.63 25.26 2.65
C THR A 276 15.09 23.88 3.04
N ARG A 277 14.76 23.67 4.30
CA ARG A 277 14.15 22.45 4.80
C ARG A 277 12.86 22.82 5.48
N GLU A 278 11.95 21.84 5.61
CA GLU A 278 10.75 22.01 6.41
C GLU A 278 11.14 22.28 7.88
N ARG A 279 10.27 22.99 8.57
CA ARG A 279 10.55 23.45 9.94
C ARG A 279 9.32 23.18 10.80
N PHE A 280 9.56 22.49 11.92
CA PHE A 280 8.54 22.32 12.95
C PHE A 280 8.70 23.28 14.11
N ALA A 281 7.60 23.83 14.55
CA ALA A 281 7.59 24.69 15.73
C ALA A 281 6.27 24.55 16.44
N CYS A 282 6.24 24.90 17.73
CA CYS A 282 5.00 25.00 18.46
C CYS A 282 4.97 26.35 19.15
N ALA A 283 3.89 27.10 19.01
CA ALA A 283 3.73 28.38 19.66
C ALA A 283 2.54 28.25 20.61
N TYR A 284 2.81 28.54 21.88
CA TYR A 284 1.84 28.44 22.95
C TYR A 284 1.49 29.82 23.49
N PHE A 285 0.23 30.06 23.71
CA PHE A 285 -0.31 31.34 24.07
C PHE A 285 -0.92 31.21 25.43
N HIS A 286 -0.34 31.93 26.40
CA HIS A 286 -0.80 31.94 27.78
C HIS A 286 -1.68 33.16 27.91
N GLU A 287 -2.97 32.93 28.04
CA GLU A 287 -3.98 33.93 27.80
C GLU A 287 -4.84 34.20 29.04
N PRO A 288 -5.44 35.40 29.10
CA PRO A 288 -6.51 35.62 30.06
C PRO A 288 -7.68 34.67 29.83
N ASN A 289 -8.50 34.51 30.83
CA ASN A 289 -9.83 33.93 30.69
C ASN A 289 -10.55 34.65 29.55
N PHE A 290 -11.37 33.90 28.83
CA PHE A 290 -12.16 34.48 27.75
C PHE A 290 -13.02 35.65 28.19
N GLU A 291 -13.46 35.61 29.45
CA GLU A 291 -14.30 36.68 29.98
C GLU A 291 -13.53 37.78 30.67
N ALA A 292 -12.20 37.70 30.73
CA ALA A 292 -11.45 38.72 31.44
C ALA A 292 -11.43 40.05 30.70
N SER A 293 -11.44 41.11 31.49
CA SER A 293 -11.33 42.46 30.99
C SER A 293 -9.97 43.01 31.44
N ALA A 294 -9.04 43.10 30.52
CA ALA A 294 -7.76 43.71 30.82
C ALA A 294 -7.91 45.23 30.99
N TYR A 295 -7.07 45.79 31.84
CA TYR A 295 -7.17 47.19 32.23
C TYR A 295 -5.76 47.78 32.34
N PRO A 296 -5.64 49.10 32.20
CA PRO A 296 -4.31 49.71 32.37
C PRO A 296 -3.84 49.69 33.81
N LEU A 297 -2.63 49.20 34.00
CA LEU A 297 -2.08 49.09 35.34
C LEU A 297 -1.57 50.41 35.87
N PHE A 298 -1.08 51.27 34.99
CA PHE A 298 -0.34 52.45 35.43
C PHE A 298 -1.06 53.73 35.06
N GLU A 299 -2.33 53.63 34.70
CA GLU A 299 -3.09 54.81 34.28
C GLU A 299 -4.50 54.75 34.84
N SER A 301 -6.45 57.06 36.12
CA SER A 301 -7.23 55.84 35.98
C SER A 301 -8.17 55.92 34.77
N ALA A 302 -7.67 55.43 33.63
CA ALA A 302 -8.37 55.52 32.37
C ALA A 302 -9.47 54.47 32.25
N ASN A 303 -10.39 54.71 31.32
CA ASN A 303 -11.56 53.85 31.18
C ASN A 303 -11.42 52.74 30.15
N GLU A 304 -10.35 52.77 29.36
CA GLU A 304 -10.16 51.78 28.31
C GLU A 304 -9.99 50.38 28.91
N ARG A 305 -10.57 49.39 28.24
CA ARG A 305 -10.39 47.97 28.57
C ARG A 305 -10.25 47.18 27.30
N ILE A 306 -9.73 45.97 27.43
CA ILE A 306 -9.80 44.97 26.38
C ILE A 306 -10.51 43.76 26.96
N HIS A 307 -11.64 43.42 26.33
CA HIS A 307 -12.29 42.17 26.62
C HIS A 307 -11.56 41.07 25.86
N TYR A 308 -10.88 40.19 26.57
CA TYR A 308 -9.97 39.29 25.91
C TYR A 308 -10.67 38.37 24.89
N GLY A 309 -11.80 37.81 25.28
CA GLY A 309 -12.47 36.91 24.36
C GLY A 309 -12.92 37.62 23.10
N GLU A 310 -13.36 38.86 23.21
CA GLU A 310 -13.68 39.63 22.03
C GLU A 310 -12.46 39.79 21.12
N HIS A 311 -11.30 40.09 21.72
CA HIS A 311 -10.09 40.24 20.93
C HIS A 311 -9.72 38.91 20.23
N PHE A 312 -9.72 37.81 20.98
CA PHE A 312 -9.45 36.49 20.39
C PHE A 312 -10.39 36.22 19.20
N THR A 313 -11.68 36.48 19.41
CA THR A 313 -12.65 36.15 18.38
C THR A 313 -12.46 37.02 17.16
N ASN A 314 -12.28 38.31 17.36
CA ASN A 314 -12.06 39.20 16.24
C ASN A 314 -10.82 38.75 15.45
N MET A 315 -9.76 38.37 16.16
CA MET A 315 -8.55 37.96 15.47
C MET A 315 -8.75 36.68 14.68
N PHE A 316 -9.37 35.68 15.30
CA PHE A 316 -9.48 34.41 14.60
C PHE A 316 -10.44 34.51 13.42
N MET A 317 -11.45 35.38 13.51
CA MET A 317 -12.30 35.63 12.36
C MET A 317 -11.52 36.25 11.21
N ARG A 318 -10.57 37.15 11.50
CA ARG A 318 -9.79 37.76 10.43
C ARG A 318 -8.77 36.78 9.85
N CYS A 319 -8.29 35.87 10.68
CA CYS A 319 -7.34 34.87 10.22
C CYS A 319 -7.99 33.89 9.22
N TYR A 320 -9.26 33.58 9.51
CA TYR A 320 -9.98 32.47 8.87
C TYR A 320 -11.36 32.91 8.38
N PRO A 321 -11.40 33.85 7.43
CA PRO A 321 -12.70 34.42 7.08
C PRO A 321 -13.68 33.44 6.47
N ASP A 322 -13.20 32.34 5.91
CA ASP A 322 -14.08 31.42 5.20
C ASP A 322 -14.26 30.10 5.95
N ARG A 323 -13.68 29.97 7.13
CA ARG A 323 -13.74 28.70 7.86
C ARG A 323 -15.17 28.49 8.35
N ILE A 324 -15.58 27.23 8.46
CA ILE A 324 -16.92 26.94 8.95
C ILE A 324 -17.20 27.54 10.32
N THR A 325 -16.16 27.67 11.14
CA THR A 325 -16.30 28.30 12.43
C THR A 325 -16.78 29.75 12.33
N THR A 326 -16.15 30.49 11.41
CA THR A 326 -16.46 31.90 11.21
C THR A 326 -17.86 32.03 10.63
N GLN A 327 -18.19 31.14 9.70
CA GLN A 327 -19.51 31.15 9.06
C GLN A 327 -20.62 31.00 10.10
N ARG A 328 -20.41 30.08 11.05
CA ARG A 328 -21.45 29.82 12.04
C ARG A 328 -21.54 31.00 13.03
N ILE A 329 -20.41 31.61 13.38
CA ILE A 329 -20.44 32.80 14.25
C ILE A 329 -21.32 33.86 13.62
N ASN A 330 -21.10 34.08 12.33
CA ASN A 330 -21.85 35.11 11.62
C ASN A 330 -23.32 34.72 11.46
N LYS A 331 -23.59 33.49 11.05
CA LYS A 331 -24.97 33.05 10.84
C LYS A 331 -25.81 33.16 12.11
N GLU A 332 -25.24 32.73 13.23
CA GLU A 332 -25.97 32.66 14.49
C GLU A 332 -25.79 33.90 15.35
N ASN A 333 -25.16 34.94 14.82
CA ASN A 333 -24.90 36.19 15.54
C ASN A 333 -24.21 35.94 16.88
N ARG A 334 -23.20 35.08 16.88
CA ARG A 334 -22.56 34.70 18.14
C ARG A 334 -21.78 35.85 18.77
N LEU A 335 -21.45 36.87 17.99
CA LEU A 335 -20.78 38.02 18.57
C LEU A 335 -21.69 38.74 19.57
N ALA A 336 -23.00 38.50 19.52
CA ALA A 336 -23.91 39.14 20.47
C ALA A 336 -23.61 38.74 21.92
N HIS A 337 -23.08 37.52 22.12
CA HIS A 337 -22.71 37.08 23.45
C HIS A 337 -21.62 37.95 24.05
N LEU A 338 -20.71 38.42 23.21
CA LEU A 338 -19.64 39.29 23.68
C LEU A 338 -20.19 40.60 24.17
N GLU A 339 -21.13 41.18 23.41
CA GLU A 339 -21.79 42.39 23.84
C GLU A 339 -22.42 42.15 25.21
N ASP A 340 -23.03 40.99 25.38
CA ASP A 340 -23.67 40.64 26.65
C ASP A 340 -22.65 40.45 27.78
N LEU A 341 -21.57 39.74 27.49
CA LEU A 341 -20.52 39.53 28.49
C LEU A 341 -19.94 40.88 28.91
N LYS A 342 -19.76 41.77 27.95
CA LYS A 342 -19.40 43.16 28.25
C LYS A 342 -20.57 43.84 28.94
N ASN B 3 -8.54 -11.29 18.64
CA ASN B 3 -9.41 -10.75 19.73
C ASN B 3 -9.24 -11.55 21.03
N THR B 4 -10.15 -11.35 21.98
CA THR B 4 -10.05 -12.05 23.26
C THR B 4 -9.93 -13.57 23.08
N ASN B 5 -10.51 -14.10 22.01
CA ASN B 5 -10.42 -15.53 21.74
C ASN B 5 -9.33 -15.82 20.69
N LEU B 6 -8.14 -16.19 21.16
CA LEU B 6 -7.01 -16.41 20.27
C LEU B 6 -7.02 -17.84 19.80
N GLN B 7 -6.34 -18.08 18.68
CA GLN B 7 -6.20 -19.42 18.16
C GLN B 7 -5.01 -20.11 18.82
N THR B 8 -5.15 -21.41 19.04
CA THR B 8 -4.09 -22.24 19.58
C THR B 8 -3.73 -23.31 18.59
N PHE B 9 -2.45 -23.50 18.40
CA PHE B 9 -1.91 -24.51 17.50
C PHE B 9 -0.97 -25.44 18.23
N GLU B 10 -0.91 -26.67 17.73
CA GLU B 10 0.09 -27.62 18.18
C GLU B 10 1.11 -27.79 17.08
N LEU B 11 2.38 -27.60 17.41
CA LEU B 11 3.41 -27.73 16.41
C LEU B 11 3.94 -29.16 16.38
N PRO B 12 4.23 -29.68 15.17
CA PRO B 12 4.86 -30.99 15.09
C PRO B 12 6.34 -30.89 15.53
N THR B 13 6.90 -31.97 16.03
CA THR B 13 8.29 -31.93 16.46
C THR B 13 9.20 -31.56 15.29
N GLU B 14 8.96 -32.19 14.14
CA GLU B 14 9.70 -31.87 12.94
C GLU B 14 8.75 -31.35 11.90
N VAL B 15 9.23 -30.39 11.10
CA VAL B 15 8.51 -29.85 9.96
C VAL B 15 9.21 -30.31 8.71
N THR B 16 8.49 -31.02 7.86
CA THR B 16 9.10 -31.62 6.66
C THR B 16 8.57 -31.06 5.35
N GLY B 17 7.43 -30.38 5.37
CA GLY B 17 6.85 -29.85 4.13
C GLY B 17 5.74 -30.69 3.55
N CYS B 18 5.26 -31.64 4.33
CA CYS B 18 4.08 -32.41 3.95
C CYS B 18 2.83 -31.53 3.89
N ALA B 19 1.76 -32.07 3.33
CA ALA B 19 0.52 -31.32 3.17
C ALA B 19 0.03 -30.74 4.50
N ALA B 20 0.16 -31.50 5.58
CA ALA B 20 -0.30 -31.05 6.88
C ALA B 20 0.50 -29.85 7.34
N ASP B 21 1.81 -29.87 7.10
CA ASP B 21 2.67 -28.75 7.48
C ASP B 21 2.26 -27.51 6.70
N ILE B 22 1.98 -27.67 5.40
CA ILE B 22 1.61 -26.53 4.59
C ILE B 22 0.31 -25.91 5.08
N SER B 23 -0.65 -26.77 5.39
CA SER B 23 -1.95 -26.34 5.88
C SER B 23 -1.75 -25.58 7.20
N LEU B 24 -0.91 -26.13 8.07
CA LEU B 24 -0.66 -25.48 9.35
C LEU B 24 0.00 -24.12 9.15
N GLY B 25 1.03 -24.05 8.32
CA GLY B 25 1.68 -22.79 8.05
C GLY B 25 0.72 -21.74 7.53
N ARG B 26 -0.16 -22.13 6.59
CA ARG B 26 -1.16 -21.20 6.11
C ARG B 26 -2.03 -20.69 7.23
N ALA B 27 -2.43 -21.57 8.14
CA ALA B 27 -3.27 -21.18 9.27
C ALA B 27 -2.53 -20.24 10.22
N LEU B 28 -1.23 -20.44 10.42
CA LEU B 28 -0.49 -19.53 11.29
C LEU B 28 -0.47 -18.14 10.69
N ILE B 29 -0.22 -18.03 9.39
CA ILE B 29 -0.17 -16.73 8.72
C ILE B 29 -1.50 -16.06 8.82
N GLN B 30 -2.58 -16.80 8.54
CA GLN B 30 -3.91 -16.23 8.65
C GLN B 30 -4.23 -15.73 10.05
N ALA B 31 -3.77 -16.46 11.06
CA ALA B 31 -3.98 -16.03 12.44
C ALA B 31 -3.22 -14.74 12.74
N TRP B 32 -1.98 -14.63 12.29
CA TRP B 32 -1.24 -13.35 12.44
C TRP B 32 -1.93 -12.24 11.70
N GLN B 33 -2.45 -12.51 10.50
CA GLN B 33 -3.03 -11.44 9.69
C GLN B 33 -4.34 -10.95 10.27
N LYS B 34 -5.03 -11.82 10.99
CA LYS B 34 -6.30 -11.49 11.61
C LYS B 34 -6.14 -10.91 13.02
N ASP B 35 -5.37 -11.60 13.85
CA ASP B 35 -5.30 -11.32 15.27
C ASP B 35 -3.98 -10.68 15.73
N GLY B 36 -2.94 -10.80 14.92
CA GLY B 36 -1.63 -10.31 15.32
C GLY B 36 -0.81 -11.24 16.19
N ILE B 37 -1.35 -12.39 16.57
CA ILE B 37 -0.75 -13.24 17.59
C ILE B 37 -1.50 -14.56 17.57
N PHE B 38 -0.85 -15.64 17.97
CA PHE B 38 -1.55 -16.88 18.26
C PHE B 38 -0.78 -17.57 19.40
N GLN B 39 -1.40 -18.63 19.90
CA GLN B 39 -0.83 -19.44 20.97
C GLN B 39 -0.35 -20.77 20.40
N ILE B 40 0.75 -21.29 20.94
CA ILE B 40 1.19 -22.65 20.68
C ILE B 40 1.18 -23.45 21.99
N LYS B 41 0.71 -24.68 21.91
N LYS B 41 0.71 -24.69 21.91
CA LYS B 41 0.66 -25.54 23.07
CA LYS B 41 0.58 -25.56 23.09
C LYS B 41 2.06 -25.88 23.53
C LYS B 41 1.96 -26.02 23.52
N THR B 42 2.19 -26.03 24.84
CA THR B 42 3.42 -26.59 25.39
C THR B 42 3.15 -27.99 25.93
N ASP B 43 4.16 -28.84 25.81
CA ASP B 43 4.14 -30.13 26.45
C ASP B 43 4.70 -30.03 27.85
N SER B 44 4.74 -31.15 28.55
CA SER B 44 5.05 -31.08 29.97
C SER B 44 6.48 -30.60 30.22
N GLU B 45 7.43 -30.94 29.35
CA GLU B 45 8.80 -30.49 29.55
C GLU B 45 8.95 -29.02 29.19
N GLN B 46 8.31 -28.58 28.11
CA GLN B 46 8.32 -27.15 27.79
C GLN B 46 7.73 -26.35 28.93
N ASP B 47 6.64 -26.84 29.49
CA ASP B 47 6.00 -26.20 30.64
C ASP B 47 6.92 -26.19 31.87
N ARG B 48 7.54 -27.33 32.19
CA ARG B 48 8.39 -27.39 33.35
C ARG B 48 9.52 -26.38 33.21
N LYS B 49 10.13 -26.33 32.04
CA LYS B 49 11.26 -25.43 31.83
CA LYS B 49 11.26 -25.43 31.83
C LYS B 49 10.82 -23.98 31.93
N THR B 50 9.63 -23.67 31.48
CA THR B 50 9.06 -22.33 31.64
C THR B 50 8.91 -22.02 33.12
N GLN B 51 8.27 -22.93 33.87
CA GLN B 51 8.06 -22.66 35.29
C GLN B 51 9.35 -22.54 36.08
N GLU B 52 10.37 -23.33 35.78
CA GLU B 52 11.63 -23.21 36.47
C GLU B 52 12.33 -21.90 36.13
N ALA B 53 12.23 -21.42 34.91
CA ALA B 53 12.79 -20.10 34.56
C ALA B 53 12.07 -19.02 35.34
N MET B 54 10.75 -19.07 35.47
CA MET B 54 10.01 -18.07 36.25
C MET B 54 10.44 -18.13 37.71
N ALA B 55 10.65 -19.33 38.25
CA ALA B 55 11.06 -19.44 39.64
C ALA B 55 12.46 -18.85 39.85
N ALA B 56 13.35 -19.09 38.90
CA ALA B 56 14.70 -18.53 39.00
C ALA B 56 14.66 -17.01 38.95
N SER B 57 13.80 -16.49 38.08
CA SER B 57 13.58 -15.05 38.00
C SER B 57 13.09 -14.47 39.33
N LYS B 58 12.12 -15.11 39.95
CA LYS B 58 11.57 -14.66 41.22
C LYS B 58 12.67 -14.62 42.29
N GLN B 59 13.52 -15.65 42.36
CA GLN B 59 14.56 -15.71 43.36
C GLN B 59 15.60 -14.59 43.11
N PHE B 60 16.01 -14.41 41.86
CA PHE B 60 16.98 -13.37 41.53
C PHE B 60 16.45 -11.98 41.89
N CYS B 61 15.19 -11.69 41.61
CA CYS B 61 14.68 -10.35 41.86
C CYS B 61 14.60 -10.06 43.35
N LYS B 62 14.55 -11.08 44.20
CA LYS B 62 14.61 -10.86 45.63
C LYS B 62 15.99 -10.56 46.18
N GLU B 63 17.03 -10.68 45.38
CA GLU B 63 18.36 -10.28 45.81
C GLU B 63 18.44 -8.76 45.95
N PRO B 64 19.39 -8.28 46.76
CA PRO B 64 19.56 -6.83 46.90
CA PRO B 64 19.51 -6.83 46.89
C PRO B 64 19.94 -6.14 45.59
N LEU B 65 19.50 -4.91 45.46
CA LEU B 65 19.80 -4.12 44.31
C LEU B 65 21.30 -4.08 44.06
N THR B 66 22.11 -3.98 45.10
CA THR B 66 23.54 -3.93 44.90
CA THR B 66 23.54 -3.92 44.88
C THR B 66 24.04 -5.14 44.11
N PHE B 67 23.51 -6.30 44.45
CA PHE B 67 23.90 -7.53 43.76
C PHE B 67 23.33 -7.56 42.33
N LYS B 68 22.05 -7.23 42.18
CA LYS B 68 21.43 -7.26 40.85
C LYS B 68 22.19 -6.31 39.92
N SER B 69 22.49 -5.12 40.41
CA SER B 69 23.13 -4.10 39.59
CA SER B 69 23.14 -4.10 39.61
C SER B 69 24.57 -4.47 39.24
N SER B 70 25.16 -5.41 39.94
CA SER B 70 26.47 -5.93 39.58
C SER B 70 26.46 -6.91 38.42
N CYS B 71 25.28 -7.42 38.05
CA CYS B 71 25.15 -8.38 36.94
C CYS B 71 25.01 -7.59 35.64
N VAL B 72 26.06 -6.88 35.25
CA VAL B 72 26.05 -6.02 34.08
CA VAL B 72 26.03 -6.01 34.09
C VAL B 72 27.37 -6.19 33.38
N SER B 73 27.42 -5.80 32.11
CA SER B 73 28.62 -5.93 31.30
C SER B 73 28.76 -4.72 30.40
N ASP B 74 30.00 -4.27 30.17
CA ASP B 74 30.21 -3.22 29.20
C ASP B 74 30.51 -3.76 27.81
N LEU B 75 30.40 -5.09 27.62
CA LEU B 75 30.60 -5.73 26.32
C LEU B 75 29.31 -6.19 25.67
N THR B 76 28.41 -6.71 26.49
CA THR B 76 27.12 -7.23 26.02
C THR B 76 26.00 -6.52 26.77
N TYR B 77 24.82 -6.45 26.20
CA TYR B 77 23.64 -5.92 26.89
C TYR B 77 23.07 -6.94 27.86
N SER B 78 23.61 -8.16 27.86
CA SER B 78 23.09 -9.16 28.80
C SER B 78 23.21 -8.66 30.24
N GLY B 79 22.26 -9.06 31.07
CA GLY B 79 22.28 -8.69 32.48
C GLY B 79 21.14 -7.79 32.89
N TYR B 80 21.31 -7.19 34.06
CA TYR B 80 20.21 -6.56 34.77
C TYR B 80 19.85 -5.18 34.27
N VAL B 81 18.56 -4.91 34.25
CA VAL B 81 17.97 -3.60 33.97
C VAL B 81 17.09 -3.27 35.14
N ALA B 82 17.40 -2.19 35.83
CA ALA B 82 16.58 -1.73 36.95
C ALA B 82 15.23 -1.14 36.50
N SER B 83 14.24 -1.12 37.38
CA SER B 83 12.99 -0.41 37.06
C SER B 83 13.33 1.03 36.77
N GLY B 84 12.83 1.53 35.66
CA GLY B 84 13.04 2.91 35.26
C GLY B 84 14.27 3.15 34.41
N GLU B 85 15.07 2.12 34.21
CA GLU B 85 16.30 2.25 33.42
C GLU B 85 16.00 2.22 31.93
N GLU B 86 15.13 1.35 31.48
CA GLU B 86 14.81 1.31 30.06
C GLU B 86 13.84 2.44 29.70
N VAL B 87 14.05 3.06 28.56
CA VAL B 87 13.06 4.01 28.01
C VAL B 87 12.45 3.46 26.74
N THR B 88 11.14 3.70 26.62
CA THR B 88 10.38 3.43 25.40
C THR B 88 9.70 4.73 25.02
N ALA B 89 9.99 5.22 23.82
CA ALA B 89 9.48 6.50 23.38
C ALA B 89 9.81 7.58 24.40
N GLY B 90 11.01 7.52 24.96
CA GLY B 90 11.50 8.51 25.91
C GLY B 90 10.96 8.41 27.31
N LYS B 91 10.02 7.51 27.56
CA LYS B 91 9.40 7.38 28.90
C LYS B 91 9.88 6.13 29.60
N PRO B 92 10.35 6.26 30.85
CA PRO B 92 10.83 5.05 31.54
C PRO B 92 9.78 3.98 31.79
N ASP B 93 10.18 2.76 31.54
CA ASP B 93 9.34 1.61 31.75
C ASP B 93 9.57 1.06 33.17
N PHE B 94 8.58 0.37 33.69
CA PHE B 94 8.60 -0.12 35.05
C PHE B 94 9.28 -1.46 35.38
N PRO B 95 9.41 -2.43 34.46
CA PRO B 95 9.88 -3.72 34.94
C PRO B 95 11.37 -3.73 35.26
N GLU B 96 11.77 -4.64 36.13
CA GLU B 96 13.11 -5.16 36.22
CA GLU B 96 13.16 -5.02 36.09
C GLU B 96 13.31 -6.20 35.12
N ILE B 97 14.47 -6.24 34.50
CA ILE B 97 14.73 -7.19 33.41
C ILE B 97 16.06 -7.82 33.60
N PHE B 98 16.20 -9.08 33.23
CA PHE B 98 17.50 -9.67 32.98
C PHE B 98 17.48 -10.07 31.52
N THR B 99 18.41 -9.53 30.76
CA THR B 99 18.51 -9.84 29.35
C THR B 99 19.54 -10.95 29.15
N VAL B 100 19.18 -12.00 28.42
CA VAL B 100 20.09 -13.08 28.05
C VAL B 100 20.34 -13.03 26.56
N CYS B 101 21.53 -12.58 26.19
CA CYS B 101 22.00 -12.63 24.80
C CYS B 101 22.95 -13.82 24.66
N LYS B 102 23.39 -14.06 23.44
CA LYS B 102 24.35 -15.12 23.18
C LYS B 102 25.52 -15.08 24.17
N ASP B 103 25.82 -16.22 24.80
CA ASP B 103 26.77 -16.26 25.92
C ASP B 103 28.16 -16.59 25.39
N LEU B 104 28.91 -15.54 25.09
CA LEU B 104 30.21 -15.69 24.44
C LEU B 104 31.33 -15.32 25.39
N SER B 105 32.26 -16.25 25.58
CA SER B 105 33.39 -16.02 26.45
C SER B 105 34.33 -14.98 25.84
N VAL B 106 35.17 -14.40 26.70
CA VAL B 106 36.13 -13.41 26.27
C VAL B 106 37.15 -14.00 25.31
N GLY B 107 37.25 -15.33 25.31
CA GLY B 107 38.13 -16.02 24.38
C GLY B 107 37.52 -16.20 22.99
N ASP B 108 36.23 -15.92 22.85
CA ASP B 108 35.58 -16.02 21.53
C ASP B 108 36.16 -14.94 20.61
N GLN B 109 36.43 -15.29 19.36
CA GLN B 109 37.17 -14.38 18.50
C GLN B 109 36.39 -13.11 18.17
N ARG B 110 35.05 -13.17 18.24
CA ARG B 110 34.25 -11.99 17.98
C ARG B 110 34.37 -10.99 19.12
N VAL B 111 34.44 -11.52 20.33
CA VAL B 111 34.64 -10.67 21.50
C VAL B 111 36.06 -10.08 21.46
N LYS B 112 37.07 -10.89 21.16
CA LYS B 112 38.44 -10.38 21.10
C LYS B 112 38.54 -9.27 20.04
N ALA B 113 37.79 -9.40 18.96
CA ALA B 113 37.77 -8.39 17.92
C ALA B 113 36.99 -7.12 18.31
N GLY B 114 36.23 -7.20 19.39
CA GLY B 114 35.46 -6.06 19.85
C GLY B 114 34.17 -5.78 19.12
N TRP B 115 33.52 -6.82 18.59
CA TRP B 115 32.25 -6.60 17.92
C TRP B 115 31.23 -6.02 18.91
N PRO B 116 30.39 -5.07 18.47
CA PRO B 116 29.41 -4.53 19.41
C PRO B 116 28.44 -5.60 19.89
N CYS B 117 28.13 -5.52 21.17
CA CYS B 117 27.13 -6.38 21.82
C CYS B 117 27.57 -7.82 22.14
N HIS B 118 28.79 -8.19 21.81
CA HIS B 118 29.30 -9.55 21.98
C HIS B 118 30.09 -9.71 23.30
N GLY B 119 29.64 -10.62 24.18
CA GLY B 119 30.34 -10.84 25.44
C GLY B 119 29.63 -11.85 26.31
N PRO B 120 30.20 -12.19 27.46
CA PRO B 120 29.63 -13.21 28.32
C PRO B 120 28.46 -12.71 29.16
N VAL B 121 27.45 -13.55 29.35
CA VAL B 121 26.35 -13.17 30.23
C VAL B 121 26.83 -13.09 31.66
N PRO B 122 26.48 -12.02 32.39
CA PRO B 122 26.85 -11.95 33.81
C PRO B 122 25.83 -12.69 34.67
N TRP B 123 25.92 -14.01 34.64
CA TRP B 123 24.92 -14.82 35.30
C TRP B 123 24.89 -14.63 36.81
N PRO B 124 23.71 -14.60 37.42
CA PRO B 124 23.72 -14.38 38.86
C PRO B 124 24.09 -15.61 39.69
N ASN B 125 23.81 -16.79 39.17
CA ASN B 125 24.09 -18.03 39.88
C ASN B 125 23.90 -19.16 38.86
N ASN B 126 24.38 -20.36 39.23
CA ASN B 126 24.40 -21.50 38.31
CA ASN B 126 24.40 -21.52 38.33
C ASN B 126 23.00 -22.01 37.99
N THR B 127 22.09 -21.97 38.94
CA THR B 127 20.73 -22.45 38.70
C THR B 127 20.03 -21.57 37.68
N TYR B 128 20.21 -20.28 37.80
CA TYR B 128 19.64 -19.30 36.87
C TYR B 128 20.21 -19.55 35.47
N GLN B 129 21.51 -19.72 35.35
CA GLN B 129 22.14 -20.02 34.07
C GLN B 129 21.56 -21.28 33.44
N LYS B 130 21.51 -22.36 34.20
CA LYS B 130 21.09 -23.64 33.65
C LYS B 130 19.61 -23.53 33.24
N SER B 131 18.79 -22.89 34.07
CA SER B 131 17.36 -22.81 33.78
CA SER B 131 17.36 -22.84 33.76
CA SER B 131 17.36 -22.80 33.78
C SER B 131 17.10 -21.98 32.52
N MET B 132 17.80 -20.86 32.38
CA MET B 132 17.59 -20.03 31.20
C MET B 132 18.11 -20.69 29.95
N LYS B 133 19.25 -21.36 30.05
CA LYS B 133 19.82 -21.98 28.87
C LYS B 133 18.90 -23.07 28.35
N THR B 134 18.39 -23.96 29.23
CA THR B 134 17.57 -25.03 28.69
CA THR B 134 17.54 -25.05 28.79
C THR B 134 16.22 -24.51 28.20
N PHE B 135 15.66 -23.48 28.83
CA PHE B 135 14.41 -22.90 28.37
C PHE B 135 14.63 -22.29 26.99
N MET B 136 15.70 -21.53 26.82
CA MET B 136 16.02 -20.93 25.51
C MET B 136 16.31 -21.96 24.44
N GLU B 137 16.89 -23.09 24.79
CA GLU B 137 17.08 -24.14 23.80
C GLU B 137 15.72 -24.66 23.32
N GLU B 138 14.77 -24.87 24.22
CA GLU B 138 13.42 -25.30 23.81
C GLU B 138 12.72 -24.23 22.99
N LEU B 139 12.84 -22.98 23.42
CA LEU B 139 12.22 -21.89 22.69
C LEU B 139 12.79 -21.83 21.27
N GLY B 140 14.09 -22.04 21.11
CA GLY B 140 14.73 -22.05 19.79
C GLY B 140 14.20 -23.18 18.91
N LEU B 141 13.98 -24.36 19.47
CA LEU B 141 13.43 -25.45 18.67
C LEU B 141 12.06 -25.06 18.17
N ALA B 142 11.22 -24.42 18.99
CA ALA B 142 9.91 -23.95 18.55
C ALA B 142 10.05 -22.87 17.48
N GLY B 143 10.98 -21.95 17.67
CA GLY B 143 11.27 -20.93 16.68
C GLY B 143 11.57 -21.47 15.30
N GLU B 144 12.44 -22.46 15.26
CA GLU B 144 12.79 -23.08 13.99
C GLU B 144 11.57 -23.75 13.33
N ARG B 145 10.77 -24.46 14.11
CA ARG B 145 9.55 -25.07 13.55
C ARG B 145 8.64 -23.98 12.95
N LEU B 146 8.46 -22.88 13.68
CA LEU B 146 7.59 -21.80 13.25
C LEU B 146 8.10 -21.18 11.98
N LEU B 147 9.41 -21.01 11.84
CA LEU B 147 9.96 -20.42 10.63
C LEU B 147 9.83 -21.30 9.38
N LYS B 148 9.95 -22.60 9.57
CA LYS B 148 9.71 -23.52 8.47
C LYS B 148 8.26 -23.49 8.05
N LEU B 149 7.35 -23.50 9.01
CA LEU B 149 5.93 -23.43 8.70
C LEU B 149 5.56 -22.14 8.01
N THR B 150 6.13 -21.02 8.48
CA THR B 150 5.87 -19.73 7.88
C THR B 150 6.30 -19.69 6.41
N ALA B 151 7.50 -20.19 6.13
CA ALA B 151 7.96 -20.29 4.77
C ALA B 151 6.96 -21.09 3.91
N LEU B 152 6.58 -22.26 4.39
CA LEU B 152 5.66 -23.12 3.66
C LEU B 152 4.33 -22.43 3.40
N GLY B 153 3.85 -21.69 4.39
CA GLY B 153 2.57 -21.02 4.25
C GLY B 153 2.58 -19.90 3.22
N PHE B 154 3.76 -19.36 2.92
CA PHE B 154 3.90 -18.36 1.87
C PHE B 154 4.36 -18.96 0.55
N GLU B 155 4.30 -20.29 0.44
CA GLU B 155 4.70 -21.01 -0.78
CA GLU B 155 4.69 -21.00 -0.79
C GLU B 155 6.16 -20.73 -1.09
N LEU B 156 6.97 -20.64 -0.05
CA LEU B 156 8.40 -20.39 -0.18
C LEU B 156 9.16 -21.66 0.20
N PRO B 157 10.40 -21.80 -0.32
CA PRO B 157 11.21 -22.95 0.07
C PRO B 157 11.29 -23.06 1.59
N ILE B 158 11.15 -24.30 2.06
CA ILE B 158 11.01 -24.56 3.49
C ILE B 158 12.12 -23.92 4.36
N ASN B 159 13.34 -23.83 3.81
CA ASN B 159 14.51 -23.29 4.53
C ASN B 159 14.72 -21.77 4.39
N THR B 160 13.74 -21.08 3.84
CA THR B 160 13.90 -19.66 3.56
C THR B 160 14.35 -18.83 4.78
N PHE B 161 13.69 -19.01 5.91
CA PHE B 161 14.00 -18.19 7.08
C PHE B 161 15.06 -18.83 7.95
N THR B 162 15.05 -20.14 8.06
CA THR B 162 16.06 -20.81 8.90
C THR B 162 17.48 -20.63 8.33
N ASP B 163 17.60 -20.41 7.03
CA ASP B 163 18.91 -20.05 6.47
C ASP B 163 19.49 -18.77 7.09
N LEU B 164 18.64 -17.92 7.65
CA LEU B 164 19.11 -16.67 8.23
C LEU B 164 19.46 -16.82 9.71
N THR B 165 19.01 -17.93 10.32
CA THR B 165 19.10 -18.08 11.77
C THR B 165 20.17 -19.07 12.26
N ARG B 166 21.08 -19.52 11.39
CA ARG B 166 22.20 -20.32 11.86
C ARG B 166 23.04 -19.45 12.80
N ASP B 167 23.38 -19.98 13.97
CA ASP B 167 24.00 -19.19 15.05
C ASP B 167 23.27 -17.88 15.25
N GLY B 168 21.94 -17.95 15.22
CA GLY B 168 21.11 -16.76 15.32
C GLY B 168 21.34 -16.01 16.60
N TRP B 169 21.10 -14.70 16.58
CA TRP B 169 21.30 -13.83 17.74
C TRP B 169 20.11 -13.90 18.71
N HIS B 170 19.70 -15.13 19.03
CA HIS B 170 18.54 -15.32 19.88
C HIS B 170 18.81 -14.71 21.23
N HIS B 171 17.77 -14.13 21.82
CA HIS B 171 17.96 -13.55 23.15
C HIS B 171 16.62 -13.51 23.87
N MET B 172 16.65 -13.21 25.16
CA MET B 172 15.43 -13.26 25.94
C MET B 172 15.46 -12.17 26.99
N ARG B 173 14.31 -11.57 27.24
CA ARG B 173 14.09 -10.66 28.34
C ARG B 173 13.28 -11.35 29.39
N VAL B 174 13.85 -11.44 30.59
CA VAL B 174 13.24 -12.09 31.72
C VAL B 174 12.71 -10.96 32.61
N LEU B 175 11.43 -10.77 32.68
CA LEU B 175 10.78 -9.56 33.23
C LEU B 175 10.07 -9.78 34.52
N ARG B 176 10.19 -8.81 35.42
CA ARG B 176 9.30 -8.75 36.60
C ARG B 176 8.70 -7.34 36.67
N PHE B 177 7.39 -7.23 36.55
CA PHE B 177 6.67 -5.96 36.71
C PHE B 177 6.20 -5.84 38.13
N PRO B 178 6.36 -4.66 38.74
CA PRO B 178 5.75 -4.45 40.05
C PRO B 178 4.23 -4.35 39.93
N PRO B 179 3.50 -4.56 41.00
CA PRO B 179 2.10 -4.17 40.96
C PRO B 179 1.97 -2.66 40.78
N GLN B 180 0.81 -2.22 40.38
CA GLN B 180 0.46 -0.82 40.33
C GLN B 180 0.50 -0.28 41.76
N THR B 181 1.05 0.92 41.89
CA THR B 181 1.22 1.59 43.19
C THR B 181 0.65 3.01 43.22
N SER B 182 0.13 3.51 42.11
CA SER B 182 -0.41 4.85 42.05
C SER B 182 -1.35 4.85 40.87
N THR B 183 -1.76 6.02 40.38
CA THR B 183 -2.59 6.02 39.17
C THR B 183 -1.81 5.69 37.94
N LEU B 184 -0.48 5.59 38.02
CA LEU B 184 0.34 5.21 36.86
C LEU B 184 0.24 3.72 36.57
N SER B 185 -0.04 3.35 35.33
CA SER B 185 -0.16 1.94 34.99
C SER B 185 0.62 1.50 33.76
N ARG B 186 1.42 2.38 33.17
CA ARG B 186 2.18 2.05 31.98
C ARG B 186 3.36 1.20 32.33
N GLY B 187 3.27 -0.10 32.21
CA GLY B 187 4.41 -0.97 32.47
C GLY B 187 5.51 -0.88 31.43
N ILE B 188 5.13 -1.12 30.18
CA ILE B 188 5.97 -0.82 29.02
C ILE B 188 5.07 -0.11 28.02
N GLY B 189 5.58 0.94 27.40
CA GLY B 189 4.83 1.61 26.34
C GLY B 189 4.69 0.75 25.07
N ALA B 190 3.86 1.22 24.17
CA ALA B 190 3.65 0.55 22.91
C ALA B 190 4.97 0.45 22.15
N HIS B 191 5.24 -0.71 21.56
CA HIS B 191 6.44 -0.90 20.79
C HIS B 191 6.25 -2.12 19.89
N THR B 192 7.21 -2.29 18.99
CA THR B 192 7.34 -3.54 18.25
C THR B 192 8.73 -4.09 18.52
N ASP B 193 8.88 -5.40 18.50
CA ASP B 193 10.21 -5.97 18.69
CA ASP B 193 10.16 -6.09 18.68
C ASP B 193 10.88 -6.26 17.34
N TYR B 194 12.13 -6.73 17.35
CA TYR B 194 13.08 -6.36 16.29
C TYR B 194 13.47 -7.44 15.31
N GLY B 195 13.19 -8.70 15.62
CA GLY B 195 13.69 -9.81 14.84
C GLY B 195 12.65 -10.50 14.01
N LEU B 196 12.75 -11.82 13.95
CA LEU B 196 11.78 -12.62 13.17
C LEU B 196 10.52 -12.93 13.97
N LEU B 197 10.70 -13.55 15.13
CA LEU B 197 9.57 -13.99 15.93
C LEU B 197 9.79 -13.62 17.36
N VAL B 198 8.69 -13.44 18.05
CA VAL B 198 8.68 -13.30 19.49
C VAL B 198 7.84 -14.44 20.05
N ILE B 199 8.44 -15.21 20.94
CA ILE B 199 7.75 -16.27 21.64
C ILE B 199 7.70 -15.90 23.10
N ALA B 200 6.55 -15.79 23.70
CA ALA B 200 6.46 -15.29 25.06
C ALA B 200 5.68 -16.20 25.99
N ALA B 201 6.08 -16.14 27.26
CA ALA B 201 5.44 -16.87 28.29
C ALA B 201 5.10 -15.87 29.40
N GLN B 202 4.03 -16.13 30.12
CA GLN B 202 3.65 -15.27 31.22
C GLN B 202 3.03 -16.09 32.33
N ASP B 203 3.05 -15.55 33.54
CA ASP B 203 2.36 -16.17 34.66
C ASP B 203 0.87 -15.86 34.59
N ASP B 204 0.14 -16.11 35.66
CA ASP B 204 -1.32 -16.01 35.62
C ASP B 204 -1.88 -14.63 35.87
N VAL B 205 -1.04 -13.62 36.05
CA VAL B 205 -1.50 -12.30 36.48
C VAL B 205 -2.18 -11.47 35.38
N GLY B 206 -1.50 -11.34 34.27
CA GLY B 206 -2.04 -10.62 33.13
C GLY B 206 -1.55 -9.19 33.03
N GLY B 207 -1.36 -8.76 31.80
CA GLY B 207 -0.96 -7.38 31.54
C GLY B 207 -0.49 -7.06 30.14
N LEU B 208 -0.30 -8.08 29.28
CA LEU B 208 0.12 -7.84 27.90
C LEU B 208 -1.07 -7.55 27.00
N TYR B 209 -0.94 -6.48 26.22
CA TYR B 209 -1.90 -6.09 25.23
C TYR B 209 -1.22 -5.98 23.90
N ILE B 210 -1.88 -6.46 22.84
CA ILE B 210 -1.32 -6.41 21.49
C ILE B 210 -2.28 -5.75 20.52
N ARG B 211 -1.73 -5.12 19.48
CA ARG B 211 -2.56 -4.50 18.46
C ARG B 211 -2.62 -5.38 17.20
N PRO B 212 -3.83 -5.82 16.81
CA PRO B 212 -3.95 -6.61 15.60
C PRO B 212 -3.77 -5.73 14.41
N PRO B 213 -3.63 -6.33 13.22
CA PRO B 213 -3.66 -5.52 11.98
C PRO B 213 -4.98 -4.80 11.92
N VAL B 214 -4.94 -3.55 11.45
CA VAL B 214 -6.15 -2.73 11.32
C VAL B 214 -6.25 -2.29 9.87
N GLU B 215 -7.38 -2.61 9.21
CA GLU B 215 -7.54 -2.26 7.80
C GLU B 215 -7.45 -0.74 7.62
N GLY B 216 -6.56 -0.35 6.71
CA GLY B 216 -6.37 1.05 6.39
C GLY B 216 -5.39 1.76 7.29
N GLU B 217 -4.91 1.08 8.32
CA GLU B 217 -3.99 1.71 9.26
C GLU B 217 -2.56 1.46 8.82
N LYS B 218 -1.89 2.51 8.40
CA LYS B 218 -0.48 2.43 8.02
C LYS B 218 0.35 2.22 9.27
N ARG B 219 1.43 1.46 9.13
CA ARG B 219 2.33 1.17 10.24
C ARG B 219 3.73 1.69 9.94
N ASN B 220 4.32 2.36 10.93
CA ASN B 220 5.71 2.75 10.85
C ASN B 220 6.61 1.54 10.65
N ARG B 221 7.71 1.76 9.96
CA ARG B 221 8.72 0.75 9.74
C ARG B 221 9.84 1.01 10.72
N ASN B 222 9.82 0.28 11.83
CA ASN B 222 10.62 0.61 13.00
C ASN B 222 12.10 0.40 12.74
N TRP B 223 12.45 -0.26 11.65
CA TRP B 223 13.86 -0.37 11.28
C TRP B 223 14.42 0.90 10.65
N LEU B 224 13.56 1.85 10.31
CA LEU B 224 14.03 3.12 9.76
C LEU B 224 14.12 4.18 10.89
N PRO B 225 15.21 4.95 10.92
CA PRO B 225 15.41 5.84 12.08
C PRO B 225 14.32 6.90 12.31
N GLY B 226 13.61 7.35 11.27
CA GLY B 226 12.54 8.32 11.45
C GLY B 226 11.14 7.73 11.56
N GLU B 227 11.06 6.42 11.73
CA GLU B 227 9.75 5.76 11.76
C GLU B 227 9.70 4.80 12.95
N SER B 228 10.15 5.26 14.10
CA SER B 228 10.06 4.41 15.26
C SER B 228 8.61 4.03 15.52
N SER B 229 8.38 2.79 15.92
CA SER B 229 7.07 2.37 16.34
C SER B 229 6.82 2.59 17.82
N ALA B 230 7.82 3.06 18.57
CA ALA B 230 7.65 3.24 20.01
C ALA B 230 6.58 4.30 20.27
N GLY B 231 5.62 4.02 21.15
CA GLY B 231 4.56 4.97 21.48
C GLY B 231 3.41 5.09 20.50
N MET B 232 3.53 4.45 19.33
CA MET B 232 2.50 4.65 18.29
C MET B 232 1.23 3.88 18.67
N PHE B 233 0.11 4.57 18.54
CA PHE B 233 -1.24 4.05 18.81
C PHE B 233 -1.52 3.77 20.25
N GLU B 234 -0.63 4.16 21.16
CA GLU B 234 -0.72 3.70 22.53
C GLU B 234 -2.06 3.91 23.20
N HIS B 235 -2.74 5.02 22.92
CA HIS B 235 -3.98 5.37 23.60
C HIS B 235 -5.22 5.27 22.74
N ASP B 236 -5.09 4.56 21.61
CA ASP B 236 -6.19 4.36 20.68
C ASP B 236 -6.46 2.88 20.49
N GLU B 237 -7.74 2.52 20.44
CA GLU B 237 -8.11 1.14 20.17
C GLU B 237 -7.75 0.79 18.74
N PRO B 238 -7.63 -0.52 18.43
CA PRO B 238 -7.78 -1.69 19.28
C PRO B 238 -6.52 -2.18 19.95
N TRP B 239 -6.66 -2.55 21.22
CA TRP B 239 -5.65 -3.28 21.98
C TRP B 239 -6.31 -4.52 22.58
N THR B 240 -5.80 -5.67 22.16
CA THR B 240 -6.32 -6.98 22.57
C THR B 240 -5.58 -7.43 23.83
N PHE B 241 -6.32 -7.76 24.88
CA PHE B 241 -5.72 -8.32 26.08
C PHE B 241 -5.32 -9.77 25.83
N VAL B 242 -4.08 -10.12 26.11
CA VAL B 242 -3.58 -11.47 25.95
C VAL B 242 -3.85 -12.23 27.23
N THR B 243 -5.03 -12.85 27.32
CA THR B 243 -5.47 -13.45 28.55
C THR B 243 -4.47 -14.52 28.95
N PRO B 244 -3.99 -14.54 30.21
CA PRO B 244 -3.18 -15.66 30.67
C PRO B 244 -3.94 -16.98 30.53
N THR B 245 -3.24 -17.98 30.02
CA THR B 245 -3.80 -19.24 29.65
C THR B 245 -2.82 -20.32 29.93
N PRO B 246 -3.17 -21.32 30.75
CA PRO B 246 -2.16 -22.34 31.04
C PRO B 246 -1.70 -23.12 29.81
N GLY B 247 -0.47 -23.56 29.83
CA GLY B 247 0.00 -24.53 28.85
C GLY B 247 0.16 -23.99 27.44
N VAL B 248 0.43 -22.70 27.30
CA VAL B 248 0.74 -22.12 25.98
C VAL B 248 1.88 -21.12 26.08
N TRP B 249 2.54 -20.88 24.94
CA TRP B 249 3.33 -19.71 24.68
C TRP B 249 2.61 -18.91 23.61
N THR B 250 2.86 -17.62 23.55
CA THR B 250 2.33 -16.81 22.45
C THR B 250 3.40 -16.52 21.44
N VAL B 251 2.99 -16.21 20.21
CA VAL B 251 3.92 -15.98 19.13
C VAL B 251 3.43 -14.82 18.29
N PHE B 252 4.29 -13.87 18.00
CA PHE B 252 3.97 -12.81 17.05
C PHE B 252 5.21 -12.39 16.27
N PRO B 253 5.00 -11.73 15.11
CA PRO B 253 6.12 -11.32 14.28
C PRO B 253 6.84 -10.09 14.81
N GLY B 254 8.12 -10.04 14.50
CA GLY B 254 8.91 -8.86 14.73
C GLY B 254 9.21 -8.09 13.45
N ASP B 255 10.02 -7.05 13.61
CA ASP B 255 10.29 -6.10 12.53
C ASP B 255 10.85 -6.77 11.28
N ILE B 256 11.74 -7.76 11.45
CA ILE B 256 12.30 -8.43 10.29
C ILE B 256 11.26 -9.15 9.46
N LEU B 257 10.31 -9.81 10.11
CA LEU B 257 9.27 -10.46 9.33
C LEU B 257 8.40 -9.44 8.62
N GLN B 258 8.16 -8.27 9.22
CA GLN B 258 7.38 -7.24 8.53
C GLN B 258 8.14 -6.80 7.28
N PHE B 259 9.43 -6.54 7.42
CA PHE B 259 10.25 -6.11 6.29
C PHE B 259 10.32 -7.18 5.19
N MET B 260 10.65 -8.41 5.59
CA MET B 260 10.85 -9.44 4.59
C MET B 260 9.58 -9.74 3.81
N THR B 261 8.41 -9.66 4.46
CA THR B 261 7.16 -10.01 3.83
C THR B 261 6.50 -8.81 3.20
N GLY B 262 7.23 -7.70 3.18
CA GLY B 262 6.68 -6.46 2.63
C GLY B 262 5.38 -6.04 3.28
N GLY B 263 5.23 -6.32 4.57
CA GLY B 263 4.02 -5.92 5.25
C GLY B 263 2.87 -6.92 5.20
N GLN B 264 3.03 -8.04 4.48
CA GLN B 264 1.97 -9.05 4.53
C GLN B 264 1.81 -9.60 5.96
N LEU B 265 2.92 -9.62 6.72
CA LEU B 265 2.88 -9.74 8.18
C LEU B 265 3.33 -8.40 8.72
N LEU B 266 2.72 -8.00 9.84
CA LEU B 266 3.12 -6.80 10.55
C LEU B 266 3.77 -7.14 11.87
N SER B 267 4.79 -6.36 12.20
CA SER B 267 5.44 -6.48 13.52
C SER B 267 4.39 -6.05 14.56
N THR B 268 3.98 -6.97 15.41
CA THR B 268 2.82 -6.69 16.22
C THR B 268 3.13 -5.66 17.31
N PRO B 269 2.43 -4.51 17.32
CA PRO B 269 2.65 -3.57 18.44
C PRO B 269 2.08 -4.17 19.71
N HIS B 270 2.76 -3.89 20.84
CA HIS B 270 2.33 -4.45 22.10
C HIS B 270 2.82 -3.55 23.23
N LYS B 271 2.20 -3.71 24.39
CA LYS B 271 2.45 -2.86 25.56
C LYS B 271 2.05 -3.67 26.77
N VAL B 272 2.46 -3.22 27.95
CA VAL B 272 2.13 -3.91 29.19
C VAL B 272 1.54 -2.92 30.17
N LYS B 273 0.43 -3.30 30.80
CA LYS B 273 -0.19 -2.54 31.87
C LYS B 273 0.15 -3.19 33.21
N LEU B 274 0.49 -2.39 34.21
CA LEU B 274 0.67 -2.92 35.57
C LEU B 274 -0.66 -3.43 36.10
N ASN B 275 -0.60 -4.50 36.88
CA ASN B 275 -1.79 -5.12 37.48
C ASN B 275 -1.73 -5.00 39.00
N THR B 276 -2.69 -5.61 39.69
CA THR B 276 -2.75 -5.50 41.13
C THR B 276 -1.72 -6.35 41.85
N ARG B 277 -1.06 -7.24 41.14
CA ARG B 277 0.01 -8.07 41.63
C ARG B 277 1.23 -7.91 40.74
N GLU B 278 2.40 -8.24 41.30
CA GLU B 278 3.62 -8.38 40.53
C GLU B 278 3.37 -9.40 39.42
N ARG B 279 4.05 -9.24 38.29
CA ARG B 279 3.85 -10.09 37.12
C ARG B 279 5.18 -10.51 36.55
N PHE B 280 5.36 -11.83 36.38
CA PHE B 280 6.54 -12.38 35.73
C PHE B 280 6.20 -12.79 34.30
N ALA B 281 7.10 -12.49 33.40
CA ALA B 281 6.99 -12.90 31.98
C ALA B 281 8.37 -13.07 31.41
N CYS B 282 8.45 -13.85 30.35
CA CYS B 282 9.68 -13.98 29.57
C CYS B 282 9.33 -13.76 28.13
N ALA B 283 10.08 -12.94 27.44
CA ALA B 283 9.89 -12.68 26.00
C ALA B 283 11.15 -13.13 25.32
N TYR B 284 11.01 -14.09 24.40
CA TYR B 284 12.12 -14.66 23.67
C TYR B 284 12.07 -14.21 22.22
N PHE B 285 13.23 -13.88 21.70
CA PHE B 285 13.40 -13.31 20.38
C PHE B 285 14.22 -14.28 19.55
N HIS B 286 13.58 -14.80 18.51
CA HIS B 286 14.21 -15.73 17.61
C HIS B 286 14.66 -14.92 16.41
N GLU B 287 15.98 -14.73 16.32
CA GLU B 287 16.57 -13.70 15.49
C GLU B 287 17.47 -14.25 14.39
N PRO B 288 17.65 -13.47 13.32
CA PRO B 288 18.74 -13.76 12.40
C PRO B 288 20.11 -13.78 13.09
N ASN B 289 21.10 -14.40 12.46
CA ASN B 289 22.49 -14.20 12.78
C ASN B 289 22.78 -12.68 12.81
N PHE B 290 23.61 -12.25 13.77
CA PHE B 290 24.04 -10.86 13.89
C PHE B 290 24.56 -10.31 12.56
N GLU B 291 25.22 -11.16 11.78
CA GLU B 291 25.82 -10.75 10.51
C GLU B 291 24.87 -10.89 9.33
N ALA B 292 23.69 -11.42 9.57
CA ALA B 292 22.77 -11.69 8.46
C ALA B 292 22.16 -10.40 7.93
N SER B 293 21.92 -10.40 6.62
CA SER B 293 21.20 -9.32 5.97
C SER B 293 19.85 -9.86 5.49
N ALA B 294 18.77 -9.31 6.04
CA ALA B 294 17.42 -9.64 5.60
C ALA B 294 17.08 -8.89 4.32
N TYR B 295 16.25 -9.51 3.50
CA TYR B 295 15.94 -8.98 2.18
C TYR B 295 14.45 -9.19 1.90
N PRO B 296 13.87 -8.38 1.00
CA PRO B 296 12.47 -8.56 0.63
C PRO B 296 12.24 -9.86 -0.13
N LEU B 297 11.31 -10.66 0.35
CA LEU B 297 11.12 -11.99 -0.18
C LEU B 297 10.38 -11.95 -1.49
N PHE B 298 9.55 -10.93 -1.64
CA PHE B 298 8.63 -10.91 -2.76
C PHE B 298 9.04 -9.81 -3.75
N GLU B 299 10.26 -9.29 -3.60
CA GLU B 299 10.85 -8.35 -4.57
C GLU B 299 12.36 -8.61 -4.70
N PRO B 300 12.76 -9.66 -5.44
CA PRO B 300 14.19 -9.94 -5.54
C PRO B 300 14.94 -8.94 -6.42
N ALA B 302 14.90 -6.08 -5.23
CA ALA B 302 15.06 -4.89 -4.41
C ALA B 302 16.42 -4.92 -3.71
N ASN B 303 17.06 -3.75 -3.64
CA ASN B 303 18.37 -3.62 -3.04
C ASN B 303 18.28 -3.40 -1.53
N GLU B 304 17.08 -3.07 -1.05
CA GLU B 304 16.85 -2.81 0.37
C GLU B 304 17.24 -4.03 1.20
N ARG B 305 17.96 -3.80 2.28
CA ARG B 305 18.31 -4.84 3.24
C ARG B 305 18.18 -4.26 4.64
N ILE B 306 17.99 -5.15 5.60
CA ILE B 306 18.21 -4.82 6.99
C ILE B 306 19.37 -5.67 7.44
N HIS B 307 20.46 -5.04 7.82
CA HIS B 307 21.52 -5.77 8.46
C HIS B 307 21.03 -5.98 9.89
N TYR B 308 20.80 -7.23 10.24
CA TYR B 308 20.12 -7.48 11.51
C TYR B 308 20.88 -6.93 12.74
N GLY B 309 22.18 -7.19 12.80
CA GLY B 309 22.98 -6.74 13.92
C GLY B 309 22.95 -5.22 14.08
N GLU B 310 22.90 -4.52 12.97
CA GLU B 310 22.84 -3.08 13.06
C GLU B 310 21.52 -2.66 13.69
N HIS B 311 20.43 -3.33 13.34
CA HIS B 311 19.12 -2.98 13.88
C HIS B 311 19.10 -3.29 15.38
N PHE B 312 19.55 -4.48 15.77
CA PHE B 312 19.64 -4.84 17.19
C PHE B 312 20.42 -3.77 17.94
N THR B 313 21.62 -3.45 17.43
CA THR B 313 22.48 -2.49 18.14
C THR B 313 21.82 -1.11 18.27
N ASN B 314 21.27 -0.60 17.17
CA ASN B 314 20.58 0.68 17.21
C ASN B 314 19.46 0.66 18.24
N MET B 315 18.71 -0.42 18.27
CA MET B 315 17.59 -0.48 19.21
C MET B 315 18.05 -0.53 20.64
N PHE B 316 19.05 -1.36 20.95
CA PHE B 316 19.47 -1.47 22.34
C PHE B 316 20.15 -0.18 22.84
N MET B 317 20.82 0.53 21.95
CA MET B 317 21.36 1.84 22.30
C MET B 317 20.25 2.85 22.61
N ARG B 318 19.12 2.75 21.91
CA ARG B 318 18.03 3.67 22.19
C ARG B 318 17.28 3.27 23.47
N CYS B 319 17.26 1.97 23.80
CA CYS B 319 16.63 1.50 25.03
C CYS B 319 17.41 1.95 26.27
N TYR B 320 18.73 2.00 26.13
CA TYR B 320 19.65 2.15 27.25
C TYR B 320 20.76 3.18 26.92
N PRO B 321 20.38 4.44 26.73
CA PRO B 321 21.33 5.47 26.27
C PRO B 321 22.50 5.70 27.21
N ASP B 322 22.34 5.39 28.49
CA ASP B 322 23.38 5.69 29.46
C ASP B 322 24.04 4.45 30.06
N ARG B 323 23.71 3.27 29.55
CA ARG B 323 24.27 2.06 30.11
C ARG B 323 25.77 1.95 29.75
N ILE B 324 26.55 1.26 30.59
CA ILE B 324 28.00 1.12 30.31
C ILE B 324 28.26 0.47 28.95
N THR B 325 27.37 -0.43 28.55
CA THR B 325 27.50 -1.08 27.27
C THR B 325 27.44 -0.06 26.14
N THR B 326 26.47 0.85 26.23
CA THR B 326 26.29 1.91 25.24
C THR B 326 27.47 2.86 25.25
N GLN B 327 27.92 3.22 26.45
CA GLN B 327 29.07 4.12 26.58
C GLN B 327 30.28 3.54 25.86
N ARG B 328 30.52 2.25 26.04
CA ARG B 328 31.75 1.66 25.47
C ARG B 328 31.66 1.48 23.95
N ILE B 329 30.46 1.21 23.44
CA ILE B 329 30.25 1.23 22.00
C ILE B 329 30.67 2.58 21.41
N ASN B 330 30.20 3.65 22.02
CA ASN B 330 30.49 5.00 21.54
C ASN B 330 31.96 5.34 21.72
N LYS B 331 32.50 5.01 22.89
CA LYS B 331 33.89 5.37 23.19
C LYS B 331 34.86 4.72 22.20
N GLU B 332 34.61 3.46 21.88
CA GLU B 332 35.48 2.69 21.00
C GLU B 332 34.99 2.69 19.54
N ASN B 333 33.98 3.51 19.24
CA ASN B 333 33.40 3.56 17.89
C ASN B 333 33.12 2.14 17.38
N ARG B 334 32.44 1.33 18.18
CA ARG B 334 32.22 -0.06 17.82
C ARG B 334 31.25 -0.22 16.63
N LEU B 335 30.50 0.82 16.30
CA LEU B 335 29.57 0.73 15.17
C LEU B 335 30.31 0.65 13.84
N ALA B 336 31.61 0.92 13.87
CA ALA B 336 32.45 0.80 12.69
C ALA B 336 32.55 -0.64 12.20
N HIS B 337 32.49 -1.59 13.14
CA HIS B 337 32.55 -3.02 12.80
C HIS B 337 31.40 -3.39 11.91
N LEU B 338 30.28 -2.73 12.12
CA LEU B 338 29.09 -3.01 11.36
C LEU B 338 29.32 -2.62 9.91
N GLU B 339 30.11 -1.57 9.70
CA GLU B 339 30.50 -1.19 8.34
C GLU B 339 31.39 -2.27 7.71
N ASP B 340 32.40 -2.72 8.45
CA ASP B 340 33.28 -3.79 7.97
C ASP B 340 32.45 -5.02 7.64
N LEU B 341 31.73 -5.53 8.63
CA LEU B 341 30.92 -6.73 8.45
C LEU B 341 29.93 -6.57 7.32
N LYS B 342 29.44 -5.35 7.12
CA LYS B 342 28.55 -5.07 6.00
C LYS B 342 29.26 -5.20 4.66
N ASN C 5 -18.86 16.32 -13.21
CA ASN C 5 -18.22 17.37 -13.99
C ASN C 5 -16.75 17.50 -13.61
N LEU C 6 -15.88 17.52 -14.62
CA LEU C 6 -14.44 17.65 -14.35
C LEU C 6 -14.12 19.04 -13.88
N GLN C 7 -13.01 19.17 -13.15
CA GLN C 7 -12.49 20.46 -12.76
C GLN C 7 -11.70 21.09 -13.88
N THR C 8 -11.78 22.41 -13.99
CA THR C 8 -11.10 23.15 -15.05
C THR C 8 -10.18 24.20 -14.40
N PHE C 9 -8.95 24.27 -14.89
CA PHE C 9 -7.95 25.21 -14.40
C PHE C 9 -7.38 26.02 -15.54
N GLU C 10 -6.87 27.20 -15.19
CA GLU C 10 -6.17 28.03 -16.12
C GLU C 10 -4.73 28.10 -15.70
N LEU C 11 -3.81 27.76 -16.58
CA LEU C 11 -2.40 27.81 -16.22
C LEU C 11 -1.84 29.20 -16.48
N PRO C 12 -0.93 29.66 -15.61
CA PRO C 12 -0.22 30.92 -15.89
C PRO C 12 0.78 30.72 -17.02
N THR C 13 1.14 31.80 -17.71
CA THR C 13 2.08 31.63 -18.81
C THR C 13 3.41 31.13 -18.30
N GLU C 14 3.85 31.68 -17.17
CA GLU C 14 5.07 31.22 -16.53
C GLU C 14 4.75 30.69 -15.16
N VAL C 15 5.44 29.63 -14.76
CA VAL C 15 5.37 29.08 -13.41
C VAL C 15 6.71 29.33 -12.73
N THR C 16 6.72 30.03 -11.59
CA THR C 16 7.98 30.42 -10.97
C THR C 16 8.16 29.91 -9.55
N GLY C 17 7.11 29.37 -8.95
CA GLY C 17 7.17 29.03 -7.55
C GLY C 17 6.49 29.99 -6.58
N CYS C 18 5.71 30.94 -7.08
CA CYS C 18 5.05 31.90 -6.20
C CYS C 18 3.88 31.24 -5.46
N ALA C 19 3.29 31.96 -4.51
CA ALA C 19 2.19 31.41 -3.72
C ALA C 19 1.04 30.86 -4.60
N ALA C 20 0.65 31.64 -5.60
CA ALA C 20 -0.45 31.21 -6.47
C ALA C 20 -0.07 29.92 -7.20
N ASP C 21 1.19 29.79 -7.59
CA ASP C 21 1.63 28.57 -8.29
C ASP C 21 1.56 27.37 -7.37
N ILE C 22 1.94 27.53 -6.12
CA ILE C 22 1.94 26.41 -5.20
C ILE C 22 0.49 25.96 -4.96
N SER C 23 -0.40 26.91 -4.72
CA SER C 23 -1.84 26.65 -4.52
CA SER C 23 -1.79 26.57 -4.50
C SER C 23 -2.43 25.89 -5.72
N LEU C 24 -2.08 26.37 -6.91
CA LEU C 24 -2.59 25.76 -8.14
C LEU C 24 -2.08 24.33 -8.25
N GLY C 25 -0.78 24.12 -8.06
CA GLY C 25 -0.20 22.79 -8.13
C GLY C 25 -0.86 21.84 -7.15
N ARG C 26 -1.13 22.29 -5.93
CA ARG C 26 -1.83 21.42 -5.00
C ARG C 26 -3.21 21.07 -5.50
N ALA C 27 -3.91 22.04 -6.06
CA ALA C 27 -5.24 21.77 -6.61
C ALA C 27 -5.20 20.77 -7.75
N LEU C 28 -4.19 20.83 -8.60
CA LEU C 28 -4.04 19.88 -9.69
C LEU C 28 -3.84 18.47 -9.18
N ILE C 29 -2.92 18.31 -8.22
CA ILE C 29 -2.67 17.00 -7.64
C ILE C 29 -3.93 16.46 -6.98
N GLN C 30 -4.66 17.31 -6.29
CA GLN C 30 -5.86 16.90 -5.60
C GLN C 30 -6.93 16.46 -6.60
N ALA C 31 -7.04 17.17 -7.73
CA ALA C 31 -7.98 16.79 -8.79
C ALA C 31 -7.60 15.45 -9.39
N TRP C 32 -6.32 15.21 -9.63
CA TRP C 32 -5.91 13.88 -10.09
C TRP C 32 -6.25 12.81 -9.06
N GLN C 33 -6.00 13.08 -7.79
CA GLN C 33 -6.24 12.09 -6.75
C GLN C 33 -7.72 11.79 -6.56
N LYS C 34 -8.57 12.75 -6.85
CA LYS C 34 -10.01 12.57 -6.72
C LYS C 34 -10.64 12.00 -8.00
N ASP C 35 -10.31 12.57 -9.14
CA ASP C 35 -11.04 12.33 -10.38
C ASP C 35 -10.21 11.61 -11.44
N GLY C 36 -8.90 11.59 -11.30
CA GLY C 36 -8.01 10.97 -12.25
C GLY C 36 -7.68 11.82 -13.46
N ILE C 37 -8.20 13.06 -13.54
CA ILE C 37 -8.11 13.90 -14.74
C ILE C 37 -8.59 15.28 -14.37
N PHE C 38 -8.15 16.28 -15.12
CA PHE C 38 -8.76 17.60 -15.06
C PHE C 38 -8.64 18.23 -16.42
N GLN C 39 -9.31 19.36 -16.60
CA GLN C 39 -9.26 20.15 -17.82
C GLN C 39 -8.41 21.38 -17.59
N ILE C 40 -7.73 21.81 -18.64
CA ILE C 40 -7.10 23.13 -18.67
C ILE C 40 -7.73 23.93 -19.80
N LYS C 41 -8.07 25.17 -19.48
N LYS C 41 -8.07 25.18 -19.50
CA LYS C 41 -8.62 26.07 -20.46
CA LYS C 41 -8.71 26.05 -20.45
C LYS C 41 -7.56 26.33 -21.52
C LYS C 41 -7.67 26.54 -21.46
N THR C 42 -7.98 26.42 -22.76
CA THR C 42 -7.06 26.85 -23.80
C THR C 42 -7.30 28.31 -24.17
N ASP C 43 -6.22 29.01 -24.48
CA ASP C 43 -6.37 30.35 -25.03
C ASP C 43 -6.53 30.32 -26.55
N SER C 44 -6.62 31.49 -27.17
CA SER C 44 -7.01 31.54 -28.58
C SER C 44 -5.98 30.84 -29.44
N GLU C 45 -4.70 31.00 -29.11
CA GLU C 45 -3.63 30.34 -29.87
C GLU C 45 -3.58 28.84 -29.63
N GLN C 46 -3.69 28.41 -28.39
CA GLN C 46 -3.75 26.98 -28.11
C GLN C 46 -4.91 26.35 -28.86
N ASP C 47 -6.05 27.03 -28.85
CA ASP C 47 -7.23 26.47 -29.49
C ASP C 47 -7.07 26.48 -31.01
N ARG C 48 -6.55 27.56 -31.58
CA ARG C 48 -6.35 27.61 -33.02
C ARG C 48 -5.42 26.50 -33.48
N LYS C 49 -4.33 26.26 -32.77
CA LYS C 49 -3.40 25.20 -33.14
C LYS C 49 -4.04 23.84 -33.03
N THR C 50 -4.88 23.63 -32.03
CA THR C 50 -5.60 22.37 -31.88
C THR C 50 -6.50 22.16 -33.09
N GLN C 51 -7.29 23.18 -33.46
CA GLN C 51 -8.23 22.99 -34.57
C GLN C 51 -7.52 22.74 -35.89
N GLU C 52 -6.37 23.36 -36.08
CA GLU C 52 -5.61 23.18 -37.30
C GLU C 52 -5.08 21.74 -37.35
N ALA C 53 -4.64 21.21 -36.22
CA ALA C 53 -4.18 19.82 -36.20
C ALA C 53 -5.34 18.88 -36.52
N MET C 54 -6.52 19.13 -35.96
CA MET C 54 -7.68 18.27 -36.25
C MET C 54 -8.02 18.34 -37.74
N ALA C 55 -7.97 19.53 -38.35
CA ALA C 55 -8.29 19.66 -39.76
C ALA C 55 -7.24 18.92 -40.60
N ALA C 56 -5.97 18.99 -40.21
CA ALA C 56 -4.90 18.33 -40.96
C ALA C 56 -5.10 16.81 -40.88
N SER C 57 -5.50 16.33 -39.72
CA SER C 57 -5.83 14.94 -39.52
C SER C 57 -6.96 14.47 -40.46
N LYS C 58 -8.05 15.23 -40.50
CA LYS C 58 -9.16 14.90 -41.41
C LYS C 58 -8.70 14.85 -42.86
N GLN C 59 -7.90 15.82 -43.27
CA GLN C 59 -7.43 15.87 -44.64
CA GLN C 59 -7.42 15.86 -44.64
C GLN C 59 -6.55 14.66 -44.97
N PHE C 60 -5.66 14.31 -44.06
CA PHE C 60 -4.77 13.17 -44.27
C PHE C 60 -5.58 11.88 -44.38
N CYS C 61 -6.54 11.68 -43.50
CA CYS C 61 -7.31 10.44 -43.53
C CYS C 61 -8.15 10.28 -44.80
N LYS C 62 -8.43 11.36 -45.50
CA LYS C 62 -9.13 11.28 -46.79
C LYS C 62 -8.21 10.83 -47.92
N GLU C 63 -6.90 10.77 -47.69
CA GLU C 63 -6.00 10.24 -48.71
C GLU C 63 -6.23 8.74 -48.90
N PRO C 64 -5.88 8.22 -50.09
CA PRO C 64 -6.08 6.78 -50.29
C PRO C 64 -5.20 5.96 -49.38
N LEU C 65 -5.68 4.78 -49.03
CA LEU C 65 -4.97 3.88 -48.19
C LEU C 65 -3.59 3.58 -48.72
N THR C 66 -3.39 3.48 -50.03
CA THR C 66 -2.05 3.23 -50.57
CA THR C 66 -2.06 3.22 -50.56
C THR C 66 -1.09 4.30 -50.12
N PHE C 67 -1.52 5.56 -50.19
CA PHE C 67 -0.65 6.64 -49.72
C PHE C 67 -0.44 6.62 -48.22
N LYS C 68 -1.51 6.47 -47.47
CA LYS C 68 -1.38 6.45 -46.02
C LYS C 68 -0.42 5.36 -45.55
N SER C 69 -0.58 4.18 -46.13
CA SER C 69 0.25 3.03 -45.75
C SER C 69 1.71 3.21 -46.16
N SER C 70 1.99 4.16 -47.04
CA SER C 70 3.37 4.46 -47.41
C SER C 70 4.04 5.34 -46.34
N CYS C 71 3.27 5.92 -45.44
CA CYS C 71 3.85 6.81 -44.42
C CYS C 71 4.27 5.99 -43.19
N VAL C 72 5.27 5.12 -43.39
CA VAL C 72 5.75 4.21 -42.36
CA VAL C 72 5.73 4.20 -42.36
C VAL C 72 7.26 4.21 -42.40
N SER C 73 7.89 3.82 -41.30
CA SER C 73 9.35 3.75 -41.23
C SER C 73 9.77 2.49 -40.49
N ASP C 74 10.88 1.87 -40.92
CA ASP C 74 11.46 0.78 -40.13
C ASP C 74 12.49 1.25 -39.10
N LEU C 75 12.64 2.57 -38.92
CA LEU C 75 13.54 3.12 -37.88
C LEU C 75 12.77 3.68 -36.69
N THR C 76 11.65 4.31 -36.96
CA THR C 76 10.87 4.97 -35.95
C THR C 76 9.44 4.45 -36.04
N TYR C 77 8.72 4.48 -34.93
CA TYR C 77 7.29 4.16 -34.93
C TYR C 77 6.42 5.29 -35.46
N SER C 78 7.02 6.44 -35.77
CA SER C 78 6.25 7.52 -36.38
C SER C 78 5.59 7.06 -37.68
N GLY C 79 4.40 7.61 -37.93
CA GLY C 79 3.66 7.36 -39.15
C GLY C 79 2.31 6.74 -38.93
N TYR C 80 1.82 6.15 -40.02
CA TYR C 80 0.45 5.67 -40.09
C TYR C 80 0.26 4.30 -39.45
N VAL C 81 -0.89 4.20 -38.77
CA VAL C 81 -1.41 2.96 -38.19
C VAL C 81 -2.78 2.77 -38.81
N ALA C 82 -3.00 1.65 -39.50
CA ALA C 82 -4.28 1.36 -40.11
C ALA C 82 -5.26 0.89 -39.03
N SER C 83 -6.56 1.02 -39.27
CA SER C 83 -7.54 0.39 -38.39
C SER C 83 -7.24 -1.09 -38.29
N GLY C 84 -7.21 -1.56 -37.06
CA GLY C 84 -6.93 -2.95 -36.78
C GLY C 84 -5.45 -3.31 -36.65
N GLU C 85 -4.56 -2.37 -36.90
CA GLU C 85 -3.12 -2.67 -36.83
C GLU C 85 -2.61 -2.67 -35.38
N GLU C 86 -3.07 -1.76 -34.54
CA GLU C 86 -2.59 -1.76 -33.16
C GLU C 86 -3.36 -2.77 -32.34
N VAL C 87 -2.67 -3.45 -31.43
CA VAL C 87 -3.33 -4.29 -30.45
C VAL C 87 -3.18 -3.75 -29.04
N THR C 88 -4.26 -3.84 -28.28
CA THR C 88 -4.28 -3.52 -26.87
C THR C 88 -4.77 -4.76 -26.14
N ALA C 89 -3.93 -5.32 -25.27
CA ALA C 89 -4.27 -6.57 -24.59
C ALA C 89 -4.67 -7.62 -25.61
N GLY C 90 -3.91 -7.70 -26.71
CA GLY C 90 -4.15 -8.69 -27.72
C GLY C 90 -5.28 -8.44 -28.69
N LYS C 91 -6.15 -7.46 -28.42
CA LYS C 91 -7.31 -7.24 -29.28
CA LYS C 91 -7.34 -7.21 -29.27
C LYS C 91 -7.08 -6.01 -30.16
N PRO C 92 -7.28 -6.13 -31.49
CA PRO C 92 -7.03 -4.97 -32.35
C PRO C 92 -7.97 -3.83 -32.08
N ASP C 93 -7.37 -2.65 -32.06
CA ASP C 93 -8.08 -1.38 -31.89
C ASP C 93 -8.56 -0.81 -33.24
N PHE C 94 -9.60 0.00 -33.21
CA PHE C 94 -10.21 0.52 -34.42
C PHE C 94 -9.65 1.82 -35.05
N PRO C 95 -8.99 2.73 -34.35
CA PRO C 95 -8.66 3.99 -35.02
C PRO C 95 -7.56 3.88 -36.07
N GLU C 96 -7.61 4.78 -37.04
CA GLU C 96 -6.43 5.13 -37.78
C GLU C 96 -5.65 6.11 -36.91
N ILE C 97 -4.33 6.01 -37.01
CA ILE C 97 -3.49 6.89 -36.22
C ILE C 97 -2.36 7.39 -37.07
N PHE C 98 -1.90 8.62 -36.81
CA PHE C 98 -0.60 9.05 -37.26
C PHE C 98 0.18 9.40 -36.02
N THR C 99 1.26 8.67 -35.80
CA THR C 99 2.10 8.89 -34.62
C THR C 99 3.25 9.79 -34.98
N VAL C 100 3.47 10.80 -34.14
CA VAL C 100 4.58 11.74 -34.32
C VAL C 100 5.51 11.61 -33.13
N CYS C 101 6.66 10.99 -33.36
CA CYS C 101 7.74 10.94 -32.36
CA CYS C 101 7.70 10.98 -32.33
C CYS C 101 8.80 11.96 -32.76
N LYS C 102 9.83 12.10 -31.93
CA LYS C 102 10.93 13.01 -32.22
C LYS C 102 11.42 12.86 -33.66
N ASP C 103 11.48 13.96 -34.38
CA ASP C 103 11.75 13.89 -35.81
C ASP C 103 13.26 14.04 -36.03
N LEU C 104 13.94 12.91 -36.07
CA LEU C 104 15.39 12.89 -36.15
C LEU C 104 15.84 12.43 -37.51
N SER C 105 16.62 13.28 -38.17
CA SER C 105 17.13 12.94 -39.48
C SER C 105 18.12 11.79 -39.38
N VAL C 106 18.42 11.17 -40.52
CA VAL C 106 19.40 10.10 -40.54
C VAL C 106 20.80 10.63 -40.18
N GLY C 107 20.95 11.94 -40.13
CA GLY C 107 22.21 12.57 -39.75
C GLY C 107 22.40 12.67 -38.25
N ASP C 108 21.34 12.40 -37.50
CA ASP C 108 21.42 12.45 -36.06
C ASP C 108 22.26 11.29 -35.54
N GLN C 109 23.13 11.57 -34.56
CA GLN C 109 24.04 10.54 -34.09
C GLN C 109 23.34 9.31 -33.51
N ARG C 110 22.17 9.50 -32.90
CA ARG C 110 21.42 8.38 -32.34
C ARG C 110 20.88 7.48 -33.43
N VAL C 111 20.46 8.07 -34.55
CA VAL C 111 19.94 7.31 -35.68
C VAL C 111 21.11 6.58 -36.33
N LYS C 112 22.23 7.28 -36.47
CA LYS C 112 23.42 6.67 -37.04
C LYS C 112 23.88 5.46 -36.22
N ALA C 113 23.81 5.55 -34.90
CA ALA C 113 24.16 4.44 -34.01
C ALA C 113 23.12 3.30 -33.94
N GLY C 114 21.96 3.50 -34.56
CA GLY C 114 20.92 2.47 -34.62
C GLY C 114 20.10 2.29 -33.36
N TRP C 115 19.97 3.34 -32.56
CA TRP C 115 19.15 3.25 -31.38
C TRP C 115 17.71 2.90 -31.75
N PRO C 116 17.08 2.03 -30.96
CA PRO C 116 15.70 1.67 -31.27
C PRO C 116 14.79 2.89 -31.21
N CYS C 117 13.88 2.98 -32.18
CA CYS C 117 12.80 3.95 -32.21
C CYS C 117 13.21 5.33 -32.72
N HIS C 118 14.49 5.52 -33.06
CA HIS C 118 15.01 6.82 -33.48
C HIS C 118 15.08 6.90 -35.01
N GLY C 119 14.42 7.90 -35.59
CA GLY C 119 14.48 8.13 -37.03
C GLY C 119 13.52 9.23 -37.47
N PRO C 120 13.50 9.53 -38.78
CA PRO C 120 12.72 10.68 -39.24
C PRO C 120 11.24 10.33 -39.43
N VAL C 121 10.37 11.25 -39.05
CA VAL C 121 8.95 11.08 -39.27
C VAL C 121 8.63 10.96 -40.77
N PRO C 122 7.87 9.93 -41.20
CA PRO C 122 7.49 9.84 -42.61
C PRO C 122 6.29 10.74 -42.87
N TRP C 123 6.52 12.04 -42.92
CA TRP C 123 5.44 13.00 -43.02
C TRP C 123 4.66 12.86 -44.31
N PRO C 124 3.34 13.10 -44.26
CA PRO C 124 2.59 13.06 -45.52
C PRO C 124 2.96 14.21 -46.45
N ASN C 125 3.25 15.36 -45.87
CA ASN C 125 3.61 16.57 -46.62
C ASN C 125 4.05 17.63 -45.59
N ASN C 126 4.62 18.73 -46.08
CA ASN C 126 5.21 19.76 -45.23
C ASN C 126 4.16 20.56 -44.50
N THR C 127 2.95 20.65 -45.05
CA THR C 127 1.90 21.47 -44.45
C THR C 127 1.36 20.75 -43.21
N TYR C 128 1.17 19.46 -43.30
CA TYR C 128 0.78 18.61 -42.19
C TYR C 128 1.89 18.66 -41.15
N GLN C 129 3.13 18.50 -41.58
CA GLN C 129 4.27 18.58 -40.68
C GLN C 129 4.24 19.86 -39.84
N LYS C 130 4.05 21.00 -40.50
CA LYS C 130 4.08 22.28 -39.78
C LYS C 130 2.94 22.35 -38.77
N SER C 131 1.75 21.91 -39.16
CA SER C 131 0.62 21.93 -38.27
C SER C 131 0.91 21.13 -37.02
N MET C 132 1.47 19.95 -37.18
CA MET C 132 1.68 19.07 -36.05
C MET C 132 2.85 19.56 -35.21
N LYS C 133 3.91 20.04 -35.83
CA LYS C 133 5.06 20.51 -35.06
C LYS C 133 4.68 21.75 -34.23
N THR C 134 3.96 22.67 -34.83
CA THR C 134 3.49 23.85 -34.10
C THR C 134 2.60 23.46 -32.92
N PHE C 135 1.69 22.52 -33.15
CA PHE C 135 0.80 22.07 -32.08
C PHE C 135 1.60 21.44 -30.94
N MET C 136 2.56 20.58 -31.29
CA MET C 136 3.35 19.89 -30.29
C MET C 136 4.24 20.85 -29.52
N GLU C 137 4.73 21.91 -30.14
CA GLU C 137 5.52 22.88 -29.40
C GLU C 137 4.64 23.55 -28.37
N GLU C 138 3.43 23.93 -28.74
CA GLU C 138 2.51 24.56 -27.80
C GLU C 138 2.15 23.57 -26.67
N LEU C 139 1.88 22.32 -27.01
CA LEU C 139 1.54 21.30 -26.01
C LEU C 139 2.72 21.15 -25.03
N GLY C 140 3.93 21.22 -25.56
CA GLY C 140 5.13 21.10 -24.73
C GLY C 140 5.26 22.21 -23.72
N LEU C 141 4.94 23.43 -24.12
CA LEU C 141 4.94 24.53 -23.19
C LEU C 141 3.98 24.28 -22.05
N ALA C 142 2.81 23.71 -22.36
CA ALA C 142 1.87 23.36 -21.30
C ALA C 142 2.39 22.24 -20.43
N GLY C 143 2.97 21.20 -21.04
CA GLY C 143 3.55 20.10 -20.29
C GLY C 143 4.57 20.58 -19.26
N GLU C 144 5.44 21.51 -19.66
CA GLU C 144 6.47 21.99 -18.76
C GLU C 144 5.83 22.74 -17.60
N ARG C 145 4.85 23.60 -17.87
CA ARG C 145 4.15 24.31 -16.79
C ARG C 145 3.53 23.34 -15.83
N LEU C 146 2.87 22.32 -16.37
CA LEU C 146 2.21 21.32 -15.55
C LEU C 146 3.19 20.56 -14.67
N LEU C 147 4.37 20.25 -15.21
CA LEU C 147 5.36 19.54 -14.42
C LEU C 147 5.96 20.40 -13.30
N LYS C 148 6.11 21.69 -13.55
CA LYS C 148 6.63 22.60 -12.52
C LYS C 148 5.58 22.70 -11.42
N LEU C 149 4.31 22.85 -11.80
CA LEU C 149 3.20 22.90 -10.83
C LEU C 149 3.10 21.63 -10.01
N THR C 150 3.29 20.49 -10.65
CA THR C 150 3.19 19.20 -9.96
C THR C 150 4.29 19.08 -8.89
N ALA C 151 5.51 19.45 -9.25
CA ALA C 151 6.61 19.50 -8.30
C ALA C 151 6.28 20.39 -7.12
N LEU C 152 5.82 21.60 -7.40
CA LEU C 152 5.51 22.55 -6.34
C LEU C 152 4.43 21.99 -5.44
N GLY C 153 3.44 21.31 -6.02
CA GLY C 153 2.35 20.77 -5.25
C GLY C 153 2.73 19.65 -4.31
N PHE C 154 3.87 19.01 -4.58
CA PHE C 154 4.43 18.00 -3.69
C PHE C 154 5.55 18.54 -2.81
N GLU C 155 5.72 19.86 -2.76
CA GLU C 155 6.81 20.49 -2.01
C GLU C 155 8.19 20.04 -2.43
N LEU C 156 8.33 19.77 -3.71
CA LEU C 156 9.61 19.37 -4.29
C LEU C 156 10.23 20.54 -5.03
N PRO C 157 11.55 20.48 -5.22
CA PRO C 157 12.21 21.50 -6.05
C PRO C 157 11.50 21.63 -7.39
N ILE C 158 11.29 22.86 -7.84
CA ILE C 158 10.50 23.14 -9.04
C ILE C 158 10.96 22.39 -10.29
N ASN C 159 12.24 22.09 -10.40
CA ASN C 159 12.79 21.44 -11.59
C ASN C 159 12.85 19.92 -11.50
N THR C 160 12.22 19.33 -10.47
CA THR C 160 12.32 17.89 -10.22
C THR C 160 11.98 17.06 -11.46
N PHE C 161 10.85 17.38 -12.09
CA PHE C 161 10.40 16.61 -13.25
C PHE C 161 10.93 17.18 -14.56
N THR C 162 11.03 18.49 -14.68
CA THR C 162 11.57 19.07 -15.91
C THR C 162 13.05 18.71 -16.13
N ASP C 163 13.78 18.38 -15.06
CA ASP C 163 15.14 17.91 -15.21
C ASP C 163 15.22 16.59 -15.97
N LEU C 164 14.09 15.87 -16.04
CA LEU C 164 14.02 14.61 -16.77
C LEU C 164 13.56 14.81 -18.20
N THR C 165 13.00 15.97 -18.54
CA THR C 165 12.36 16.14 -19.85
C THR C 165 13.19 17.02 -20.78
N ARG C 166 14.44 17.33 -20.45
CA ARG C 166 15.30 17.99 -21.42
CA ARG C 166 15.27 18.01 -21.42
C ARG C 166 15.44 17.08 -22.63
N ASP C 167 15.15 17.62 -23.82
CA ASP C 167 15.08 16.85 -25.06
C ASP C 167 14.19 15.61 -24.86
N GLY C 168 13.10 15.80 -24.15
CA GLY C 168 12.19 14.73 -23.78
C GLY C 168 11.63 14.03 -25.01
N TRP C 169 11.28 12.76 -24.84
CA TRP C 169 10.78 11.94 -25.95
C TRP C 169 9.29 12.18 -26.16
N HIS C 170 8.94 13.44 -26.32
CA HIS C 170 7.55 13.82 -26.46
C HIS C 170 7.02 13.22 -27.75
N HIS C 171 5.77 12.81 -27.75
CA HIS C 171 5.19 12.28 -28.98
C HIS C 171 3.69 12.47 -28.94
N MET C 172 3.04 12.21 -30.08
CA MET C 172 1.60 12.45 -30.18
C MET C 172 0.98 11.41 -31.07
N ARG C 173 -0.20 10.96 -30.68
CA ARG C 173 -1.04 10.10 -31.51
C ARG C 173 -2.20 10.96 -32.05
N VAL C 174 -2.30 11.04 -33.38
CA VAL C 174 -3.32 11.82 -34.05
C VAL C 174 -4.33 10.79 -34.56
N LEU C 175 -5.49 10.74 -33.93
CA LEU C 175 -6.42 9.62 -34.07
C LEU C 175 -7.68 9.98 -34.84
N ARG C 176 -8.13 9.04 -35.66
CA ARG C 176 -9.48 9.10 -36.24
C ARG C 176 -10.19 7.78 -36.02
N PHE C 177 -11.24 7.82 -35.21
CA PHE C 177 -12.05 6.63 -35.00
C PHE C 177 -13.17 6.59 -36.02
N PRO C 178 -13.43 5.43 -36.63
CA PRO C 178 -14.63 5.33 -37.46
C PRO C 178 -15.87 5.40 -36.61
N PRO C 179 -16.99 5.73 -37.22
CA PRO C 179 -18.22 5.49 -36.48
C PRO C 179 -18.43 4.00 -36.24
N GLN C 180 -19.26 3.68 -35.27
CA GLN C 180 -19.69 2.30 -35.06
C GLN C 180 -20.46 1.81 -36.27
N THR C 181 -20.15 0.58 -36.68
CA THR C 181 -20.75 -0.02 -37.85
C THR C 181 -21.35 -1.40 -37.60
N SER C 182 -21.32 -1.88 -36.37
CA SER C 182 -21.92 -3.18 -36.01
C SER C 182 -22.11 -3.11 -34.50
N THR C 183 -22.31 -4.26 -33.85
CA THR C 183 -22.42 -4.27 -32.41
C THR C 183 -21.09 -4.02 -31.72
N LEU C 184 -19.99 -4.05 -32.46
CA LEU C 184 -18.66 -3.82 -31.87
C LEU C 184 -18.47 -2.34 -31.60
N SER C 185 -18.11 -2.01 -30.36
CA SER C 185 -17.95 -0.61 -29.97
C SER C 185 -16.62 -0.31 -29.29
N ARG C 186 -15.74 -1.27 -29.16
CA ARG C 186 -14.45 -1.07 -28.48
C ARG C 186 -13.45 -0.36 -29.39
N GLY C 187 -13.29 0.94 -29.24
CA GLY C 187 -12.39 1.68 -30.08
C GLY C 187 -10.93 1.43 -29.75
N ILE C 188 -10.62 1.63 -28.45
CA ILE C 188 -9.33 1.26 -27.84
C ILE C 188 -9.68 0.63 -26.50
N GLY C 189 -9.06 -0.50 -26.20
CA GLY C 189 -9.22 -1.11 -24.91
C GLY C 189 -8.65 -0.30 -23.76
N ALA C 190 -9.01 -0.68 -22.55
CA ALA C 190 -8.46 -0.05 -21.37
C ALA C 190 -6.93 -0.13 -21.36
N HIS C 191 -6.27 0.97 -20.98
CA HIS C 191 -4.83 0.98 -20.90
C HIS C 191 -4.42 2.20 -20.09
N THR C 192 -3.14 2.24 -19.76
CA THR C 192 -2.54 3.44 -19.24
C THR C 192 -1.42 3.85 -20.17
N ASP C 193 -1.13 5.14 -20.26
CA ASP C 193 -0.01 5.56 -21.09
CA ASP C 193 -0.04 5.68 -21.06
C ASP C 193 1.25 5.70 -20.24
N TYR C 194 2.36 5.98 -20.92
CA TYR C 194 3.67 5.46 -20.46
C TYR C 194 4.63 6.44 -19.84
N GLY C 195 4.39 7.73 -19.99
CA GLY C 195 5.35 8.74 -19.61
C GLY C 195 4.92 9.54 -18.40
N LEU C 196 5.17 10.85 -18.42
CA LEU C 196 4.85 11.68 -17.26
C LEU C 196 3.40 12.16 -17.31
N LEU C 197 3.02 12.83 -18.40
CA LEU C 197 1.72 13.43 -18.56
C LEU C 197 1.14 13.10 -19.89
N VAL C 198 -0.19 13.08 -19.94
CA VAL C 198 -0.95 12.98 -21.18
C VAL C 198 -1.82 14.21 -21.29
N ILE C 199 -1.66 14.97 -22.38
CA ILE C 199 -2.50 16.14 -22.66
C ILE C 199 -3.30 15.77 -23.90
N ALA C 200 -4.62 15.82 -23.81
CA ALA C 200 -5.44 15.33 -24.90
C ALA C 200 -6.47 16.36 -25.30
N ALA C 201 -6.79 16.33 -26.59
CA ALA C 201 -7.80 17.16 -27.20
C ALA C 201 -8.73 16.26 -27.99
N GLN C 202 -10.00 16.65 -28.05
CA GLN C 202 -10.95 15.88 -28.81
C GLN C 202 -11.95 16.81 -29.46
N ASP C 203 -12.61 16.31 -30.52
CA ASP C 203 -13.67 17.07 -31.16
C ASP C 203 -14.98 16.93 -30.37
N ASP C 204 -16.10 17.31 -30.97
CA ASP C 204 -17.36 17.32 -30.26
C ASP C 204 -18.09 15.98 -30.16
N VAL C 205 -17.51 14.92 -30.72
CA VAL C 205 -18.24 13.66 -30.84
C VAL C 205 -18.34 12.88 -29.55
N GLY C 206 -17.20 12.66 -28.91
CA GLY C 206 -17.20 11.95 -27.64
C GLY C 206 -16.97 10.45 -27.70
N GLY C 207 -16.25 9.95 -26.72
CA GLY C 207 -16.00 8.53 -26.63
C GLY C 207 -14.88 8.15 -25.68
N LEU C 208 -14.20 9.10 -25.05
CA LEU C 208 -13.15 8.78 -24.10
C LEU C 208 -13.74 8.57 -22.71
N TYR C 209 -13.29 7.51 -22.05
CA TYR C 209 -13.67 7.18 -20.66
C TYR C 209 -12.40 6.99 -19.86
N ILE C 210 -12.39 7.48 -18.62
CA ILE C 210 -11.23 7.36 -17.74
C ILE C 210 -11.66 6.77 -16.41
N ARG C 211 -10.75 6.11 -15.74
CA ARG C 211 -11.05 5.52 -14.44
C ARG C 211 -10.39 6.36 -13.34
N PRO C 212 -11.18 6.91 -12.42
CA PRO C 212 -10.57 7.61 -11.29
C PRO C 212 -9.93 6.67 -10.33
N PRO C 213 -9.13 7.21 -9.41
CA PRO C 213 -8.62 6.37 -8.33
C PRO C 213 -9.81 5.78 -7.59
N VAL C 214 -9.67 4.52 -7.16
CA VAL C 214 -10.74 3.82 -6.44
C VAL C 214 -10.18 3.36 -5.10
N GLU C 215 -10.82 3.76 -3.99
CA GLU C 215 -10.30 3.36 -2.69
C GLU C 215 -10.27 1.84 -2.57
N GLY C 216 -9.13 1.33 -2.16
CA GLY C 216 -8.96 -0.11 -1.99
C GLY C 216 -8.55 -0.84 -3.24
N GLU C 217 -8.61 -0.18 -4.40
CA GLU C 217 -8.28 -0.84 -5.64
C GLU C 217 -6.79 -0.75 -5.97
N LYS C 218 -6.09 -1.85 -5.89
CA LYS C 218 -4.69 -1.91 -6.25
C LYS C 218 -4.55 -1.72 -7.76
N ARG C 219 -3.46 -1.11 -8.20
CA ARG C 219 -3.21 -0.91 -9.61
C ARG C 219 -1.93 -1.59 -10.09
N ASN C 220 -2.00 -2.19 -11.28
CA ASN C 220 -0.84 -2.80 -11.88
C ASN C 220 0.20 -1.71 -12.17
N ARG C 221 1.45 -2.12 -12.11
CA ARG C 221 2.56 -1.26 -12.47
C ARG C 221 2.98 -1.62 -13.90
N ASN C 222 2.47 -0.85 -14.87
CA ASN C 222 2.54 -1.23 -16.28
C ASN C 222 3.98 -1.24 -16.82
N TRP C 223 4.92 -0.66 -16.07
CA TRP C 223 6.34 -0.74 -16.43
C TRP C 223 6.98 -2.08 -16.12
N LEU C 224 6.25 -2.95 -15.43
CA LEU C 224 6.75 -4.30 -15.16
C LEU C 224 6.12 -5.33 -16.12
N PRO C 225 6.95 -6.21 -16.72
CA PRO C 225 6.46 -7.17 -17.72
C PRO C 225 5.23 -7.99 -17.28
N GLY C 226 5.15 -8.33 -16.00
CA GLY C 226 4.05 -9.16 -15.52
C GLY C 226 2.86 -8.41 -14.95
N GLU C 227 2.87 -7.09 -15.10
CA GLU C 227 1.79 -6.25 -14.59
C GLU C 227 1.29 -5.26 -15.64
N SER C 228 1.08 -5.73 -16.86
CA SER C 228 0.47 -4.86 -17.85
C SER C 228 -0.86 -4.31 -17.38
N SER C 229 -1.08 -3.03 -17.60
CA SER C 229 -2.39 -2.45 -17.34
C SER C 229 -3.38 -2.59 -18.49
N ALA C 230 -2.94 -3.12 -19.62
CA ALA C 230 -3.81 -3.24 -20.78
C ALA C 230 -4.96 -4.18 -20.44
N GLY C 231 -6.19 -3.74 -20.75
CA GLY C 231 -7.39 -4.54 -20.49
C GLY C 231 -7.92 -4.55 -19.06
N MET C 232 -7.16 -4.01 -18.12
CA MET C 232 -7.54 -4.11 -16.72
C MET C 232 -8.73 -3.20 -16.42
N PHE C 233 -9.71 -3.76 -15.72
CA PHE C 233 -10.95 -3.08 -15.28
C PHE C 233 -11.91 -2.72 -16.41
N GLU C 234 -11.64 -3.21 -17.60
CA GLU C 234 -12.33 -2.70 -18.77
C GLU C 234 -13.86 -2.78 -18.70
N HIS C 235 -14.39 -3.81 -18.04
CA HIS C 235 -15.84 -4.01 -17.95
C HIS C 235 -16.44 -3.84 -16.58
N ASP C 236 -15.71 -3.16 -15.68
CA ASP C 236 -16.17 -2.87 -14.35
C ASP C 236 -16.15 -1.38 -14.09
N GLU C 237 -17.18 -0.90 -13.42
CA GLU C 237 -17.21 0.49 -13.00
C GLU C 237 -16.15 0.75 -11.95
N PRO C 238 -15.79 2.03 -11.74
CA PRO C 238 -16.28 3.23 -12.43
C PRO C 238 -15.47 3.63 -13.65
N TRP C 239 -16.21 4.08 -14.64
CA TRP C 239 -15.65 4.72 -15.81
C TRP C 239 -16.36 6.06 -15.96
N THR C 240 -15.57 7.13 -16.00
CA THR C 240 -16.05 8.50 -16.17
C THR C 240 -16.01 8.86 -17.65
N PHE C 241 -17.15 9.28 -18.18
CA PHE C 241 -17.19 9.81 -19.55
C PHE C 241 -16.59 11.21 -19.60
N VAL C 242 -15.66 11.44 -20.48
CA VAL C 242 -15.02 12.76 -20.62
C VAL C 242 -15.81 13.56 -21.63
N THR C 243 -16.76 14.31 -21.11
CA THR C 243 -17.69 15.02 -21.96
C THR C 243 -16.95 16.02 -22.83
N PRO C 244 -17.17 16.01 -24.15
CA PRO C 244 -16.54 17.01 -25.00
C PRO C 244 -16.99 18.39 -24.57
N THR C 245 -16.04 19.30 -24.46
CA THR C 245 -16.28 20.66 -24.00
C THR C 245 -15.40 21.57 -24.86
N PRO C 246 -15.97 22.63 -25.43
CA PRO C 246 -15.12 23.52 -26.20
C PRO C 246 -14.02 24.18 -25.37
N GLY C 247 -12.87 24.39 -25.96
CA GLY C 247 -11.84 25.23 -25.38
C GLY C 247 -11.13 24.67 -24.17
N VAL C 248 -10.97 23.37 -24.13
CA VAL C 248 -10.15 22.74 -23.08
C VAL C 248 -9.26 21.65 -23.66
N TRP C 249 -8.20 21.33 -22.95
CA TRP C 249 -7.49 20.07 -23.08
C TRP C 249 -7.69 19.29 -21.79
N THR C 250 -7.58 17.99 -21.82
CA THR C 250 -7.58 17.24 -20.57
C THR C 250 -6.17 16.82 -20.25
N VAL C 251 -5.90 16.55 -18.97
CA VAL C 251 -4.57 16.16 -18.53
C VAL C 251 -4.70 15.03 -17.51
N PHE C 252 -3.91 13.97 -17.67
CA PHE C 252 -3.83 12.93 -16.66
C PHE C 252 -2.43 12.34 -16.59
N PRO C 253 -2.11 11.69 -15.47
CA PRO C 253 -0.78 11.11 -15.31
C PRO C 253 -0.53 9.85 -16.12
N GLY C 254 0.73 9.64 -16.49
CA GLY C 254 1.19 8.40 -17.08
C GLY C 254 2.01 7.56 -16.09
N ASP C 255 2.53 6.46 -16.61
CA ASP C 255 3.17 5.43 -15.79
C ASP C 255 4.33 6.01 -14.97
N ILE C 256 5.13 6.87 -15.56
CA ILE C 256 6.31 7.39 -14.84
C ILE C 256 5.90 8.21 -13.62
N LEU C 257 4.81 8.98 -13.74
CA LEU C 257 4.35 9.72 -12.56
C LEU C 257 3.85 8.79 -11.48
N GLN C 258 3.25 7.67 -11.84
CA GLN C 258 2.79 6.72 -10.84
C GLN C 258 4.01 6.15 -10.12
N PHE C 259 5.03 5.76 -10.88
CA PHE C 259 6.21 5.16 -10.31
C PHE C 259 6.93 6.16 -9.40
N MET C 260 7.16 7.38 -9.90
CA MET C 260 7.99 8.34 -9.18
C MET C 260 7.31 8.77 -7.89
N THR C 261 5.99 8.86 -7.91
CA THR C 261 5.26 9.26 -6.71
C THR C 261 4.85 8.12 -5.81
N GLY C 262 5.26 6.90 -6.14
CA GLY C 262 4.91 5.74 -5.34
C GLY C 262 3.42 5.52 -5.27
N GLY C 263 2.71 5.87 -6.33
CA GLY C 263 1.28 5.68 -6.36
C GLY C 263 0.44 6.76 -5.71
N GLN C 264 1.07 7.81 -5.19
CA GLN C 264 0.27 8.95 -4.73
C GLN C 264 -0.51 9.59 -5.90
N LEU C 265 0.08 9.54 -7.10
CA LEU C 265 -0.64 9.70 -8.37
C LEU C 265 -0.66 8.33 -9.03
N LEU C 266 -1.74 8.05 -9.73
CA LEU C 266 -1.90 6.82 -10.51
C LEU C 266 -1.97 7.16 -11.99
N SER C 267 -1.35 6.31 -12.79
CA SER C 267 -1.47 6.41 -14.23
C SER C 267 -2.92 6.13 -14.60
N THR C 268 -3.64 7.09 -15.17
CA THR C 268 -5.09 6.98 -15.28
C THR C 268 -5.46 5.96 -16.35
N PRO C 269 -6.17 4.88 -15.98
CA PRO C 269 -6.67 3.98 -17.03
C PRO C 269 -7.71 4.69 -17.86
N HIS C 270 -7.73 4.38 -19.15
CA HIS C 270 -8.70 4.98 -20.05
C HIS C 270 -8.92 4.09 -21.26
N LYS C 271 -10.00 4.38 -21.95
CA LYS C 271 -10.48 3.57 -23.08
C LYS C 271 -11.35 4.45 -23.95
N VAL C 272 -11.61 4.01 -25.18
CA VAL C 272 -12.45 4.75 -26.10
C VAL C 272 -13.50 3.83 -26.68
N LYS C 273 -14.72 4.34 -26.72
CA LYS C 273 -15.85 3.68 -27.35
C LYS C 273 -16.14 4.38 -28.67
N LEU C 274 -16.47 3.60 -29.69
CA LEU C 274 -16.93 4.15 -30.98
C LEU C 274 -18.26 4.84 -30.77
N ASN C 275 -18.50 5.87 -31.55
CA ASN C 275 -19.74 6.63 -31.48
C ASN C 275 -20.48 6.57 -32.82
N THR C 276 -21.59 7.29 -32.97
CA THR C 276 -22.39 7.23 -34.19
C THR C 276 -21.72 7.96 -35.34
N ARG C 277 -20.79 8.85 -35.04
CA ARG C 277 -20.01 9.56 -36.03
C ARG C 277 -18.54 9.28 -35.86
N GLU C 278 -17.77 9.50 -36.92
CA GLU C 278 -16.31 9.54 -36.87
CA GLU C 278 -16.33 9.44 -36.78
C GLU C 278 -15.88 10.48 -35.75
N ARG C 279 -14.77 10.18 -35.10
CA ARG C 279 -14.27 11.00 -34.01
C ARG C 279 -12.80 11.25 -34.16
N PHE C 280 -12.44 12.54 -34.11
CA PHE C 280 -11.05 12.95 -34.12
C PHE C 280 -10.59 13.35 -32.72
N ALA C 281 -9.39 12.90 -32.40
CA ALA C 281 -8.77 13.25 -31.14
C ALA C 281 -7.26 13.25 -31.32
N CYS C 282 -6.59 14.00 -30.45
CA CYS C 282 -5.13 13.99 -30.42
C CYS C 282 -4.69 13.74 -28.98
N ALA C 283 -3.78 12.81 -28.78
CA ALA C 283 -3.26 12.53 -27.46
C ALA C 283 -1.77 12.79 -27.50
N TYR C 284 -1.33 13.69 -26.62
CA TYR C 284 0.05 14.13 -26.55
C TYR C 284 0.69 13.61 -25.26
N PHE C 285 1.92 13.13 -25.39
CA PHE C 285 2.65 12.47 -24.31
C PHE C 285 3.87 13.29 -24.00
N HIS C 286 3.90 13.86 -22.80
CA HIS C 286 5.02 14.66 -22.35
C HIS C 286 5.91 13.75 -21.53
N GLU C 287 7.05 13.39 -22.10
CA GLU C 287 7.84 12.25 -21.66
C GLU C 287 9.21 12.65 -21.17
N PRO C 288 9.79 11.79 -20.31
CA PRO C 288 11.23 11.94 -20.07
C PRO C 288 12.08 11.82 -21.35
N ASN C 289 13.29 12.30 -21.31
CA ASN C 289 14.32 11.93 -22.29
C ASN C 289 14.38 10.41 -22.43
N PHE C 290 14.64 9.94 -23.64
CA PHE C 290 14.75 8.51 -23.92
C PHE C 290 15.78 7.84 -23.01
N GLU C 291 16.82 8.58 -22.63
CA GLU C 291 17.89 8.04 -21.81
C GLU C 291 17.68 8.23 -20.32
N ALA C 292 16.62 8.94 -19.95
CA ALA C 292 16.39 9.24 -18.53
C ALA C 292 15.98 8.01 -17.74
N SER C 293 16.46 7.96 -16.51
CA SER C 293 16.08 6.94 -15.55
CA SER C 293 16.04 6.94 -15.57
C SER C 293 15.25 7.59 -14.46
N ALA C 294 13.96 7.28 -14.41
CA ALA C 294 13.07 7.77 -13.37
C ALA C 294 13.34 7.00 -12.06
N TYR C 295 13.11 7.64 -10.94
CA TYR C 295 13.47 7.12 -9.63
C TYR C 295 12.37 7.47 -8.64
N PRO C 296 12.26 6.72 -7.54
CA PRO C 296 11.25 7.04 -6.53
C PRO C 296 11.59 8.33 -5.80
N LEU C 297 10.63 9.24 -5.73
CA LEU C 297 10.82 10.51 -5.07
C LEU C 297 10.75 10.39 -3.55
N PHE C 298 9.90 9.50 -3.06
CA PHE C 298 9.59 9.50 -1.62
C PHE C 298 10.18 8.28 -0.92
N GLU C 299 11.19 7.68 -1.56
CA GLU C 299 12.01 6.64 -0.93
C GLU C 299 13.42 6.77 -1.50
N PRO C 300 14.23 7.71 -0.96
CA PRO C 300 15.49 8.16 -1.59
C PRO C 300 16.57 7.09 -1.75
N SER C 301 16.50 6.00 -0.99
CA SER C 301 17.53 4.97 -1.05
C SER C 301 17.15 3.82 -1.97
N ALA C 302 15.89 3.77 -2.39
CA ALA C 302 15.40 2.69 -3.25
C ALA C 302 16.17 2.69 -4.57
N ASN C 303 16.63 1.51 -4.96
CA ASN C 303 17.46 1.37 -6.17
C ASN C 303 16.62 1.15 -7.43
N GLU C 304 15.32 0.97 -7.27
CA GLU C 304 14.44 0.71 -8.42
C GLU C 304 14.47 1.93 -9.33
N ARG C 305 14.51 1.67 -10.63
CA ARG C 305 14.46 2.71 -11.63
C ARG C 305 13.58 2.28 -12.77
N ILE C 306 13.11 3.22 -13.56
CA ILE C 306 12.59 2.90 -14.87
C ILE C 306 13.44 3.61 -15.88
N HIS C 307 14.07 2.84 -16.77
CA HIS C 307 14.71 3.46 -17.90
C HIS C 307 13.60 3.82 -18.89
N TYR C 308 13.38 5.11 -19.13
CA TYR C 308 12.18 5.49 -19.89
C TYR C 308 12.20 4.94 -21.32
N GLY C 309 13.33 5.09 -22.02
CA GLY C 309 13.40 4.59 -23.39
C GLY C 309 13.13 3.10 -23.49
N GLU C 310 13.55 2.34 -22.48
CA GLU C 310 13.31 0.91 -22.46
C GLU C 310 11.79 0.66 -22.37
N HIS C 311 11.12 1.45 -21.53
CA HIS C 311 9.68 1.28 -21.34
C HIS C 311 8.94 1.64 -22.64
N PHE C 312 9.27 2.79 -23.21
CA PHE C 312 8.68 3.18 -24.50
C PHE C 312 8.85 2.08 -25.53
N THR C 313 10.08 1.57 -25.66
CA THR C 313 10.37 0.59 -26.70
C THR C 313 9.58 -0.71 -26.44
N ASN C 314 9.59 -1.19 -25.21
CA ASN C 314 8.81 -2.38 -24.87
C ASN C 314 7.34 -2.19 -25.20
N MET C 315 6.80 -1.00 -24.90
CA MET C 315 5.39 -0.75 -25.14
C MET C 315 5.08 -0.73 -26.64
N PHE C 316 5.88 0.01 -27.42
CA PHE C 316 5.57 0.12 -28.84
C PHE C 316 5.77 -1.22 -29.55
N MET C 317 6.70 -2.04 -29.09
CA MET C 317 6.82 -3.38 -29.64
C MET C 317 5.59 -4.22 -29.35
N ARG C 318 4.98 -4.06 -28.18
CA ARG C 318 3.77 -4.82 -27.88
C ARG C 318 2.56 -4.29 -28.63
N CYS C 319 2.53 -3.00 -28.93
CA CYS C 319 1.41 -2.41 -29.66
C CYS C 319 1.41 -2.88 -31.13
N TYR C 320 2.61 -3.08 -31.66
CA TYR C 320 2.83 -3.26 -33.11
C TYR C 320 3.76 -4.44 -33.39
N PRO C 321 3.35 -5.65 -33.00
CA PRO C 321 4.26 -6.80 -33.04
C PRO C 321 4.76 -7.13 -34.44
N ASP C 322 4.01 -6.75 -35.47
CA ASP C 322 4.31 -7.15 -36.85
C ASP C 322 4.80 -5.99 -37.70
N ARG C 323 4.92 -4.81 -37.11
CA ARG C 323 5.28 -3.64 -37.91
C ARG C 323 6.75 -3.73 -38.34
N ILE C 324 7.08 -3.11 -39.47
CA ILE C 324 8.45 -3.18 -39.97
C ILE C 324 9.44 -2.64 -38.93
N THR C 325 8.99 -1.68 -38.11
CA THR C 325 9.83 -1.09 -37.08
C THR C 325 10.25 -2.14 -36.06
N THR C 326 9.28 -2.92 -35.63
CA THR C 326 9.53 -3.98 -34.65
C THR C 326 10.40 -5.07 -35.25
N GLN C 327 10.12 -5.43 -36.50
CA GLN C 327 10.92 -6.45 -37.19
C GLN C 327 12.38 -6.08 -37.22
N ARG C 328 12.67 -4.82 -37.54
CA ARG C 328 14.05 -4.37 -37.65
C ARG C 328 14.72 -4.28 -36.27
N ILE C 329 13.97 -3.91 -35.24
CA ILE C 329 14.52 -3.96 -33.88
C ILE C 329 15.00 -5.38 -33.57
N ASN C 330 14.18 -6.38 -33.89
CA ASN C 330 14.51 -7.75 -33.53
C ASN C 330 15.67 -8.24 -34.41
N LYS C 331 15.58 -7.95 -35.71
CA LYS C 331 16.57 -8.44 -36.66
C LYS C 331 17.97 -7.92 -36.33
N GLU C 332 18.04 -6.66 -35.92
CA GLU C 332 19.32 -6.01 -35.67
C GLU C 332 19.65 -5.97 -34.19
N ASN C 333 18.86 -6.66 -33.39
CA ASN C 333 19.09 -6.72 -31.95
C ASN C 333 19.28 -5.31 -31.38
N ARG C 334 18.37 -4.40 -31.72
CA ARG C 334 18.54 -3.00 -31.34
C ARG C 334 18.29 -2.77 -29.85
N LEU C 335 17.64 -3.74 -29.20
CA LEU C 335 17.44 -3.66 -27.76
C LEU C 335 18.77 -3.70 -27.02
N ALA C 336 19.80 -4.28 -27.64
CA ALA C 336 21.14 -4.27 -27.05
C ALA C 336 21.61 -2.86 -26.70
N HIS C 337 21.18 -1.85 -27.46
CA HIS C 337 21.53 -0.46 -27.17
C HIS C 337 20.98 -0.01 -25.82
N LEU C 338 19.78 -0.46 -25.49
CA LEU C 338 19.17 -0.11 -24.20
C LEU C 338 19.97 -0.69 -23.06
N GLU C 339 20.32 -1.97 -23.16
CA GLU C 339 21.10 -2.66 -22.14
C GLU C 339 22.38 -1.87 -21.86
N ASP C 340 22.97 -1.34 -22.93
CA ASP C 340 24.22 -0.60 -22.82
C ASP C 340 24.01 0.79 -22.26
N LEU C 341 22.91 1.45 -22.63
CA LEU C 341 22.59 2.76 -22.05
C LEU C 341 22.42 2.65 -20.54
N LYS C 342 21.74 1.59 -20.10
CA LYS C 342 21.53 1.35 -18.67
C LYS C 342 22.83 0.94 -17.98
N LYS C 343 23.63 0.12 -18.66
CA LYS C 343 24.87 -0.38 -18.08
C LYS C 343 25.85 0.75 -17.74
N TYR C 344 25.61 1.94 -18.29
CA TYR C 344 26.45 3.10 -18.00
C TYR C 344 25.61 4.32 -17.63
N ASN D 3 10.95 -38.96 -24.99
CA ASN D 3 9.51 -39.13 -24.63
C ASN D 3 8.63 -39.28 -25.87
N THR D 4 7.40 -38.76 -25.81
CA THR D 4 6.41 -39.03 -26.86
C THR D 4 5.99 -37.78 -27.61
N ASN D 5 6.11 -37.84 -28.94
CA ASN D 5 5.57 -36.79 -29.78
C ASN D 5 4.09 -37.02 -30.05
N LEU D 6 3.27 -36.13 -29.51
CA LEU D 6 1.84 -36.23 -29.71
C LEU D 6 1.49 -35.87 -31.14
N GLN D 7 0.37 -36.41 -31.60
CA GLN D 7 -0.18 -36.07 -32.90
C GLN D 7 -0.92 -34.77 -32.81
N THR D 8 -0.80 -33.97 -33.86
CA THR D 8 -1.45 -32.69 -33.93
C THR D 8 -2.38 -32.67 -35.12
N PHE D 9 -3.60 -32.19 -34.91
CA PHE D 9 -4.59 -32.13 -35.98
C PHE D 9 -5.11 -30.71 -36.11
N GLU D 10 -5.61 -30.38 -37.29
CA GLU D 10 -6.27 -29.09 -37.48
CA GLU D 10 -6.28 -29.09 -37.52
C GLU D 10 -7.74 -29.38 -37.78
N LEU D 11 -8.64 -28.79 -37.04
CA LEU D 11 -10.05 -29.07 -37.25
C LEU D 11 -10.61 -28.16 -38.32
N PRO D 12 -11.51 -28.69 -39.17
CA PRO D 12 -12.20 -27.82 -40.12
C PRO D 12 -13.16 -26.89 -39.32
N THR D 13 -13.49 -25.70 -39.81
CA THR D 13 -14.40 -24.84 -39.04
C THR D 13 -15.77 -25.50 -38.94
N GLU D 14 -16.19 -26.12 -40.04
CA GLU D 14 -17.44 -26.90 -40.04
CA GLU D 14 -17.45 -26.89 -40.09
C GLU D 14 -17.16 -28.38 -40.38
N VAL D 15 -17.81 -29.23 -39.64
CA VAL D 15 -17.79 -30.67 -39.89
C VAL D 15 -19.14 -31.02 -40.51
N THR D 16 -19.10 -31.50 -41.75
CA THR D 16 -20.33 -31.82 -42.49
C THR D 16 -20.58 -33.30 -42.71
N GLY D 17 -19.58 -34.14 -42.50
CA GLY D 17 -19.73 -35.55 -42.82
C GLY D 17 -19.17 -35.97 -44.16
N CYS D 18 -18.47 -35.08 -44.82
CA CYS D 18 -17.80 -35.48 -46.07
CA CYS D 18 -17.73 -35.45 -46.05
C CYS D 18 -16.81 -36.62 -45.78
N ALA D 19 -16.37 -37.30 -46.85
CA ALA D 19 -15.45 -38.42 -46.68
C ALA D 19 -14.16 -38.03 -45.94
N ALA D 20 -13.69 -36.81 -46.13
CA ALA D 20 -12.51 -36.34 -45.42
C ALA D 20 -12.74 -36.27 -43.93
N ASP D 21 -13.96 -35.91 -43.53
CA ASP D 21 -14.32 -35.82 -42.12
C ASP D 21 -14.30 -37.21 -41.52
N ILE D 22 -14.76 -38.22 -42.23
CA ILE D 22 -14.71 -39.56 -41.68
CA ILE D 22 -14.71 -39.60 -41.77
C ILE D 22 -13.27 -40.02 -41.49
N SER D 23 -12.40 -39.76 -42.46
CA SER D 23 -10.99 -40.12 -42.30
CA SER D 23 -11.02 -40.17 -42.25
C SER D 23 -10.36 -39.38 -41.12
N LEU D 24 -10.64 -38.10 -40.97
CA LEU D 24 -10.10 -37.36 -39.83
C LEU D 24 -10.63 -37.95 -38.53
N GLY D 25 -11.93 -38.16 -38.44
CA GLY D 25 -12.50 -38.77 -37.25
C GLY D 25 -11.86 -40.11 -36.92
N ARG D 26 -11.64 -40.97 -37.91
CA ARG D 26 -10.90 -42.21 -37.69
C ARG D 26 -9.54 -41.92 -37.08
N ALA D 27 -8.82 -40.92 -37.61
CA ALA D 27 -7.48 -40.57 -37.11
C ALA D 27 -7.55 -40.08 -35.67
N LEU D 28 -8.57 -39.29 -35.31
CA LEU D 28 -8.69 -38.79 -33.93
C LEU D 28 -8.91 -39.94 -32.98
N ILE D 29 -9.84 -40.82 -33.34
CA ILE D 29 -10.11 -41.97 -32.49
C ILE D 29 -8.88 -42.80 -32.35
N GLN D 30 -8.18 -43.05 -33.44
CA GLN D 30 -7.06 -43.93 -33.31
CA GLN D 30 -6.98 -43.86 -33.46
C GLN D 30 -5.90 -43.26 -32.54
N ALA D 31 -5.76 -41.94 -32.59
CA ALA D 31 -4.77 -41.27 -31.75
C ALA D 31 -5.13 -41.44 -30.28
N TRP D 32 -6.40 -41.33 -29.93
CA TRP D 32 -6.80 -41.60 -28.55
C TRP D 32 -6.51 -43.05 -28.17
N GLN D 33 -6.79 -43.98 -29.08
CA GLN D 33 -6.58 -45.40 -28.80
C GLN D 33 -5.12 -45.77 -28.67
N LYS D 34 -4.23 -45.01 -29.32
CA LYS D 34 -2.79 -45.25 -29.22
C LYS D 34 -2.16 -44.48 -28.06
N ASP D 35 -2.44 -43.17 -28.02
CA ASP D 35 -1.72 -42.24 -27.15
C ASP D 35 -2.54 -41.73 -25.96
N GLY D 36 -3.86 -41.82 -26.04
CA GLY D 36 -4.73 -41.30 -24.97
C GLY D 36 -5.02 -39.81 -25.07
N ILE D 37 -4.45 -39.16 -26.07
CA ILE D 37 -4.50 -37.69 -26.18
C ILE D 37 -4.06 -37.31 -27.57
N PHE D 38 -4.49 -36.14 -28.02
CA PHE D 38 -3.87 -35.51 -29.19
C PHE D 38 -3.96 -34.01 -29.00
N GLN D 39 -3.27 -33.29 -29.87
CA GLN D 39 -3.28 -31.84 -29.88
C GLN D 39 -4.09 -31.34 -31.06
N ILE D 40 -4.79 -30.21 -30.87
CA ILE D 40 -5.42 -29.48 -31.96
C ILE D 40 -4.77 -28.13 -32.07
N LYS D 41 -4.44 -27.76 -33.30
CA LYS D 41 -3.79 -26.49 -33.58
CA LYS D 41 -3.81 -26.49 -33.59
C LYS D 41 -4.79 -25.35 -33.39
N THR D 42 -4.40 -24.32 -32.67
CA THR D 42 -5.29 -23.19 -32.44
C THR D 42 -5.02 -22.13 -33.51
N ASP D 43 -6.08 -21.46 -33.94
CA ASP D 43 -5.95 -20.33 -34.84
C ASP D 43 -5.74 -19.06 -34.03
N SER D 44 -5.65 -17.93 -34.72
CA SER D 44 -5.32 -16.69 -34.06
C SER D 44 -6.32 -16.32 -32.95
N GLU D 45 -7.60 -16.40 -33.25
CA GLU D 45 -8.61 -16.07 -32.25
C GLU D 45 -8.64 -17.06 -31.09
N GLN D 46 -8.48 -18.34 -31.37
CA GLN D 46 -8.49 -19.34 -30.32
C GLN D 46 -7.34 -19.06 -29.37
N ASP D 47 -6.17 -18.82 -29.93
CA ASP D 47 -5.01 -18.50 -29.13
C ASP D 47 -5.16 -17.22 -28.33
N ARG D 48 -5.68 -16.18 -28.96
CA ARG D 48 -5.85 -14.91 -28.29
C ARG D 48 -6.76 -15.08 -27.08
N LYS D 49 -7.86 -15.79 -27.25
CA LYS D 49 -8.79 -15.97 -26.14
C LYS D 49 -8.18 -16.80 -25.03
N THR D 50 -7.35 -17.78 -25.38
CA THR D 50 -6.62 -18.57 -24.40
C THR D 50 -5.71 -17.68 -23.57
N GLN D 51 -4.91 -16.88 -24.25
CA GLN D 51 -3.93 -16.04 -23.54
C GLN D 51 -4.65 -15.07 -22.62
N GLU D 52 -5.78 -14.55 -23.06
CA GLU D 52 -6.53 -13.60 -22.24
C GLU D 52 -7.05 -14.27 -20.95
N ALA D 53 -7.53 -15.49 -21.06
CA ALA D 53 -8.01 -16.23 -19.90
C ALA D 53 -6.87 -16.52 -18.95
N MET D 54 -5.71 -16.90 -19.49
CA MET D 54 -4.55 -17.20 -18.67
C MET D 54 -4.10 -15.94 -17.92
N ALA D 55 -4.12 -14.80 -18.59
CA ALA D 55 -3.73 -13.56 -17.96
C ALA D 55 -4.74 -13.21 -16.86
N ALA D 56 -6.04 -13.39 -17.12
CA ALA D 56 -7.05 -13.09 -16.11
C ALA D 56 -6.91 -13.97 -14.87
N SER D 57 -6.52 -15.21 -15.10
CA SER D 57 -6.28 -16.11 -14.01
C SER D 57 -5.11 -15.62 -13.15
N LYS D 58 -3.99 -15.27 -13.78
CA LYS D 58 -2.83 -14.79 -13.04
C LYS D 58 -3.21 -13.55 -12.23
N GLN D 59 -4.00 -12.65 -12.81
CA GLN D 59 -4.36 -11.43 -12.10
C GLN D 59 -5.24 -11.73 -10.89
N PHE D 60 -6.21 -12.63 -11.06
CA PHE D 60 -7.10 -12.98 -9.97
C PHE D 60 -6.35 -13.66 -8.81
N CYS D 61 -5.42 -14.54 -9.14
CA CYS D 61 -4.70 -15.27 -8.12
C CYS D 61 -3.83 -14.34 -7.27
N LYS D 62 -3.50 -13.15 -7.79
CA LYS D 62 -2.74 -12.18 -7.00
C LYS D 62 -3.58 -11.48 -5.94
N GLU D 63 -4.91 -11.61 -5.98
CA GLU D 63 -5.77 -11.03 -4.95
C GLU D 63 -5.55 -11.69 -3.60
N PRO D 64 -5.86 -10.94 -2.53
CA PRO D 64 -5.74 -11.54 -1.21
C PRO D 64 -6.71 -12.72 -1.05
N LEU D 65 -6.29 -13.67 -0.22
CA LEU D 65 -7.08 -14.86 0.00
C LEU D 65 -8.47 -14.56 0.52
N THR D 66 -8.62 -13.54 1.38
CA THR D 66 -9.94 -13.20 1.90
CA THR D 66 -9.94 -13.21 1.89
C THR D 66 -10.91 -12.89 0.75
N PHE D 67 -10.43 -12.15 -0.24
CA PHE D 67 -11.29 -11.86 -1.37
C PHE D 67 -11.56 -13.13 -2.20
N LYS D 68 -10.53 -13.89 -2.49
CA LYS D 68 -10.70 -15.07 -3.35
C LYS D 68 -11.72 -16.01 -2.70
N SER D 69 -11.58 -16.19 -1.39
CA SER D 69 -12.46 -17.10 -0.65
C SER D 69 -13.91 -16.63 -0.58
N SER D 70 -14.16 -15.35 -0.84
CA SER D 70 -15.53 -14.84 -0.87
C SER D 70 -16.27 -15.20 -2.19
N CYS D 71 -15.52 -15.64 -3.20
CA CYS D 71 -16.12 -16.01 -4.48
C CYS D 71 -16.61 -17.45 -4.42
N VAL D 72 -17.68 -17.66 -3.65
CA VAL D 72 -18.23 -18.98 -3.44
C VAL D 72 -19.75 -18.91 -3.41
N SER D 73 -20.38 -20.08 -3.58
CA SER D 73 -21.83 -20.15 -3.60
C SER D 73 -22.26 -21.43 -2.94
N ASP D 74 -23.40 -21.39 -2.27
CA ASP D 74 -23.96 -22.60 -1.71
C ASP D 74 -24.95 -23.26 -2.66
N LEU D 75 -25.08 -22.72 -3.87
CA LEU D 75 -26.00 -23.26 -4.88
C LEU D 75 -25.29 -24.02 -5.99
N THR D 76 -24.14 -23.48 -6.37
CA THR D 76 -23.35 -24.02 -7.43
C THR D 76 -21.94 -24.28 -6.96
N TYR D 77 -21.25 -25.22 -7.59
CA TYR D 77 -19.84 -25.43 -7.34
C TYR D 77 -18.93 -24.38 -8.01
N SER D 78 -19.48 -23.49 -8.83
CA SER D 78 -18.69 -22.41 -9.42
C SER D 78 -18.03 -21.58 -8.31
N GLY D 79 -16.82 -21.11 -8.59
CA GLY D 79 -16.12 -20.23 -7.68
C GLY D 79 -14.78 -20.81 -7.27
N TYR D 80 -14.29 -20.28 -6.17
CA TYR D 80 -12.91 -20.49 -5.77
C TYR D 80 -12.67 -21.74 -4.96
N VAL D 81 -11.54 -22.38 -5.25
CA VAL D 81 -11.03 -23.54 -4.50
C VAL D 81 -9.64 -23.19 -4.04
N ALA D 82 -9.41 -23.18 -2.73
CA ALA D 82 -8.07 -22.87 -2.22
C ALA D 82 -7.08 -24.01 -2.46
N SER D 83 -5.80 -23.69 -2.56
CA SER D 83 -4.75 -24.69 -2.60
C SER D 83 -4.88 -25.59 -1.37
N GLY D 84 -4.92 -26.91 -1.59
CA GLY D 84 -5.05 -27.88 -0.53
C GLY D 84 -6.49 -28.20 -0.15
N GLU D 85 -7.46 -27.56 -0.78
CA GLU D 85 -8.87 -27.78 -0.44
C GLU D 85 -9.45 -29.04 -1.10
N GLU D 86 -9.27 -29.17 -2.40
CA GLU D 86 -9.81 -30.32 -3.10
C GLU D 86 -9.10 -31.61 -2.71
N VAL D 87 -9.83 -32.71 -2.65
CA VAL D 87 -9.21 -34.01 -2.45
C VAL D 87 -9.38 -34.90 -3.69
N THR D 88 -8.34 -35.69 -3.96
CA THR D 88 -8.33 -36.73 -5.00
C THR D 88 -7.82 -37.98 -4.31
N ALA D 89 -8.63 -39.01 -4.31
CA ALA D 89 -8.29 -40.22 -3.60
C ALA D 89 -7.91 -39.89 -2.15
N GLY D 90 -8.71 -39.04 -1.50
CA GLY D 90 -8.47 -38.64 -0.13
C GLY D 90 -7.34 -37.69 0.17
N LYS D 91 -6.44 -37.42 -0.79
CA LYS D 91 -5.27 -36.59 -0.55
C LYS D 91 -5.50 -35.22 -1.11
N PRO D 92 -5.05 -34.19 -0.40
CA PRO D 92 -5.24 -32.82 -0.88
C PRO D 92 -4.47 -32.53 -2.17
N ASP D 93 -5.16 -31.91 -3.11
CA ASP D 93 -4.56 -31.40 -4.33
C ASP D 93 -4.12 -29.96 -4.10
N PHE D 94 -3.02 -29.56 -4.74
CA PHE D 94 -2.45 -28.26 -4.50
C PHE D 94 -2.74 -27.06 -5.39
N PRO D 95 -3.47 -27.22 -6.51
CA PRO D 95 -3.74 -25.95 -7.21
C PRO D 95 -4.78 -25.10 -6.46
N GLU D 96 -4.71 -23.79 -6.64
CA GLU D 96 -5.90 -22.97 -6.42
C GLU D 96 -6.66 -22.94 -7.75
N ILE D 97 -7.98 -22.89 -7.63
CA ILE D 97 -8.85 -23.06 -8.80
C ILE D 97 -10.00 -22.08 -8.77
N PHE D 98 -10.40 -21.62 -9.95
CA PHE D 98 -11.70 -21.02 -10.09
C PHE D 98 -12.49 -21.90 -11.06
N THR D 99 -13.61 -22.40 -10.60
CA THR D 99 -14.45 -23.26 -11.43
C THR D 99 -15.61 -22.45 -12.02
N VAL D 100 -15.82 -22.59 -13.32
CA VAL D 100 -16.93 -21.93 -14.00
C VAL D 100 -17.90 -22.98 -14.52
N CYS D 101 -19.08 -23.06 -13.91
CA CYS D 101 -20.18 -23.89 -14.41
C CYS D 101 -21.19 -22.98 -15.09
N LYS D 102 -22.25 -23.56 -15.63
CA LYS D 102 -23.32 -22.80 -16.27
C LYS D 102 -23.77 -21.69 -15.36
N ASP D 103 -23.87 -20.50 -15.91
CA ASP D 103 -24.14 -19.30 -15.12
C ASP D 103 -25.63 -18.98 -15.15
N LEU D 104 -26.35 -19.49 -14.15
CA LEU D 104 -27.81 -19.36 -14.11
C LEU D 104 -28.31 -18.41 -13.02
N SER D 105 -29.22 -17.53 -13.40
CA SER D 105 -29.77 -16.57 -12.46
C SER D 105 -30.70 -17.25 -11.46
N VAL D 106 -30.95 -16.58 -10.35
CA VAL D 106 -31.84 -17.11 -9.33
C VAL D 106 -33.26 -17.25 -9.89
N GLY D 107 -33.55 -16.49 -10.94
CA GLY D 107 -34.83 -16.55 -11.61
C GLY D 107 -35.03 -17.70 -12.59
N ASP D 108 -33.97 -18.45 -12.88
CA ASP D 108 -34.07 -19.60 -13.78
C ASP D 108 -34.94 -20.68 -13.12
N GLN D 109 -35.80 -21.32 -13.90
CA GLN D 109 -36.72 -22.28 -13.31
C GLN D 109 -35.95 -23.35 -12.55
N ARG D 110 -34.80 -23.75 -13.07
CA ARG D 110 -34.00 -24.78 -12.40
C ARG D 110 -33.47 -24.26 -11.08
N VAL D 111 -33.14 -22.98 -11.03
CA VAL D 111 -32.68 -22.42 -9.76
C VAL D 111 -33.86 -22.18 -8.82
N LYS D 112 -34.96 -21.60 -9.32
CA LYS D 112 -36.17 -21.41 -8.50
C LYS D 112 -36.62 -22.73 -7.88
N ALA D 113 -36.50 -23.80 -8.66
CA ALA D 113 -36.94 -25.13 -8.23
C ALA D 113 -35.88 -25.86 -7.40
N GLY D 114 -34.75 -25.19 -7.20
CA GLY D 114 -33.69 -25.77 -6.38
C GLY D 114 -32.97 -26.99 -6.92
N TRP D 115 -32.79 -27.06 -8.24
CA TRP D 115 -32.02 -28.15 -8.81
C TRP D 115 -30.61 -28.14 -8.22
N PRO D 116 -30.09 -29.31 -7.83
CA PRO D 116 -28.71 -29.30 -7.34
C PRO D 116 -27.66 -28.82 -8.36
N CYS D 117 -26.67 -28.10 -7.87
CA CYS D 117 -25.55 -27.54 -8.63
C CYS D 117 -25.89 -26.33 -9.53
N HIS D 118 -27.15 -25.90 -9.51
CA HIS D 118 -27.62 -24.84 -10.41
C HIS D 118 -27.68 -23.49 -9.70
N GLY D 119 -26.99 -22.50 -10.24
CA GLY D 119 -26.99 -21.19 -9.65
C GLY D 119 -26.01 -20.27 -10.34
N PRO D 120 -25.96 -19.01 -9.88
CA PRO D 120 -25.08 -18.06 -10.53
C PRO D 120 -23.61 -18.21 -10.15
N VAL D 121 -22.71 -17.99 -11.10
CA VAL D 121 -21.27 -17.96 -10.82
C VAL D 121 -20.93 -16.77 -9.92
N PRO D 122 -20.14 -16.97 -8.86
CA PRO D 122 -19.70 -15.86 -8.01
C PRO D 122 -18.44 -15.20 -8.60
N TRP D 123 -18.63 -14.45 -9.69
CA TRP D 123 -17.51 -13.92 -10.45
C TRP D 123 -16.71 -12.94 -9.61
N PRO D 124 -15.37 -12.91 -9.78
CA PRO D 124 -14.55 -11.89 -9.09
C PRO D 124 -14.92 -10.46 -9.52
N ASN D 125 -15.19 -10.32 -10.82
CA ASN D 125 -15.55 -9.03 -11.45
C ASN D 125 -15.99 -9.29 -12.89
N ASN D 126 -16.57 -8.29 -13.54
CA ASN D 126 -17.11 -8.46 -14.88
C ASN D 126 -16.03 -8.63 -15.95
N THR D 127 -14.83 -8.11 -15.70
CA THR D 127 -13.76 -8.21 -16.66
C THR D 127 -13.25 -9.67 -16.75
N TYR D 128 -13.01 -10.27 -15.60
CA TYR D 128 -12.71 -11.69 -15.51
C TYR D 128 -13.83 -12.52 -16.13
N GLN D 129 -15.07 -12.20 -15.78
CA GLN D 129 -16.21 -12.89 -16.38
C GLN D 129 -16.18 -12.90 -17.89
N LYS D 130 -16.00 -11.73 -18.51
CA LYS D 130 -16.06 -11.64 -19.94
C LYS D 130 -14.92 -12.49 -20.54
N SER D 131 -13.72 -12.44 -19.97
CA SER D 131 -12.59 -13.20 -20.50
C SER D 131 -12.91 -14.70 -20.49
N MET D 132 -13.50 -15.17 -19.39
CA MET D 132 -13.76 -16.59 -19.28
C MET D 132 -14.93 -17.04 -20.14
N LYS D 133 -15.99 -16.23 -20.18
CA LYS D 133 -17.15 -16.57 -21.00
C LYS D 133 -16.75 -16.63 -22.49
N THR D 134 -15.99 -15.65 -22.95
CA THR D 134 -15.52 -15.64 -24.32
C THR D 134 -14.69 -16.86 -24.63
N PHE D 135 -13.76 -17.22 -23.76
CA PHE D 135 -12.92 -18.41 -23.92
C PHE D 135 -13.78 -19.68 -23.98
N MET D 136 -14.71 -19.81 -23.03
CA MET D 136 -15.55 -20.99 -23.01
C MET D 136 -16.47 -21.11 -24.21
N GLU D 137 -16.92 -19.99 -24.77
CA GLU D 137 -17.75 -20.09 -25.97
C GLU D 137 -16.91 -20.63 -27.11
N GLU D 138 -15.67 -20.19 -27.24
CA GLU D 138 -14.79 -20.68 -28.28
C GLU D 138 -14.44 -22.15 -28.07
N LEU D 139 -14.16 -22.51 -26.83
CA LEU D 139 -13.88 -23.90 -26.52
C LEU D 139 -15.07 -24.80 -26.88
N GLY D 140 -16.28 -24.30 -26.64
CA GLY D 140 -17.49 -25.04 -26.99
C GLY D 140 -17.61 -25.30 -28.48
N LEU D 141 -17.25 -24.32 -29.31
CA LEU D 141 -17.27 -24.53 -30.77
C LEU D 141 -16.34 -25.66 -31.14
N ALA D 142 -15.20 -25.73 -30.49
CA ALA D 142 -14.24 -26.83 -30.76
C ALA D 142 -14.79 -28.17 -30.28
N GLY D 143 -15.37 -28.15 -29.08
CA GLY D 143 -15.99 -29.35 -28.54
C GLY D 143 -17.02 -29.93 -29.46
N GLU D 144 -17.88 -29.08 -30.03
CA GLU D 144 -18.93 -29.59 -30.91
C GLU D 144 -18.32 -30.19 -32.18
N ARG D 145 -17.28 -29.55 -32.73
CA ARG D 145 -16.61 -30.12 -33.93
C ARG D 145 -16.02 -31.48 -33.61
N LEU D 146 -15.36 -31.56 -32.44
CA LEU D 146 -14.74 -32.79 -32.03
C LEU D 146 -15.76 -33.91 -31.86
N LEU D 147 -16.92 -33.58 -31.30
CA LEU D 147 -17.96 -34.59 -31.11
C LEU D 147 -18.55 -35.07 -32.42
N LYS D 148 -18.69 -34.19 -33.40
CA LYS D 148 -19.18 -34.59 -34.71
C LYS D 148 -18.15 -35.52 -35.35
N LEU D 149 -16.85 -35.17 -35.24
CA LEU D 149 -15.79 -36.01 -35.80
C LEU D 149 -15.70 -37.35 -35.11
N THR D 150 -15.90 -37.38 -33.80
CA THR D 150 -15.86 -38.64 -33.06
C THR D 150 -16.98 -39.58 -33.51
N ALA D 151 -18.18 -39.04 -33.67
CA ALA D 151 -19.28 -39.83 -34.17
C ALA D 151 -18.93 -40.41 -35.55
N LEU D 152 -18.44 -39.56 -36.44
CA LEU D 152 -18.14 -39.99 -37.79
C LEU D 152 -17.07 -41.05 -37.80
N GLY D 153 -16.08 -40.92 -36.94
CA GLY D 153 -14.99 -41.87 -36.87
C GLY D 153 -15.45 -43.25 -36.45
N PHE D 154 -16.53 -43.30 -35.70
CA PHE D 154 -17.15 -44.59 -35.33
C PHE D 154 -18.27 -44.99 -36.28
N GLU D 155 -18.41 -44.23 -37.37
CA GLU D 155 -19.47 -44.52 -38.37
C GLU D 155 -20.87 -44.45 -37.79
N LEU D 156 -21.05 -43.47 -36.90
CA LEU D 156 -22.32 -43.20 -36.28
C LEU D 156 -22.91 -41.94 -36.87
N PRO D 157 -24.23 -41.77 -36.76
CA PRO D 157 -24.83 -40.52 -37.21
C PRO D 157 -24.11 -39.32 -36.62
N ILE D 158 -23.88 -38.34 -37.47
CA ILE D 158 -23.04 -37.19 -37.14
C ILE D 158 -23.46 -36.48 -35.86
N ASN D 159 -24.76 -36.50 -35.57
N ASN D 159 -24.74 -36.45 -35.54
CA ASN D 159 -25.36 -35.80 -34.43
CA ASN D 159 -25.15 -35.74 -34.35
C ASN D 159 -25.36 -36.63 -33.12
C ASN D 159 -25.44 -36.65 -33.16
N THR D 160 -24.79 -37.82 -33.15
CA THR D 160 -24.96 -38.76 -32.05
C THR D 160 -24.60 -38.14 -30.71
N PHE D 161 -23.43 -37.50 -30.63
CA PHE D 161 -23.00 -36.94 -29.37
C PHE D 161 -23.52 -35.52 -29.16
N THR D 162 -23.58 -34.71 -30.21
CA THR D 162 -24.11 -33.37 -30.06
C THR D 162 -25.58 -33.35 -29.67
N ASP D 163 -26.31 -34.41 -29.99
CA ASP D 163 -27.69 -34.51 -29.50
C ASP D 163 -27.79 -34.58 -27.98
N LEU D 164 -26.68 -34.88 -27.32
CA LEU D 164 -26.65 -34.95 -25.86
C LEU D 164 -26.17 -33.65 -25.22
N THR D 165 -25.55 -32.78 -25.99
CA THR D 165 -24.91 -31.58 -25.47
C THR D 165 -25.68 -30.28 -25.73
N ARG D 166 -26.94 -30.36 -26.14
CA ARG D 166 -27.75 -29.13 -26.23
C ARG D 166 -27.90 -28.58 -24.80
N ASP D 167 -27.63 -27.29 -24.62
CA ASP D 167 -27.58 -26.69 -23.29
C ASP D 167 -26.71 -27.53 -22.36
N GLY D 168 -25.59 -28.01 -22.91
CA GLY D 168 -24.74 -28.93 -22.18
C GLY D 168 -24.14 -28.30 -20.92
N TRP D 169 -23.80 -29.14 -19.95
CA TRP D 169 -23.27 -28.71 -18.67
C TRP D 169 -21.77 -28.43 -18.75
N HIS D 170 -21.36 -27.64 -19.72
CA HIS D 170 -19.96 -27.35 -19.95
C HIS D 170 -19.42 -26.60 -18.75
N HIS D 171 -18.18 -26.86 -18.39
CA HIS D 171 -17.57 -26.14 -17.28
C HIS D 171 -16.07 -26.11 -17.43
N MET D 172 -15.42 -25.28 -16.62
CA MET D 172 -13.99 -25.11 -16.78
C MET D 172 -13.33 -24.92 -15.41
N ARG D 173 -12.15 -25.51 -15.26
CA ARG D 173 -11.28 -25.29 -14.12
C ARG D 173 -10.10 -24.45 -14.52
N VAL D 174 -9.98 -23.29 -13.86
CA VAL D 174 -8.95 -22.30 -14.14
C VAL D 174 -7.94 -22.47 -13.02
N LEU D 175 -6.77 -23.03 -13.32
CA LEU D 175 -5.85 -23.54 -12.32
C LEU D 175 -4.54 -22.79 -12.19
N ARG D 176 -4.07 -22.65 -10.95
CA ARG D 176 -2.70 -22.24 -10.69
CA ARG D 176 -2.68 -22.26 -10.72
C ARG D 176 -2.07 -23.22 -9.73
N PHE D 177 -1.01 -23.88 -10.14
CA PHE D 177 -0.24 -24.77 -9.29
C PHE D 177 0.90 -24.01 -8.66
N PRO D 178 1.09 -24.12 -7.34
CA PRO D 178 2.21 -23.44 -6.73
C PRO D 178 3.50 -24.14 -7.09
N PRO D 179 4.61 -23.45 -6.87
CA PRO D 179 5.92 -24.09 -7.02
C PRO D 179 6.12 -25.11 -5.95
N GLN D 180 7.01 -26.06 -6.19
CA GLN D 180 7.50 -26.91 -5.09
C GLN D 180 8.08 -26.07 -3.97
N THR D 181 7.85 -26.49 -2.74
CA THR D 181 8.42 -25.83 -1.55
C THR D 181 9.26 -26.81 -0.73
N SER D 182 9.13 -28.10 -1.08
CA SER D 182 9.98 -29.14 -0.52
C SER D 182 10.20 -30.13 -1.65
N THR D 183 10.72 -31.31 -1.32
CA THR D 183 10.91 -32.33 -2.36
C THR D 183 9.60 -32.90 -2.88
N LEU D 184 8.50 -32.72 -2.14
CA LEU D 184 7.18 -33.18 -2.54
C LEU D 184 6.61 -32.46 -3.75
N SER D 185 6.03 -33.22 -4.67
CA SER D 185 5.68 -32.67 -5.95
C SER D 185 4.31 -33.10 -6.47
N ARG D 186 3.42 -33.67 -5.64
CA ARG D 186 2.09 -34.02 -6.11
C ARG D 186 1.28 -32.74 -6.28
N GLY D 187 0.80 -32.49 -7.49
CA GLY D 187 -0.09 -31.38 -7.76
C GLY D 187 -1.53 -31.81 -7.71
N ILE D 188 -1.91 -32.69 -8.63
CA ILE D 188 -3.16 -33.44 -8.56
C ILE D 188 -2.81 -34.91 -8.74
N GLY D 189 -3.41 -35.79 -7.95
CA GLY D 189 -3.22 -37.21 -8.16
C GLY D 189 -3.87 -37.73 -9.42
N ALA D 190 -3.57 -38.98 -9.73
CA ALA D 190 -4.16 -39.60 -10.91
C ALA D 190 -5.70 -39.58 -10.83
N HIS D 191 -6.32 -39.26 -11.97
CA HIS D 191 -7.78 -39.25 -12.06
C HIS D 191 -8.22 -39.26 -13.50
N THR D 192 -9.51 -39.51 -13.68
CA THR D 192 -10.12 -39.34 -14.98
C THR D 192 -11.22 -38.30 -14.83
N ASP D 193 -11.48 -37.52 -15.88
CA ASP D 193 -12.59 -36.58 -15.78
CA ASP D 193 -12.54 -36.53 -15.91
C ASP D 193 -13.87 -37.17 -16.34
N TYR D 194 -14.97 -36.43 -16.24
CA TYR D 194 -16.30 -37.02 -16.03
C TYR D 194 -17.23 -37.01 -17.21
N GLY D 195 -16.94 -36.18 -18.19
CA GLY D 195 -17.86 -35.97 -19.30
C GLY D 195 -17.46 -36.56 -20.61
N LEU D 196 -17.73 -35.86 -21.69
CA LEU D 196 -17.42 -36.36 -22.99
C LEU D 196 -15.97 -36.11 -23.36
N LEU D 197 -15.57 -34.84 -23.36
CA LEU D 197 -14.25 -34.43 -23.77
C LEU D 197 -13.67 -33.49 -22.77
N VAL D 198 -12.36 -33.49 -22.73
CA VAL D 198 -11.58 -32.49 -22.02
C VAL D 198 -10.67 -31.78 -23.00
N ILE D 199 -10.78 -30.46 -23.04
CA ILE D 199 -9.92 -29.63 -23.86
C ILE D 199 -9.07 -28.80 -22.90
N ALA D 200 -7.75 -28.87 -23.04
CA ALA D 200 -6.87 -28.22 -22.06
C ALA D 200 -5.83 -27.34 -22.70
N ALA D 201 -5.48 -26.29 -21.96
CA ALA D 201 -4.44 -25.34 -22.35
C ALA D 201 -3.49 -25.22 -21.15
N GLN D 202 -2.23 -24.93 -21.41
CA GLN D 202 -1.26 -24.70 -20.36
C GLN D 202 -0.20 -23.71 -20.79
N ASP D 203 0.51 -23.16 -19.81
CA ASP D 203 1.63 -22.27 -20.08
C ASP D 203 2.92 -23.08 -20.37
N ASP D 204 4.09 -22.45 -20.37
CA ASP D 204 5.32 -23.14 -20.79
C ASP D 204 6.05 -23.90 -19.71
N VAL D 205 5.47 -23.96 -18.50
CA VAL D 205 6.17 -24.53 -17.34
C VAL D 205 6.29 -26.04 -17.36
N GLY D 206 5.16 -26.71 -17.57
CA GLY D 206 5.12 -28.16 -17.66
C GLY D 206 4.75 -28.81 -16.33
N GLY D 207 3.98 -29.87 -16.45
CA GLY D 207 3.59 -30.63 -15.28
C GLY D 207 2.47 -31.64 -15.51
N LEU D 208 1.83 -31.64 -16.67
CA LEU D 208 0.73 -32.58 -16.92
C LEU D 208 1.25 -33.89 -17.51
N TYR D 209 0.82 -35.00 -16.92
CA TYR D 209 1.13 -36.34 -17.40
C TYR D 209 -0.16 -37.09 -17.64
N ILE D 210 -0.18 -37.88 -18.72
CA ILE D 210 -1.34 -38.68 -19.10
C ILE D 210 -0.93 -40.13 -19.30
N ARG D 211 -1.88 -41.03 -19.09
CA ARG D 211 -1.63 -42.45 -19.27
C ARG D 211 -2.31 -42.92 -20.57
N PRO D 212 -1.54 -43.42 -21.56
CA PRO D 212 -2.17 -44.00 -22.74
C PRO D 212 -2.85 -45.32 -22.42
N PRO D 213 -3.71 -45.79 -23.34
CA PRO D 213 -4.19 -47.15 -23.21
C PRO D 213 -3.00 -48.11 -23.14
N VAL D 214 -3.16 -49.11 -22.28
CA VAL D 214 -2.13 -50.14 -22.12
C VAL D 214 -2.74 -51.48 -22.44
N GLU D 215 -2.11 -52.20 -23.36
CA GLU D 215 -2.61 -53.48 -23.78
C GLU D 215 -2.69 -54.42 -22.59
N GLY D 216 -3.87 -54.97 -22.35
CA GLY D 216 -4.07 -55.91 -21.27
C GLY D 216 -4.40 -55.27 -19.95
N GLU D 217 -4.37 -53.94 -19.89
CA GLU D 217 -4.68 -53.24 -18.65
C GLU D 217 -6.15 -52.84 -18.62
N LYS D 218 -6.89 -53.44 -17.69
CA LYS D 218 -8.31 -53.14 -17.50
C LYS D 218 -8.39 -51.79 -16.81
N ARG D 219 -9.47 -51.05 -17.07
CA ARG D 219 -9.67 -49.75 -16.45
C ARG D 219 -10.96 -49.73 -15.62
N ASN D 220 -10.92 -49.05 -14.48
CA ASN D 220 -12.10 -48.85 -13.66
C ASN D 220 -13.14 -47.99 -14.40
N ARG D 221 -14.39 -48.22 -14.06
CA ARG D 221 -15.49 -47.43 -14.55
C ARG D 221 -15.85 -46.40 -13.50
N ASN D 222 -15.32 -45.20 -13.64
CA ASN D 222 -15.31 -44.21 -12.57
C ASN D 222 -16.71 -43.71 -12.25
N TRP D 223 -17.67 -44.04 -13.11
CA TRP D 223 -19.05 -43.69 -12.87
C TRP D 223 -19.75 -44.65 -11.90
N LEU D 224 -19.08 -45.75 -11.52
CA LEU D 224 -19.63 -46.71 -10.56
C LEU D 224 -19.00 -46.41 -9.20
N PRO D 225 -19.81 -46.37 -8.14
CA PRO D 225 -19.31 -46.01 -6.82
C PRO D 225 -18.17 -46.91 -6.35
N GLY D 226 -18.22 -48.20 -6.67
CA GLY D 226 -17.16 -49.10 -6.28
C GLY D 226 -15.90 -49.11 -7.15
N GLU D 227 -15.85 -48.29 -8.20
CA GLU D 227 -14.74 -48.34 -9.16
C GLU D 227 -14.17 -46.97 -9.44
N SER D 228 -13.89 -46.17 -8.42
CA SER D 228 -13.28 -44.88 -8.65
C SER D 228 -11.96 -45.06 -9.38
N SER D 229 -11.72 -44.17 -10.33
CA SER D 229 -10.42 -44.14 -10.99
C SER D 229 -9.38 -43.29 -10.28
N ALA D 230 -9.76 -42.59 -9.21
CA ALA D 230 -8.82 -41.73 -8.52
C ALA D 230 -7.67 -42.53 -7.94
N GLY D 231 -6.43 -42.06 -8.16
CA GLY D 231 -5.23 -42.69 -7.62
C GLY D 231 -4.73 -43.91 -8.40
N MET D 232 -5.53 -44.40 -9.33
CA MET D 232 -5.14 -45.64 -10.01
C MET D 232 -3.94 -45.44 -10.98
N PHE D 233 -2.98 -46.35 -10.87
CA PHE D 233 -1.76 -46.38 -11.72
C PHE D 233 -0.77 -45.28 -11.44
N GLU D 234 -1.01 -44.49 -10.39
CA GLU D 234 -0.28 -43.26 -10.22
C GLU D 234 1.24 -43.43 -10.24
N HIS D 235 1.75 -44.53 -9.66
CA HIS D 235 3.18 -44.73 -9.55
C HIS D 235 3.78 -45.75 -10.49
N ASP D 236 3.02 -46.16 -11.50
CA ASP D 236 3.50 -47.12 -12.46
C ASP D 236 3.50 -46.51 -13.85
N GLU D 237 4.54 -46.83 -14.61
CA GLU D 237 4.56 -46.44 -16.02
C GLU D 237 3.45 -47.18 -16.79
N PRO D 238 3.05 -46.65 -17.93
CA PRO D 238 3.54 -45.43 -18.60
C PRO D 238 2.76 -44.19 -18.24
N TRP D 239 3.53 -43.11 -18.08
CA TRP D 239 2.98 -41.78 -17.96
C TRP D 239 3.67 -40.86 -18.95
N THR D 240 2.87 -40.33 -19.87
CA THR D 240 3.38 -39.46 -20.91
C THR D 240 3.37 -38.02 -20.47
N PHE D 241 4.53 -37.37 -20.54
CA PHE D 241 4.61 -35.94 -20.26
C PHE D 241 4.00 -35.16 -21.41
N VAL D 242 3.06 -34.26 -21.10
CA VAL D 242 2.39 -33.44 -22.10
C VAL D 242 3.24 -32.18 -22.26
N THR D 243 4.20 -32.24 -23.18
CA THR D 243 5.17 -31.18 -23.34
C THR D 243 4.47 -29.89 -23.70
N PRO D 244 4.76 -28.79 -22.97
CA PRO D 244 4.18 -27.50 -23.39
C PRO D 244 4.62 -27.15 -24.79
N THR D 245 3.63 -26.75 -25.59
CA THR D 245 3.80 -26.52 -27.01
C THR D 245 2.94 -25.29 -27.36
N PRO D 246 3.55 -24.22 -27.89
CA PRO D 246 2.72 -23.07 -28.28
C PRO D 246 1.69 -23.43 -29.35
N GLY D 247 0.54 -22.79 -29.26
CA GLY D 247 -0.41 -22.82 -30.35
C GLY D 247 -1.20 -24.12 -30.47
N VAL D 248 -1.37 -24.85 -29.37
CA VAL D 248 -2.23 -26.04 -29.34
C VAL D 248 -3.08 -26.07 -28.08
N TRP D 249 -4.17 -26.80 -28.18
CA TRP D 249 -4.89 -27.32 -27.06
C TRP D 249 -4.73 -28.84 -27.09
N THR D 250 -4.86 -29.49 -25.94
CA THR D 250 -4.91 -30.94 -25.94
C THR D 250 -6.34 -31.39 -25.75
N VAL D 251 -6.63 -32.61 -26.21
CA VAL D 251 -7.95 -33.17 -26.10
C VAL D 251 -7.87 -34.64 -25.68
N PHE D 252 -8.67 -35.03 -24.69
CA PHE D 252 -8.78 -36.43 -24.33
C PHE D 252 -10.20 -36.76 -23.87
N PRO D 253 -10.56 -38.05 -23.91
CA PRO D 253 -11.90 -38.46 -23.53
C PRO D 253 -12.10 -38.48 -22.03
N GLY D 254 -13.33 -38.25 -21.64
CA GLY D 254 -13.80 -38.41 -20.27
C GLY D 254 -14.63 -39.67 -20.08
N ASP D 255 -15.20 -39.80 -18.89
CA ASP D 255 -15.86 -41.02 -18.50
C ASP D 255 -17.06 -41.35 -19.37
N ILE D 256 -17.83 -40.35 -19.79
CA ILE D 256 -19.00 -40.63 -20.65
C ILE D 256 -18.61 -41.29 -21.96
N LEU D 257 -17.51 -40.86 -22.56
CA LEU D 257 -17.10 -41.47 -23.81
C LEU D 257 -16.64 -42.88 -23.55
N GLN D 258 -15.98 -43.14 -22.43
CA GLN D 258 -15.62 -44.52 -22.14
C GLN D 258 -16.86 -45.41 -22.03
N PHE D 259 -17.85 -44.94 -21.28
CA PHE D 259 -19.09 -45.71 -21.10
C PHE D 259 -19.82 -45.89 -22.43
N MET D 260 -20.02 -44.80 -23.18
CA MET D 260 -20.83 -44.91 -24.39
C MET D 260 -20.20 -45.81 -25.45
N THR D 261 -18.88 -45.80 -25.51
CA THR D 261 -18.18 -46.61 -26.48
C THR D 261 -17.80 -47.99 -25.96
N GLY D 262 -18.27 -48.35 -24.78
CA GLY D 262 -17.97 -49.66 -24.22
C GLY D 262 -16.49 -49.90 -24.03
N GLY D 263 -15.74 -48.85 -23.79
CA GLY D 263 -14.32 -49.01 -23.59
C GLY D 263 -13.47 -48.97 -24.84
N GLN D 264 -14.10 -48.80 -26.01
CA GLN D 264 -13.27 -48.59 -27.21
C GLN D 264 -12.44 -47.31 -27.11
N LEU D 265 -13.00 -46.30 -26.42
CA LEU D 265 -12.23 -45.19 -25.89
C LEU D 265 -12.19 -45.34 -24.40
N LEU D 266 -11.08 -44.89 -23.83
CA LEU D 266 -10.91 -44.92 -22.39
C LEU D 266 -10.80 -43.50 -21.89
N SER D 267 -11.40 -43.26 -20.73
CA SER D 267 -11.24 -41.97 -20.08
C SER D 267 -9.76 -41.83 -19.65
N THR D 268 -9.05 -40.84 -20.17
CA THR D 268 -7.61 -40.84 -20.03
C THR D 268 -7.21 -40.46 -18.61
N PRO D 269 -6.50 -41.35 -17.92
CA PRO D 269 -5.99 -40.98 -16.59
C PRO D 269 -4.93 -39.92 -16.75
N HIS D 270 -4.90 -38.99 -15.80
CA HIS D 270 -3.92 -37.91 -15.85
C HIS D 270 -3.65 -37.40 -14.47
N LYS D 271 -2.53 -36.70 -14.32
CA LYS D 271 -2.08 -36.18 -13.01
C LYS D 271 -1.19 -34.98 -13.29
N VAL D 272 -0.94 -34.18 -12.24
CA VAL D 272 -0.07 -33.03 -12.38
C VAL D 272 1.00 -33.09 -11.31
N LYS D 273 2.22 -32.82 -11.75
CA LYS D 273 3.37 -32.68 -10.86
C LYS D 273 3.71 -31.21 -10.68
N LEU D 274 3.97 -30.78 -9.45
CA LEU D 274 4.44 -29.42 -9.19
C LEU D 274 5.82 -29.28 -9.79
N ASN D 275 6.08 -28.09 -10.35
CA ASN D 275 7.38 -27.77 -10.90
C ASN D 275 8.10 -26.76 -10.01
N THR D 276 9.25 -26.30 -10.44
CA THR D 276 10.04 -25.34 -9.67
C THR D 276 9.39 -23.96 -9.67
N ARG D 277 8.57 -23.69 -10.67
CA ARG D 277 7.82 -22.45 -10.80
C ARG D 277 6.34 -22.76 -10.76
N GLU D 278 5.55 -21.75 -10.42
CA GLU D 278 4.11 -21.85 -10.48
C GLU D 278 3.70 -22.12 -11.93
N ARG D 279 2.56 -22.76 -12.12
CA ARG D 279 2.09 -23.19 -13.43
C ARG D 279 0.64 -22.88 -13.57
N PHE D 280 0.30 -22.22 -14.67
CA PHE D 280 -1.07 -21.92 -15.02
C PHE D 280 -1.59 -22.85 -16.11
N ALA D 281 -2.82 -23.30 -15.94
CA ALA D 281 -3.49 -24.15 -16.91
C ALA D 281 -4.99 -23.94 -16.82
N CYS D 282 -5.69 -24.30 -17.90
CA CYS D 282 -7.15 -24.29 -17.92
C CYS D 282 -7.59 -25.62 -18.48
N ALA D 283 -8.54 -26.25 -17.81
CA ALA D 283 -9.12 -27.51 -18.26
C ALA D 283 -10.62 -27.27 -18.47
N TYR D 284 -11.07 -27.54 -19.70
CA TYR D 284 -12.44 -27.33 -20.13
C TYR D 284 -13.12 -28.68 -20.39
N PHE D 285 -14.32 -28.81 -19.87
CA PHE D 285 -15.09 -30.04 -19.90
C PHE D 285 -16.31 -29.81 -20.77
N HIS D 286 -16.38 -30.54 -21.89
CA HIS D 286 -17.49 -30.45 -22.81
C HIS D 286 -18.41 -31.61 -22.51
N GLU D 287 -19.57 -31.28 -21.91
CA GLU D 287 -20.40 -32.23 -21.19
C GLU D 287 -21.79 -32.38 -21.79
N PRO D 288 -22.43 -33.54 -21.55
CA PRO D 288 -23.86 -33.65 -21.80
C PRO D 288 -24.66 -32.61 -21.03
N ASN D 289 -25.88 -32.38 -21.46
CA ASN D 289 -26.87 -31.66 -20.66
C ASN D 289 -26.99 -32.36 -19.32
N PHE D 290 -27.19 -31.56 -18.25
CA PHE D 290 -27.37 -32.10 -16.91
C PHE D 290 -28.43 -33.20 -16.84
N GLU D 291 -29.50 -33.07 -17.64
CA GLU D 291 -30.62 -34.00 -17.59
C GLU D 291 -30.50 -35.13 -18.62
N ALA D 292 -29.41 -35.15 -19.38
CA ALA D 292 -29.25 -36.21 -20.37
C ALA D 292 -28.75 -37.53 -19.76
N SER D 293 -29.17 -38.62 -20.37
CA SER D 293 -28.75 -39.97 -19.97
CA SER D 293 -28.70 -39.94 -19.96
C SER D 293 -27.89 -40.57 -21.08
N ALA D 294 -26.64 -40.86 -20.79
CA ALA D 294 -25.75 -41.54 -21.72
C ALA D 294 -26.12 -43.01 -21.78
N TYR D 295 -25.92 -43.62 -22.95
CA TYR D 295 -26.31 -45.00 -23.20
C TYR D 295 -25.22 -45.70 -23.99
N PRO D 296 -25.14 -47.05 -23.91
CA PRO D 296 -24.17 -47.76 -24.74
C PRO D 296 -24.53 -47.68 -26.22
N LEU D 297 -23.56 -47.26 -27.02
CA LEU D 297 -23.74 -47.09 -28.46
C LEU D 297 -23.72 -48.39 -29.21
N PHE D 298 -22.96 -49.36 -28.72
CA PHE D 298 -22.69 -50.57 -29.48
C PHE D 298 -23.42 -51.76 -28.85
N GLU D 299 -24.31 -51.45 -27.90
CA GLU D 299 -25.24 -52.43 -27.34
C GLU D 299 -26.61 -51.78 -27.05
N PRO D 300 -27.42 -51.51 -28.09
CA PRO D 300 -28.71 -50.83 -27.88
C PRO D 300 -29.62 -51.50 -26.86
N SER D 301 -29.40 -52.80 -26.61
CA SER D 301 -30.21 -53.53 -25.67
C SER D 301 -29.72 -53.46 -24.23
N ALA D 302 -28.48 -53.01 -24.03
CA ALA D 302 -27.94 -52.85 -22.68
C ALA D 302 -28.84 -51.94 -21.89
N ASN D 303 -29.08 -52.31 -20.65
CA ASN D 303 -29.96 -51.55 -19.75
C ASN D 303 -29.23 -50.41 -19.05
N GLU D 304 -27.91 -50.52 -18.94
CA GLU D 304 -27.12 -49.53 -18.23
C GLU D 304 -27.22 -48.15 -18.86
N ARG D 305 -27.31 -47.13 -18.00
CA ARG D 305 -27.29 -45.73 -18.38
C ARG D 305 -26.41 -44.97 -17.39
N ILE D 306 -25.94 -43.81 -17.82
CA ILE D 306 -25.38 -42.82 -16.89
C ILE D 306 -26.22 -41.55 -17.03
N HIS D 307 -26.92 -41.19 -15.95
CA HIS D 307 -27.54 -39.87 -15.87
C HIS D 307 -26.39 -38.91 -15.60
N TYR D 308 -26.10 -38.03 -16.57
CA TYR D 308 -24.90 -37.20 -16.47
C TYR D 308 -24.90 -36.31 -15.23
N GLY D 309 -26.02 -35.61 -14.94
CA GLY D 309 -26.06 -34.70 -13.81
C GLY D 309 -25.82 -35.45 -12.52
N GLU D 310 -26.34 -36.68 -12.44
CA GLU D 310 -26.11 -37.51 -11.25
C GLU D 310 -24.60 -37.75 -11.08
N HIS D 311 -23.89 -38.07 -12.16
CA HIS D 311 -22.46 -38.34 -12.09
C HIS D 311 -21.70 -37.07 -11.70
N PHE D 312 -21.98 -35.94 -12.38
CA PHE D 312 -21.36 -34.66 -12.03
C PHE D 312 -21.53 -34.40 -10.55
N THR D 313 -22.77 -34.54 -10.04
CA THR D 313 -23.06 -34.15 -8.68
C THR D 313 -22.29 -35.08 -7.74
N ASN D 314 -22.31 -36.39 -7.98
CA ASN D 314 -21.57 -37.31 -7.12
C ASN D 314 -20.08 -37.00 -7.10
N MET D 315 -19.50 -36.69 -8.26
CA MET D 315 -18.08 -36.41 -8.31
C MET D 315 -17.71 -35.15 -7.55
N PHE D 316 -18.44 -34.06 -7.80
CA PHE D 316 -18.11 -32.81 -7.09
C PHE D 316 -18.33 -32.92 -5.58
N MET D 317 -19.29 -33.72 -5.14
CA MET D 317 -19.46 -33.94 -3.73
C MET D 317 -18.26 -34.70 -3.17
N ARG D 318 -17.68 -35.62 -3.95
CA ARG D 318 -16.50 -36.34 -3.46
C ARG D 318 -15.24 -35.46 -3.49
N CYS D 319 -15.21 -34.51 -4.42
CA CYS D 319 -14.10 -33.55 -4.49
C CYS D 319 -14.10 -32.62 -3.29
N TYR D 320 -15.31 -32.25 -2.84
CA TYR D 320 -15.50 -31.11 -1.94
C TYR D 320 -16.51 -31.46 -0.83
N PRO D 321 -16.14 -32.42 0.02
CA PRO D 321 -17.13 -32.92 0.97
C PRO D 321 -17.56 -31.90 2.00
N ASP D 322 -16.74 -30.87 2.24
CA ASP D 322 -17.01 -29.90 3.31
C ASP D 322 -17.44 -28.53 2.80
N ARG D 323 -17.58 -28.36 1.49
CA ARG D 323 -17.93 -27.06 0.90
C ARG D 323 -19.39 -26.75 1.21
N ILE D 324 -19.72 -25.47 1.29
CA ILE D 324 -21.09 -25.06 1.58
C ILE D 324 -22.07 -25.63 0.56
N THR D 325 -21.62 -25.82 -0.68
CA THR D 325 -22.49 -26.34 -1.74
C THR D 325 -22.91 -27.77 -1.38
N THR D 326 -21.93 -28.56 -0.95
CA THR D 326 -22.18 -29.94 -0.59
C THR D 326 -23.08 -30.01 0.63
N GLN D 327 -22.84 -29.10 1.57
CA GLN D 327 -23.65 -29.08 2.78
C GLN D 327 -25.10 -28.78 2.48
N ARG D 328 -25.39 -27.84 1.58
CA ARG D 328 -26.78 -27.51 1.30
C ARG D 328 -27.46 -28.63 0.49
N ILE D 329 -26.72 -29.29 -0.40
CA ILE D 329 -27.27 -30.47 -1.09
C ILE D 329 -27.74 -31.50 -0.07
N ASN D 330 -26.88 -31.81 0.89
CA ASN D 330 -27.19 -32.83 1.89
C ASN D 330 -28.33 -32.39 2.82
N LYS D 331 -28.31 -31.15 3.24
CA LYS D 331 -29.29 -30.65 4.20
C LYS D 331 -30.69 -30.57 3.57
N GLU D 332 -30.77 -30.14 2.31
CA GLU D 332 -32.06 -30.01 1.63
C GLU D 332 -32.43 -31.24 0.81
N ASN D 333 -31.66 -32.31 0.95
CA ASN D 333 -31.87 -33.53 0.17
C ASN D 333 -32.05 -33.25 -1.34
N ARG D 334 -31.14 -32.47 -1.92
CA ARG D 334 -31.28 -32.00 -3.29
C ARG D 334 -31.07 -33.12 -4.31
N LEU D 335 -30.61 -34.28 -3.85
CA LEU D 335 -30.43 -35.41 -4.73
C LEU D 335 -31.76 -36.07 -5.07
N ALA D 336 -32.80 -35.76 -4.31
CA ALA D 336 -34.10 -36.42 -4.49
C ALA D 336 -34.67 -36.18 -5.89
N HIS D 337 -35.02 -37.28 -6.54
CA HIS D 337 -35.63 -37.28 -7.88
C HIS D 337 -34.88 -36.43 -8.90
N LEU D 338 -33.58 -36.28 -8.67
CA LEU D 338 -32.65 -35.70 -9.62
C LEU D 338 -32.99 -36.08 -11.06
N GLU D 339 -33.13 -37.39 -11.26
CA GLU D 339 -33.32 -37.96 -12.61
C GLU D 339 -34.57 -37.47 -13.33
N ASP D 340 -35.54 -36.96 -12.57
CA ASP D 340 -36.85 -36.56 -13.13
C ASP D 340 -36.88 -35.10 -13.57
N LEU D 341 -35.84 -34.35 -13.22
CA LEU D 341 -35.81 -32.92 -13.51
C LEU D 341 -35.79 -32.69 -15.01
N LYS D 342 -36.67 -31.81 -15.50
CA LYS D 342 -36.74 -31.47 -16.92
C LYS D 342 -36.97 -29.98 -17.15
N LYS D 343 -36.16 -29.36 -18.00
CA LYS D 343 -36.31 -27.93 -18.26
C LYS D 343 -37.52 -27.70 -19.18
#